data_2F21
# 
_entry.id   2F21 
# 
_audit_conform.dict_name       mmcif_pdbx.dic 
_audit_conform.dict_version    5.376 
_audit_conform.dict_location   http://mmcif.pdb.org/dictionaries/ascii/mmcif_pdbx.dic 
# 
loop_
_database_2.database_id 
_database_2.database_code 
_database_2.pdbx_database_accession 
_database_2.pdbx_DOI 
PDB   2F21         pdb_00002f21 10.2210/pdb2f21/pdb 
RCSB  RCSB035354   ?            ?                   
WWPDB D_1000035354 ?            ?                   
# 
_pdbx_database_related.db_name        PDB 
_pdbx_database_related.db_id          1zcn 
_pdbx_database_related.details        . 
_pdbx_database_related.content_type   unspecified 
# 
_pdbx_database_status.status_code                     REL 
_pdbx_database_status.entry_id                        2F21 
_pdbx_database_status.recvd_initial_deposition_date   2005-11-15 
_pdbx_database_status.deposit_site                    RCSB 
_pdbx_database_status.process_site                    RCSB 
_pdbx_database_status.status_code_sf                  REL 
_pdbx_database_status.status_code_mr                  ? 
_pdbx_database_status.SG_entry                        ? 
_pdbx_database_status.pdb_format_compatible           Y 
_pdbx_database_status.status_code_cs                  ? 
_pdbx_database_status.status_code_nmr_data            ? 
_pdbx_database_status.methods_development_category    ? 
# 
loop_
_audit_author.name 
_audit_author.pdbx_ordinal 
'Jager, M.'    1 
'Zhang, Y.'    2 
'Bowman, M.E.' 3 
'Noel, J.P.'   4 
'Kelly, J.W.'  5 
# 
_citation.id                        primary 
_citation.title                     'Structure-function-folding relationship in a WW domain.' 
_citation.journal_abbrev            Proc.Natl.Acad.Sci.Usa 
_citation.journal_volume            103 
_citation.page_first                10648 
_citation.page_last                 10653 
_citation.year                      2006 
_citation.journal_id_ASTM           PNASA6 
_citation.country                   US 
_citation.journal_id_ISSN           0027-8424 
_citation.journal_id_CSD            0040 
_citation.book_publisher            ? 
_citation.pdbx_database_id_PubMed   16807295 
_citation.pdbx_database_id_DOI      10.1073/pnas.0600511103 
# 
loop_
_citation_author.citation_id 
_citation_author.name 
_citation_author.ordinal 
_citation_author.identifier_ORCID 
primary 'Jager, M.'    1 ? 
primary 'Zhang, Y.'    2 ? 
primary 'Bieschke, J.' 3 ? 
primary 'Nguyen, H.'   4 ? 
primary 'Dendle, M.'   5 ? 
primary 'Bowman, M.E.' 6 ? 
primary 'Noel, J.P.'   7 ? 
primary 'Gruebele, M.' 8 ? 
primary 'Kelly, J.W.'  9 ? 
# 
_cell.entry_id           2F21 
_cell.length_a           49.012 
_cell.length_b           49.012 
_cell.length_c           135.278 
_cell.angle_alpha        90.00 
_cell.angle_beta         90.00 
_cell.angle_gamma        90.00 
_cell.Z_PDB              8 
_cell.pdbx_unique_axis   ? 
# 
_symmetry.entry_id                         2F21 
_symmetry.space_group_name_H-M             'P 43 21 2' 
_symmetry.pdbx_full_space_group_name_H-M   ? 
_symmetry.cell_setting                     ? 
_symmetry.Int_Tables_number                96 
_symmetry.space_group_name_Hall            ? 
# 
loop_
_entity.id 
_entity.type 
_entity.src_method 
_entity.pdbx_description 
_entity.formula_weight 
_entity.pdbx_number_of_molecules 
_entity.pdbx_ec 
_entity.pdbx_mutation 
_entity.pdbx_fragment 
_entity.details 
1 polymer     man 'Peptidyl-prolyl cis-trans isomerase NIMA-interacting 1' 18126.127 1   5.2.1.8 'R17A, S18D, S19 deletion' 
'WW domain' ? 
2 non-polymer syn 'PENTAETHYLENE GLYCOL'                                   238.278   2   ?       ?                          ? ? 
3 water       nat water                                                    18.015    169 ?       ?                          ? ? 
# 
_entity_name_com.entity_id   1 
_entity_name_com.name        'Rotamase Pin1, PPIase Pin1' 
# 
_entity_poly.entity_id                      1 
_entity_poly.type                           'polypeptide(L)' 
_entity_poly.nstd_linkage                   no 
_entity_poly.nstd_monomer                   no 
_entity_poly.pdbx_seq_one_letter_code       
;MADEEKLPPGWEKRMSADGRVYYFNHITNASQWERPSGNSSSGGKNGQGEPARVRCSHLLVKHSQSRRPSSWRQEKITRT
KEEALELINGYIQKIKSGEEDFESLASQFSDCSSAKARGDLGAFSRGQMQKPFEDASFALRTGEMSGPVFTDSGIHIILR
TE
;
_entity_poly.pdbx_seq_one_letter_code_can   
;MADEEKLPPGWEKRMSADGRVYYFNHITNASQWERPSGNSSSGGKNGQGEPARVRCSHLLVKHSQSRRPSSWRQEKITRT
KEEALELINGYIQKIKSGEEDFESLASQFSDCSSAKARGDLGAFSRGQMQKPFEDASFALRTGEMSGPVFTDSGIHIILR
TE
;
_entity_poly.pdbx_strand_id                 A 
_entity_poly.pdbx_target_identifier         ? 
# 
loop_
_entity_poly_seq.entity_id 
_entity_poly_seq.num 
_entity_poly_seq.mon_id 
_entity_poly_seq.hetero 
1 1   MET n 
1 2   ALA n 
1 3   ASP n 
1 4   GLU n 
1 5   GLU n 
1 6   LYS n 
1 7   LEU n 
1 8   PRO n 
1 9   PRO n 
1 10  GLY n 
1 11  TRP n 
1 12  GLU n 
1 13  LYS n 
1 14  ARG n 
1 15  MET n 
1 16  SER n 
1 17  ALA n 
1 18  ASP n 
1 19  GLY n 
1 20  ARG n 
1 21  VAL n 
1 22  TYR n 
1 23  TYR n 
1 24  PHE n 
1 25  ASN n 
1 26  HIS n 
1 27  ILE n 
1 28  THR n 
1 29  ASN n 
1 30  ALA n 
1 31  SER n 
1 32  GLN n 
1 33  TRP n 
1 34  GLU n 
1 35  ARG n 
1 36  PRO n 
1 37  SER n 
1 38  GLY n 
1 39  ASN n 
1 40  SER n 
1 41  SER n 
1 42  SER n 
1 43  GLY n 
1 44  GLY n 
1 45  LYS n 
1 46  ASN n 
1 47  GLY n 
1 48  GLN n 
1 49  GLY n 
1 50  GLU n 
1 51  PRO n 
1 52  ALA n 
1 53  ARG n 
1 54  VAL n 
1 55  ARG n 
1 56  CYS n 
1 57  SER n 
1 58  HIS n 
1 59  LEU n 
1 60  LEU n 
1 61  VAL n 
1 62  LYS n 
1 63  HIS n 
1 64  SER n 
1 65  GLN n 
1 66  SER n 
1 67  ARG n 
1 68  ARG n 
1 69  PRO n 
1 70  SER n 
1 71  SER n 
1 72  TRP n 
1 73  ARG n 
1 74  GLN n 
1 75  GLU n 
1 76  LYS n 
1 77  ILE n 
1 78  THR n 
1 79  ARG n 
1 80  THR n 
1 81  LYS n 
1 82  GLU n 
1 83  GLU n 
1 84  ALA n 
1 85  LEU n 
1 86  GLU n 
1 87  LEU n 
1 88  ILE n 
1 89  ASN n 
1 90  GLY n 
1 91  TYR n 
1 92  ILE n 
1 93  GLN n 
1 94  LYS n 
1 95  ILE n 
1 96  LYS n 
1 97  SER n 
1 98  GLY n 
1 99  GLU n 
1 100 GLU n 
1 101 ASP n 
1 102 PHE n 
1 103 GLU n 
1 104 SER n 
1 105 LEU n 
1 106 ALA n 
1 107 SER n 
1 108 GLN n 
1 109 PHE n 
1 110 SER n 
1 111 ASP n 
1 112 CYS n 
1 113 SER n 
1 114 SER n 
1 115 ALA n 
1 116 LYS n 
1 117 ALA n 
1 118 ARG n 
1 119 GLY n 
1 120 ASP n 
1 121 LEU n 
1 122 GLY n 
1 123 ALA n 
1 124 PHE n 
1 125 SER n 
1 126 ARG n 
1 127 GLY n 
1 128 GLN n 
1 129 MET n 
1 130 GLN n 
1 131 LYS n 
1 132 PRO n 
1 133 PHE n 
1 134 GLU n 
1 135 ASP n 
1 136 ALA n 
1 137 SER n 
1 138 PHE n 
1 139 ALA n 
1 140 LEU n 
1 141 ARG n 
1 142 THR n 
1 143 GLY n 
1 144 GLU n 
1 145 MET n 
1 146 SER n 
1 147 GLY n 
1 148 PRO n 
1 149 VAL n 
1 150 PHE n 
1 151 THR n 
1 152 ASP n 
1 153 SER n 
1 154 GLY n 
1 155 ILE n 
1 156 HIS n 
1 157 ILE n 
1 158 ILE n 
1 159 LEU n 
1 160 ARG n 
1 161 THR n 
1 162 GLU n 
# 
_entity_src_gen.entity_id                          1 
_entity_src_gen.pdbx_src_id                        1 
_entity_src_gen.pdbx_alt_source_flag               sample 
_entity_src_gen.pdbx_seq_type                      ? 
_entity_src_gen.pdbx_beg_seq_num                   ? 
_entity_src_gen.pdbx_end_seq_num                   ? 
_entity_src_gen.gene_src_common_name               human 
_entity_src_gen.gene_src_genus                     Homo 
_entity_src_gen.pdbx_gene_src_gene                 PIN1 
_entity_src_gen.gene_src_species                   ? 
_entity_src_gen.gene_src_strain                    ? 
_entity_src_gen.gene_src_tissue                    ? 
_entity_src_gen.gene_src_tissue_fraction           ? 
_entity_src_gen.gene_src_details                   ? 
_entity_src_gen.pdbx_gene_src_fragment             ? 
_entity_src_gen.pdbx_gene_src_scientific_name      'Homo sapiens' 
_entity_src_gen.pdbx_gene_src_ncbi_taxonomy_id     9606 
_entity_src_gen.pdbx_gene_src_variant              ? 
_entity_src_gen.pdbx_gene_src_cell_line            ? 
_entity_src_gen.pdbx_gene_src_atcc                 ? 
_entity_src_gen.pdbx_gene_src_organ                ? 
_entity_src_gen.pdbx_gene_src_organelle            ? 
_entity_src_gen.pdbx_gene_src_cell                 ? 
_entity_src_gen.pdbx_gene_src_cellular_location    ? 
_entity_src_gen.host_org_common_name               ? 
_entity_src_gen.pdbx_host_org_scientific_name      'Escherichia coli' 
_entity_src_gen.pdbx_host_org_ncbi_taxonomy_id     562 
_entity_src_gen.host_org_genus                     Escherichia 
_entity_src_gen.pdbx_host_org_gene                 ? 
_entity_src_gen.pdbx_host_org_organ                ? 
_entity_src_gen.host_org_species                   ? 
_entity_src_gen.pdbx_host_org_tissue               ? 
_entity_src_gen.pdbx_host_org_tissue_fraction      ? 
_entity_src_gen.pdbx_host_org_strain               ? 
_entity_src_gen.pdbx_host_org_variant              ? 
_entity_src_gen.pdbx_host_org_cell_line            ? 
_entity_src_gen.pdbx_host_org_atcc                 ? 
_entity_src_gen.pdbx_host_org_culture_collection   ? 
_entity_src_gen.pdbx_host_org_cell                 ? 
_entity_src_gen.pdbx_host_org_organelle            ? 
_entity_src_gen.pdbx_host_org_cellular_location    ? 
_entity_src_gen.pdbx_host_org_vector_type          ? 
_entity_src_gen.pdbx_host_org_vector               ? 
_entity_src_gen.host_org_details                   ? 
_entity_src_gen.expression_system_id               ? 
_entity_src_gen.plasmid_name                       ? 
_entity_src_gen.plasmid_details                    ? 
_entity_src_gen.pdbx_description                   ? 
# 
_struct_ref.id                         1 
_struct_ref.db_name                    UNP 
_struct_ref.db_code                    PIN1_HUMAN 
_struct_ref.pdbx_db_accession          Q13526 
_struct_ref.entity_id                  1 
_struct_ref.pdbx_seq_one_letter_code   
;MADEEKLPPGWEKRMSRSSGRVYYFNHITNASQWERPSGNSSSGGKNGQGEPARVRCSHLLVKHSQSRRPSSWRQEKITR
TKEEALELINGYIQKIKSGEEDFESLASQFSDCSSAKARGDLGAFSRGQMQKPFEDASFALRTGEMSGPVFTDSGIHIIL
RTE
;
_struct_ref.pdbx_align_begin           1 
_struct_ref.pdbx_db_isoform            ? 
# 
_struct_ref_seq.align_id                      1 
_struct_ref_seq.ref_id                        1 
_struct_ref_seq.pdbx_PDB_id_code              2F21 
_struct_ref_seq.pdbx_strand_id                A 
_struct_ref_seq.seq_align_beg                 1 
_struct_ref_seq.pdbx_seq_align_beg_ins_code   ? 
_struct_ref_seq.seq_align_end                 161 
_struct_ref_seq.pdbx_seq_align_end_ins_code   ? 
_struct_ref_seq.pdbx_db_accession             Q13526 
_struct_ref_seq.db_align_beg                  1 
_struct_ref_seq.pdbx_db_align_beg_ins_code    ? 
_struct_ref_seq.db_align_end                  163 
_struct_ref_seq.pdbx_db_align_end_ins_code    ? 
_struct_ref_seq.pdbx_auth_seq_align_beg       1 
_struct_ref_seq.pdbx_auth_seq_align_end       162 
# 
loop_
_struct_ref_seq_dif.align_id 
_struct_ref_seq_dif.pdbx_pdb_id_code 
_struct_ref_seq_dif.mon_id 
_struct_ref_seq_dif.pdbx_pdb_strand_id 
_struct_ref_seq_dif.seq_num 
_struct_ref_seq_dif.pdbx_pdb_ins_code 
_struct_ref_seq_dif.pdbx_seq_db_name 
_struct_ref_seq_dif.pdbx_seq_db_accession_code 
_struct_ref_seq_dif.db_mon_id 
_struct_ref_seq_dif.pdbx_seq_db_seq_num 
_struct_ref_seq_dif.details 
_struct_ref_seq_dif.pdbx_auth_seq_num 
_struct_ref_seq_dif.pdbx_ordinal 
1 2F21 ALA A 17 ? UNP Q13526 ARG 17 'engineered mutation' 17 1 
1 2F21 ASP A 18 ? UNP Q13526 SER 18 'engineered mutation' 18 2 
1 2F21 ?   A ?  ? UNP Q13526 SER 19 deletion              ?  3 
# 
loop_
_chem_comp.id 
_chem_comp.type 
_chem_comp.mon_nstd_flag 
_chem_comp.name 
_chem_comp.pdbx_synonyms 
_chem_comp.formula 
_chem_comp.formula_weight 
1PE non-polymer         . 'PENTAETHYLENE GLYCOL' PEG400 'C10 H22 O6'     238.278 
ALA 'L-peptide linking' y ALANINE                ?      'C3 H7 N O2'     89.093  
ARG 'L-peptide linking' y ARGININE               ?      'C6 H15 N4 O2 1' 175.209 
ASN 'L-peptide linking' y ASPARAGINE             ?      'C4 H8 N2 O3'    132.118 
ASP 'L-peptide linking' y 'ASPARTIC ACID'        ?      'C4 H7 N O4'     133.103 
CYS 'L-peptide linking' y CYSTEINE               ?      'C3 H7 N O2 S'   121.158 
GLN 'L-peptide linking' y GLUTAMINE              ?      'C5 H10 N2 O3'   146.144 
GLU 'L-peptide linking' y 'GLUTAMIC ACID'        ?      'C5 H9 N O4'     147.129 
GLY 'peptide linking'   y GLYCINE                ?      'C2 H5 N O2'     75.067  
HIS 'L-peptide linking' y HISTIDINE              ?      'C6 H10 N3 O2 1' 156.162 
HOH non-polymer         . WATER                  ?      'H2 O'           18.015  
ILE 'L-peptide linking' y ISOLEUCINE             ?      'C6 H13 N O2'    131.173 
LEU 'L-peptide linking' y LEUCINE                ?      'C6 H13 N O2'    131.173 
LYS 'L-peptide linking' y LYSINE                 ?      'C6 H15 N2 O2 1' 147.195 
MET 'L-peptide linking' y METHIONINE             ?      'C5 H11 N O2 S'  149.211 
PHE 'L-peptide linking' y PHENYLALANINE          ?      'C9 H11 N O2'    165.189 
PRO 'L-peptide linking' y PROLINE                ?      'C5 H9 N O2'     115.130 
SER 'L-peptide linking' y SERINE                 ?      'C3 H7 N O3'     105.093 
THR 'L-peptide linking' y THREONINE              ?      'C4 H9 N O3'     119.119 
TRP 'L-peptide linking' y TRYPTOPHAN             ?      'C11 H12 N2 O2'  204.225 
TYR 'L-peptide linking' y TYROSINE               ?      'C9 H11 N O3'    181.189 
VAL 'L-peptide linking' y VALINE                 ?      'C5 H11 N O2'    117.146 
# 
_exptl.entry_id          2F21 
_exptl.method            'X-RAY DIFFRACTION' 
_exptl.crystals_number   1 
# 
_exptl_crystal.id                    1 
_exptl_crystal.density_meas          ? 
_exptl_crystal.density_Matthews      2.24 
_exptl_crystal.density_percent_sol   45.09 
_exptl_crystal.description           ? 
_exptl_crystal.F_000                 ? 
_exptl_crystal.preparation           ? 
# 
_exptl_crystal_grow.crystal_id      1 
_exptl_crystal_grow.method          'VAPOR DIFFUSION, HANGING DROP' 
_exptl_crystal_grow.temp            278 
_exptl_crystal_grow.temp_details    ? 
_exptl_crystal_grow.pH              7.5 
_exptl_crystal_grow.pdbx_details    
;2.0M Ammonium Sulfate, 100mM HEPES 7.5, 0.2M NaCl. 
cross-seeding with wild-type Pin1 crystal, VAPOR DIFFUSION, HANGING DROP, temperature 278K
;
_exptl_crystal_grow.pdbx_pH_range   . 
# 
_diffrn.id                     1 
_diffrn.ambient_temp           100 
_diffrn.ambient_temp_details   ? 
_diffrn.crystal_id             1 
# 
_diffrn_detector.diffrn_id              1 
_diffrn_detector.detector               CCD 
_diffrn_detector.type                   'ADSC QUANTUM 9' 
_diffrn_detector.pdbx_collection_date   2005-09-02 
_diffrn_detector.details                mirrors 
# 
_diffrn_radiation.diffrn_id                        1 
_diffrn_radiation.wavelength_id                    1 
_diffrn_radiation.pdbx_monochromatic_or_laue_m_l   M 
_diffrn_radiation.monochromator                    graphite 
_diffrn_radiation.pdbx_diffrn_protocol             'SINGLE WAVELENGTH' 
_diffrn_radiation.pdbx_scattering_type             x-ray 
# 
_diffrn_radiation_wavelength.id           1 
_diffrn_radiation_wavelength.wavelength   1 
_diffrn_radiation_wavelength.wt           1.0 
# 
_diffrn_source.diffrn_id                   1 
_diffrn_source.source                      SYNCHROTRON 
_diffrn_source.type                        'ALS BEAMLINE 8.2.2' 
_diffrn_source.pdbx_synchrotron_site       ALS 
_diffrn_source.pdbx_synchrotron_beamline   8.2.2 
_diffrn_source.pdbx_wavelength             ? 
_diffrn_source.pdbx_wavelength_list        1 
# 
_reflns.entry_id                     2F21 
_reflns.observed_criterion_sigma_I   -3 
_reflns.observed_criterion_sigma_F   0 
_reflns.d_resolution_low             40 
_reflns.d_resolution_high            1.5 
_reflns.number_obs                   26346 
_reflns.number_all                   27186 
_reflns.percent_possible_obs         99.1 
_reflns.pdbx_Rmerge_I_obs            ? 
_reflns.pdbx_Rsym_value              0.043 
_reflns.pdbx_netI_over_sigmaI        31.5 
_reflns.B_iso_Wilson_estimate        ? 
_reflns.pdbx_redundancy              3.4 
_reflns.R_free_details               ? 
_reflns.limit_h_max                  ? 
_reflns.limit_h_min                  ? 
_reflns.limit_k_max                  ? 
_reflns.limit_k_min                  ? 
_reflns.limit_l_max                  ? 
_reflns.limit_l_min                  ? 
_reflns.observed_criterion_F_max     ? 
_reflns.observed_criterion_F_min     ? 
_reflns.pdbx_chi_squared             ? 
_reflns.pdbx_scaling_rejects         ? 
_reflns.pdbx_diffrn_id               1 
_reflns.pdbx_ordinal                 1 
# 
_reflns_shell.d_res_high             1.5 
_reflns_shell.d_res_low              1.55 
_reflns_shell.percent_possible_all   98.9 
_reflns_shell.Rmerge_I_obs           ? 
_reflns_shell.pdbx_Rsym_value        0.214 
_reflns_shell.meanI_over_sigI_obs    5.1 
_reflns_shell.pdbx_redundancy        3.2 
_reflns_shell.percent_possible_obs   ? 
_reflns_shell.number_unique_all      2632 
_reflns_shell.number_measured_all    ? 
_reflns_shell.number_measured_obs    ? 
_reflns_shell.number_unique_obs      ? 
_reflns_shell.pdbx_chi_squared       ? 
_reflns_shell.pdbx_diffrn_id         ? 
_reflns_shell.pdbx_ordinal           1 
# 
_refine.entry_id                                 2F21 
_refine.ls_number_reflns_obs                     26346 
_refine.ls_number_reflns_all                     27186 
_refine.pdbx_ls_sigma_I                          ? 
_refine.pdbx_ls_sigma_F                          0 
_refine.pdbx_data_cutoff_high_absF               ? 
_refine.pdbx_data_cutoff_low_absF                ? 
_refine.pdbx_data_cutoff_high_rms_absF           ? 
_refine.ls_d_res_low                             40 
_refine.ls_d_res_high                            1.5 
_refine.ls_percent_reflns_obs                    96.1 
_refine.ls_R_factor_obs                          0.227 
_refine.ls_R_factor_all                          0.227 
_refine.ls_R_factor_R_work                       0.226 
_refine.ls_R_factor_R_free                       0.248 
_refine.ls_R_factor_R_free_error                 ? 
_refine.ls_R_factor_R_free_error_details         ? 
_refine.ls_percent_reflns_R_free                 ? 
_refine.ls_number_reflns_R_free                  1284 
_refine.ls_number_parameters                     ? 
_refine.ls_number_restraints                     ? 
_refine.occupancy_min                            ? 
_refine.occupancy_max                            ? 
_refine.correlation_coeff_Fo_to_Fc               ? 
_refine.correlation_coeff_Fo_to_Fc_free          ? 
_refine.B_iso_mean                               16 
_refine.aniso_B[1][1]                            -0.68 
_refine.aniso_B[2][2]                            -0.68 
_refine.aniso_B[3][3]                            1.37 
_refine.aniso_B[1][2]                            0 
_refine.aniso_B[1][3]                            0 
_refine.aniso_B[2][3]                            0 
_refine.solvent_model_details                    ? 
_refine.solvent_model_param_ksol                 ? 
_refine.solvent_model_param_bsol                 ? 
_refine.pdbx_solvent_vdw_probe_radii             ? 
_refine.pdbx_solvent_ion_probe_radii             ? 
_refine.pdbx_solvent_shrinkage_radii             ? 
_refine.pdbx_ls_cross_valid_method               THROUGHOUT 
_refine.details                                  ? 
_refine.pdbx_starting_model                      1PIN 
_refine.pdbx_method_to_determine_struct          'MOLECULAR REPLACEMENT' 
_refine.pdbx_isotropic_thermal_model             restrained 
_refine.pdbx_stereochemistry_target_values       'Engh & Huber' 
_refine.pdbx_stereochem_target_val_spec_case     ? 
_refine.pdbx_R_Free_selection_details            random 
_refine.pdbx_overall_ESU_R                       ? 
_refine.pdbx_overall_ESU_R_Free                  ? 
_refine.overall_SU_ML                            ? 
_refine.overall_SU_B                             ? 
_refine.ls_redundancy_reflns_obs                 ? 
_refine.B_iso_min                                ? 
_refine.B_iso_max                                ? 
_refine.overall_SU_R_Cruickshank_DPI             ? 
_refine.overall_SU_R_free                        ? 
_refine.ls_wR_factor_R_free                      ? 
_refine.ls_wR_factor_R_work                      ? 
_refine.overall_FOM_free_R_set                   ? 
_refine.overall_FOM_work_R_set                   ? 
_refine.pdbx_refine_id                           'X-RAY DIFFRACTION' 
_refine.pdbx_diffrn_id                           1 
_refine.pdbx_TLS_residual_ADP_flag               ? 
_refine.pdbx_overall_phase_error                 ? 
_refine.pdbx_overall_SU_R_free_Cruickshank_DPI   ? 
_refine.pdbx_overall_SU_R_Blow_DPI               ? 
_refine.pdbx_overall_SU_R_free_Blow_DPI          ? 
# 
_refine_analyze.entry_id                        2F21 
_refine_analyze.Luzzati_coordinate_error_obs    0.21 
_refine_analyze.Luzzati_sigma_a_obs             0.10 
_refine_analyze.Luzzati_d_res_low_obs           ? 
_refine_analyze.Luzzati_coordinate_error_free   ? 
_refine_analyze.Luzzati_sigma_a_free            ? 
_refine_analyze.Luzzati_d_res_low_free          ? 
_refine_analyze.number_disordered_residues      ? 
_refine_analyze.occupancy_sum_hydrogen          ? 
_refine_analyze.occupancy_sum_non_hydrogen      ? 
_refine_analyze.pdbx_Luzzati_d_res_high_obs     ? 
_refine_analyze.pdbx_refine_id                  'X-RAY DIFFRACTION' 
# 
_refine_hist.pdbx_refine_id                   'X-RAY DIFFRACTION' 
_refine_hist.cycle_id                         LAST 
_refine_hist.pdbx_number_atoms_protein        1216 
_refine_hist.pdbx_number_atoms_nucleic_acid   0 
_refine_hist.pdbx_number_atoms_ligand         18 
_refine_hist.number_atoms_solvent             169 
_refine_hist.number_atoms_total               1403 
_refine_hist.d_res_high                       1.5 
_refine_hist.d_res_low                        40 
# 
loop_
_refine_ls_restr.type 
_refine_ls_restr.dev_ideal 
_refine_ls_restr.dev_ideal_target 
_refine_ls_restr.weight 
_refine_ls_restr.number 
_refine_ls_restr.pdbx_refine_id 
_refine_ls_restr.pdbx_restraint_function 
c_bond_d           0.005 ? ? ? 'X-RAY DIFFRACTION' ? 
c_angle_deg        1.3   ? ? ? 'X-RAY DIFFRACTION' ? 
c_dihedral_angle_d 22.9  ? ? ? 'X-RAY DIFFRACTION' ? 
c_improper_angle_d 0.77  ? ? ? 'X-RAY DIFFRACTION' ? 
# 
_refine_ls_shell.pdbx_total_number_of_bins_used   ? 
_refine_ls_shell.d_res_high                       1.5 
_refine_ls_shell.d_res_low                        1.59 
_refine_ls_shell.number_reflns_R_work             ? 
_refine_ls_shell.R_factor_R_work                  0.223 
_refine_ls_shell.percent_reflns_obs               92.5 
_refine_ls_shell.R_factor_R_free                  0.296 
_refine_ls_shell.R_factor_R_free_error            0.021 
_refine_ls_shell.percent_reflns_R_free            ? 
_refine_ls_shell.number_reflns_R_free             190 
_refine_ls_shell.number_reflns_all                ? 
_refine_ls_shell.R_factor_all                     ? 
_refine_ls_shell.number_reflns_obs                4119 
_refine_ls_shell.redundancy_reflns_obs            ? 
_refine_ls_shell.pdbx_refine_id                   'X-RAY DIFFRACTION' 
# 
_struct.entry_id                  2F21 
_struct.title                     'human Pin1 Fip mutant' 
_struct.pdbx_model_details        ? 
_struct.pdbx_CASP_flag            ? 
_struct.pdbx_model_type_details   ? 
# 
_struct_keywords.entry_id        2F21 
_struct_keywords.pdbx_keywords   ISOMERASE 
_struct_keywords.text            'WW domain, beta-sheet, ISOMERASE' 
# 
loop_
_struct_asym.id 
_struct_asym.pdbx_blank_PDB_chainid_flag 
_struct_asym.pdbx_modified 
_struct_asym.entity_id 
_struct_asym.details 
A N N 1 ? 
B N N 2 ? 
C N N 2 ? 
D N N 3 ? 
# 
loop_
_struct_conf.conf_type_id 
_struct_conf.id 
_struct_conf.pdbx_PDB_helix_id 
_struct_conf.beg_label_comp_id 
_struct_conf.beg_label_asym_id 
_struct_conf.beg_label_seq_id 
_struct_conf.pdbx_beg_PDB_ins_code 
_struct_conf.end_label_comp_id 
_struct_conf.end_label_asym_id 
_struct_conf.end_label_seq_id 
_struct_conf.pdbx_end_PDB_ins_code 
_struct_conf.beg_auth_comp_id 
_struct_conf.beg_auth_asym_id 
_struct_conf.beg_auth_seq_id 
_struct_conf.end_auth_comp_id 
_struct_conf.end_auth_asym_id 
_struct_conf.end_auth_seq_id 
_struct_conf.pdbx_PDB_helix_class 
_struct_conf.details 
_struct_conf.pdbx_PDB_helix_length 
HELX_P HELX_P1 1 THR A 80  ? GLY A 98  ? THR A 81  GLY A 99  1 ? 19 
HELX_P HELX_P2 2 ASP A 101 ? SER A 110 ? ASP A 102 SER A 111 1 ? 10 
HELX_P HELX_P3 3 CYS A 112 ? ARG A 118 ? CYS A 113 ARG A 119 5 ? 7  
HELX_P HELX_P4 4 GLN A 130 ? LEU A 140 ? GLN A 131 LEU A 141 1 ? 11 
# 
_struct_conf_type.id          HELX_P 
_struct_conf_type.criteria    ? 
_struct_conf_type.reference   ? 
# 
loop_
_struct_sheet.id 
_struct_sheet.type 
_struct_sheet.number_strands 
_struct_sheet.details 
A ? 3 ? 
B ? 4 ? 
# 
loop_
_struct_sheet_order.sheet_id 
_struct_sheet_order.range_id_1 
_struct_sheet_order.range_id_2 
_struct_sheet_order.offset 
_struct_sheet_order.sense 
A 1 2 ? anti-parallel 
A 2 3 ? anti-parallel 
B 1 2 ? anti-parallel 
B 2 3 ? anti-parallel 
B 3 4 ? anti-parallel 
# 
loop_
_struct_sheet_range.sheet_id 
_struct_sheet_range.id 
_struct_sheet_range.beg_label_comp_id 
_struct_sheet_range.beg_label_asym_id 
_struct_sheet_range.beg_label_seq_id 
_struct_sheet_range.pdbx_beg_PDB_ins_code 
_struct_sheet_range.end_label_comp_id 
_struct_sheet_range.end_label_asym_id 
_struct_sheet_range.end_label_seq_id 
_struct_sheet_range.pdbx_end_PDB_ins_code 
_struct_sheet_range.beg_auth_comp_id 
_struct_sheet_range.beg_auth_asym_id 
_struct_sheet_range.beg_auth_seq_id 
_struct_sheet_range.end_auth_comp_id 
_struct_sheet_range.end_auth_asym_id 
_struct_sheet_range.end_auth_seq_id 
A 1 TRP A 11  ? MET A 15  ? TRP A 11  MET A 15  
A 2 VAL A 21  ? ASN A 25  ? VAL A 22  ASN A 26  
A 3 SER A 31  ? GLN A 32  ? SER A 32  GLN A 33  
B 1 ASP A 120 ? PHE A 124 ? ASP A 121 PHE A 125 
B 2 VAL A 54  ? VAL A 61  ? VAL A 55  VAL A 62  
B 3 GLY A 154 ? ARG A 160 ? GLY A 155 ARG A 161 
B 4 VAL A 149 ? THR A 151 ? VAL A 150 THR A 152 
# 
loop_
_pdbx_struct_sheet_hbond.sheet_id 
_pdbx_struct_sheet_hbond.range_id_1 
_pdbx_struct_sheet_hbond.range_id_2 
_pdbx_struct_sheet_hbond.range_1_label_atom_id 
_pdbx_struct_sheet_hbond.range_1_label_comp_id 
_pdbx_struct_sheet_hbond.range_1_label_asym_id 
_pdbx_struct_sheet_hbond.range_1_label_seq_id 
_pdbx_struct_sheet_hbond.range_1_PDB_ins_code 
_pdbx_struct_sheet_hbond.range_1_auth_atom_id 
_pdbx_struct_sheet_hbond.range_1_auth_comp_id 
_pdbx_struct_sheet_hbond.range_1_auth_asym_id 
_pdbx_struct_sheet_hbond.range_1_auth_seq_id 
_pdbx_struct_sheet_hbond.range_2_label_atom_id 
_pdbx_struct_sheet_hbond.range_2_label_comp_id 
_pdbx_struct_sheet_hbond.range_2_label_asym_id 
_pdbx_struct_sheet_hbond.range_2_label_seq_id 
_pdbx_struct_sheet_hbond.range_2_PDB_ins_code 
_pdbx_struct_sheet_hbond.range_2_auth_atom_id 
_pdbx_struct_sheet_hbond.range_2_auth_comp_id 
_pdbx_struct_sheet_hbond.range_2_auth_asym_id 
_pdbx_struct_sheet_hbond.range_2_auth_seq_id 
A 1 2 N ARG A 14  ? N ARG A 14  O TYR A 22  ? O TYR A 23  
A 2 3 N TYR A 23  ? N TYR A 24  O GLN A 32  ? O GLN A 33  
B 1 2 O LEU A 121 ? O LEU A 122 N CYS A 56  ? N CYS A 57  
B 2 3 N SER A 57  ? N SER A 58  O LEU A 159 ? O LEU A 160 
B 3 4 O HIS A 156 ? O HIS A 157 N VAL A 149 ? N VAL A 150 
# 
loop_
_struct_site.id 
_struct_site.pdbx_evidence_code 
_struct_site.pdbx_auth_asym_id 
_struct_site.pdbx_auth_comp_id 
_struct_site.pdbx_auth_seq_id 
_struct_site.pdbx_auth_ins_code 
_struct_site.pdbx_num_residues 
_struct_site.details 
AC1 Software A 1PE 300 ? 6 'BINDING SITE FOR RESIDUE 1PE A 300' 
AC2 Software A 1PE 400 ? 5 'BINDING SITE FOR RESIDUE 1PE A 400' 
# 
loop_
_struct_site_gen.id 
_struct_site_gen.site_id 
_struct_site_gen.pdbx_num_res 
_struct_site_gen.label_comp_id 
_struct_site_gen.label_asym_id 
_struct_site_gen.label_seq_id 
_struct_site_gen.pdbx_auth_ins_code 
_struct_site_gen.auth_comp_id 
_struct_site_gen.auth_asym_id 
_struct_site_gen.auth_seq_id 
_struct_site_gen.label_atom_id 
_struct_site_gen.label_alt_id 
_struct_site_gen.symmetry 
_struct_site_gen.details 
1  AC1 6 TYR A 22  ? TYR A 23  . ? 1_555 ? 
2  AC1 6 TRP A 33  ? TRP A 34  . ? 1_555 ? 
3  AC1 6 GLU A 34  ? GLU A 35  . ? 8_555 ? 
4  AC1 6 LYS A 96  ? LYS A 97  . ? 1_555 ? 
5  AC1 6 HOH D .   ? HOH A 422 . ? 1_555 ? 
6  AC1 6 HOH D .   ? HOH A 454 . ? 1_555 ? 
7  AC2 5 LEU A 121 ? LEU A 122 . ? 1_555 ? 
8  AC2 5 GLN A 130 ? GLN A 131 . ? 1_555 ? 
9  AC2 5 PHE A 133 ? PHE A 134 . ? 1_555 ? 
10 AC2 5 HOH D .   ? HOH A 446 . ? 1_555 ? 
11 AC2 5 HOH D .   ? HOH A 481 . ? 1_555 ? 
# 
_atom_sites.entry_id                    2F21 
_atom_sites.fract_transf_matrix[1][1]   -0.01697225 
_atom_sites.fract_transf_matrix[1][2]   0.00416965 
_atom_sites.fract_transf_matrix[1][3]   0.01052802 
_atom_sites.fract_transf_matrix[2][1]   -0.00348041 
_atom_sites.fract_transf_matrix[2][2]   -0.01997205 
_atom_sites.fract_transf_matrix[2][3]   0.00229920 
_atom_sites.fract_transf_matrix[3][1]   0.00390397 
_atom_sites.fract_transf_matrix[3][2]   0.00004228 
_atom_sites.fract_transf_matrix[3][3]   0.00627686 
_atom_sites.fract_transf_vector[1]      -0.024132 
_atom_sites.fract_transf_vector[2]      0.299789 
_atom_sites.fract_transf_vector[3]      0.311891 
# 
loop_
_atom_type.symbol 
C 
N 
O 
S 
# 
loop_
_atom_site.group_PDB 
_atom_site.id 
_atom_site.type_symbol 
_atom_site.label_atom_id 
_atom_site.label_alt_id 
_atom_site.label_comp_id 
_atom_site.label_asym_id 
_atom_site.label_entity_id 
_atom_site.label_seq_id 
_atom_site.pdbx_PDB_ins_code 
_atom_site.Cartn_x 
_atom_site.Cartn_y 
_atom_site.Cartn_z 
_atom_site.occupancy 
_atom_site.B_iso_or_equiv 
_atom_site.pdbx_formal_charge 
_atom_site.auth_seq_id 
_atom_site.auth_comp_id 
_atom_site.auth_asym_id 
_atom_site.auth_atom_id 
_atom_site.pdbx_PDB_model_num 
ATOM   1    N N   . MET A 1 1   ? 22.824  8.065   -5.321  1.00 57.49 ? 1   MET A N   1 
ATOM   2    C CA  . MET A 1 1   ? 22.870  8.886   -6.564  1.00 56.92 ? 1   MET A CA  1 
ATOM   3    C C   . MET A 1 1   ? 24.282  9.148   -7.071  1.00 56.94 ? 1   MET A C   1 
ATOM   4    O O   . MET A 1 1   ? 24.525  9.135   -8.277  1.00 57.56 ? 1   MET A O   1 
ATOM   5    C CB  . MET A 1 1   ? 22.171  10.229  -6.340  1.00 97.02 ? 1   MET A CB  1 
ATOM   6    C CG  . MET A 1 1   ? 20.660  10.140  -6.218  1.00 67.14 ? 1   MET A CG  1 
ATOM   7    S SD  . MET A 1 1   ? 19.912  11.764  -5.968  1.00 67.14 ? 1   MET A SD  1 
ATOM   8    C CE  . MET A 1 1   ? 20.014  12.457  -7.629  1.00 67.14 ? 1   MET A CE  1 
ATOM   9    N N   . ALA A 1 2   ? 25.206  9.386   -6.147  1.00 57.90 ? 2   ALA A N   1 
ATOM   10   C CA  . ALA A 1 2   ? 26.590  9.674   -6.500  1.00 59.20 ? 2   ALA A CA  1 
ATOM   11   C C   . ALA A 1 2   ? 27.533  8.506   -6.250  1.00 60.17 ? 2   ALA A C   1 
ATOM   12   O O   . ALA A 1 2   ? 27.649  8.014   -5.126  1.00 59.46 ? 2   ALA A O   1 
ATOM   13   C CB  . ALA A 1 2   ? 27.074  10.896  -5.728  1.00 50.93 ? 2   ALA A CB  1 
ATOM   14   N N   . ASP A 1 3   ? 28.199  8.063   -7.311  1.00 54.47 ? 3   ASP A N   1 
ATOM   15   C CA  . ASP A 1 3   ? 29.160  6.977   -7.210  1.00 54.89 ? 3   ASP A CA  1 
ATOM   16   C C   . ASP A 1 3   ? 28.606  5.728   -6.526  1.00 54.01 ? 3   ASP A C   1 
ATOM   17   O O   . ASP A 1 3   ? 29.340  4.779   -6.273  1.00 57.27 ? 3   ASP A O   1 
ATOM   18   C CB  . ASP A 1 3   ? 30.402  7.503   -6.475  1.00 62.47 ? 3   ASP A CB  1 
ATOM   19   C CG  . ASP A 1 3   ? 31.277  6.402   -5.909  1.00 61.67 ? 3   ASP A CG  1 
ATOM   20   O OD1 . ASP A 1 3   ? 30.920  5.828   -4.856  1.00 61.53 ? 3   ASP A OD1 1 
ATOM   21   O OD2 . ASP A 1 3   ? 32.326  6.114   -6.519  1.00 60.31 ? 3   ASP A OD2 1 
ATOM   22   N N   . GLU A 1 4   ? 27.308  5.705   -6.246  1.00 35.34 ? 4   GLU A N   1 
ATOM   23   C CA  . GLU A 1 4   ? 26.736  4.543   -5.578  1.00 30.43 ? 4   GLU A CA  1 
ATOM   24   C C   . GLU A 1 4   ? 25.275  4.283   -5.931  1.00 24.97 ? 4   GLU A C   1 
ATOM   25   O O   . GLU A 1 4   ? 24.500  5.211   -6.178  1.00 21.22 ? 4   GLU A O   1 
ATOM   26   C CB  . GLU A 1 4   ? 26.907  4.699   -4.062  1.00 46.65 ? 4   GLU A CB  1 
ATOM   27   C CG  . GLU A 1 4   ? 26.344  3.566   -3.220  1.00 52.88 ? 4   GLU A CG  1 
ATOM   28   C CD  . GLU A 1 4   ? 27.096  3.396   -1.908  1.00 55.74 ? 4   GLU A CD  1 
ATOM   29   O OE1 . GLU A 1 4   ? 28.229  2.866   -1.935  1.00 57.25 ? 4   GLU A OE1 1 
ATOM   30   O OE2 . GLU A 1 4   ? 26.562  3.799   -0.853  1.00 57.36 ? 4   GLU A OE2 1 
ATOM   31   N N   . GLU A 1 5   ? 24.906  3.008   -5.970  1.00 28.40 ? 5   GLU A N   1 
ATOM   32   C CA  . GLU A 1 5   ? 23.538  2.635   -6.292  1.00 26.42 ? 5   GLU A CA  1 
ATOM   33   C C   . GLU A 1 5   ? 22.962  1.656   -5.280  1.00 21.42 ? 5   GLU A C   1 
ATOM   34   O O   . GLU A 1 5   ? 22.276  0.699   -5.639  1.00 17.45 ? 5   GLU A O   1 
ATOM   35   C CB  . GLU A 1 5   ? 23.456  2.050   -7.705  1.00 44.35 ? 5   GLU A CB  1 
ATOM   36   C CG  . GLU A 1 5   ? 24.373  0.875   -7.979  1.00 54.17 ? 5   GLU A CG  1 
ATOM   37   C CD  . GLU A 1 5   ? 24.247  0.380   -9.408  1.00 59.58 ? 5   GLU A CD  1 
ATOM   38   O OE1 . GLU A 1 5   ? 23.137  -0.047  -9.794  1.00 62.35 ? 5   GLU A OE1 1 
ATOM   39   O OE2 . GLU A 1 5   ? 25.253  0.422   -10.149 1.00 61.76 ? 5   GLU A OE2 1 
ATOM   40   N N   . LYS A 1 6   ? 23.248  1.901   -4.006  1.00 19.32 ? 6   LYS A N   1 
ATOM   41   C CA  . LYS A 1 6   ? 22.728  1.052   -2.948  1.00 20.08 ? 6   LYS A CA  1 
ATOM   42   C C   . LYS A 1 6   ? 21.212  1.108   -3.024  1.00 16.95 ? 6   LYS A C   1 
ATOM   43   O O   . LYS A 1 6   ? 20.636  2.144   -3.359  1.00 15.57 ? 6   LYS A O   1 
ATOM   44   C CB  . LYS A 1 6   ? 23.190  1.548   -1.577  1.00 31.72 ? 6   LYS A CB  1 
ATOM   45   C CG  . LYS A 1 6   ? 24.665  1.330   -1.291  1.00 41.85 ? 6   LYS A CG  1 
ATOM   46   C CD  . LYS A 1 6   ? 25.000  1.683   0.153   1.00 48.60 ? 6   LYS A CD  1 
ATOM   47   C CE  . LYS A 1 6   ? 24.281  0.776   1.144   1.00 51.68 ? 6   LYS A CE  1 
ATOM   48   N NZ  . LYS A 1 6   ? 24.653  1.092   2.554   1.00 54.10 ? 6   LYS A NZ  1 
ATOM   49   N N   . LEU A 1 7   ? 20.560  -0.009  -2.732  1.00 15.24 ? 7   LEU A N   1 
ATOM   50   C CA  . LEU A 1 7   ? 19.108  -0.036  -2.773  1.00 13.89 ? 7   LEU A CA  1 
ATOM   51   C C   . LEU A 1 7   ? 18.578  0.824   -1.625  1.00 13.79 ? 7   LEU A C   1 
ATOM   52   O O   . LEU A 1 7   ? 19.207  0.914   -0.564  1.00 13.96 ? 7   LEU A O   1 
ATOM   53   C CB  . LEU A 1 7   ? 18.616  -1.481  -2.649  1.00 11.15 ? 7   LEU A CB  1 
ATOM   54   C CG  . LEU A 1 7   ? 19.071  -2.423  -3.772  1.00 13.07 ? 7   LEU A CG  1 
ATOM   55   C CD1 . LEU A 1 7   ? 18.605  -3.837  -3.472  1.00 14.15 ? 7   LEU A CD1 1 
ATOM   56   C CD2 . LEU A 1 7   ? 18.510  -1.948  -5.113  1.00 14.54 ? 7   LEU A CD2 1 
ATOM   57   N N   . PRO A 1 8   ? 17.429  1.487   -1.826  1.00 14.29 ? 8   PRO A N   1 
ATOM   58   C CA  . PRO A 1 8   ? 16.853  2.334   -0.776  1.00 13.69 ? 8   PRO A CA  1 
ATOM   59   C C   . PRO A 1 8   ? 16.368  1.503   0.406   1.00 14.02 ? 8   PRO A C   1 
ATOM   60   O O   . PRO A 1 8   ? 16.268  0.281   0.315   1.00 13.60 ? 8   PRO A O   1 
ATOM   61   C CB  . PRO A 1 8   ? 15.702  3.050   -1.492  1.00 15.35 ? 8   PRO A CB  1 
ATOM   62   C CG  . PRO A 1 8   ? 16.091  2.993   -2.945  1.00 15.77 ? 8   PRO A CG  1 
ATOM   63   C CD  . PRO A 1 8   ? 16.656  1.608   -3.072  1.00 16.12 ? 8   PRO A CD  1 
ATOM   64   N N   . PRO A 1 9   ? 16.054  2.157   1.534   1.00 15.14 ? 9   PRO A N   1 
ATOM   65   C CA  . PRO A 1 9   ? 15.583  1.454   2.729   1.00 15.31 ? 9   PRO A CA  1 
ATOM   66   C C   . PRO A 1 9   ? 14.466  0.446   2.491   1.00 14.98 ? 9   PRO A C   1 
ATOM   67   O O   . PRO A 1 9   ? 13.431  0.769   1.900   1.00 14.84 ? 9   PRO A O   1 
ATOM   68   C CB  . PRO A 1 9   ? 15.149  2.594   3.646   1.00 16.69 ? 9   PRO A CB  1 
ATOM   69   C CG  . PRO A 1 9   ? 16.120  3.672   3.300   1.00 16.52 ? 9   PRO A CG  1 
ATOM   70   C CD  . PRO A 1 9   ? 16.154  3.607   1.786   1.00 16.00 ? 9   PRO A CD  1 
ATOM   71   N N   . GLY A 1 10  ? 14.694  -0.779  2.955   1.00 13.21 ? 10  GLY A N   1 
ATOM   72   C CA  . GLY A 1 10  ? 13.699  -1.826  2.823   1.00 11.79 ? 10  GLY A CA  1 
ATOM   73   C C   . GLY A 1 10  ? 13.773  -2.651  1.556   1.00 9.23  ? 10  GLY A C   1 
ATOM   74   O O   . GLY A 1 10  ? 13.192  -3.729  1.498   1.00 10.06 ? 10  GLY A O   1 
ATOM   75   N N   . TRP A 1 11  ? 14.490  -2.162  0.547   1.00 8.55  ? 11  TRP A N   1 
ATOM   76   C CA  . TRP A 1 11  ? 14.589  -2.889  -0.718  1.00 7.95  ? 11  TRP A CA  1 
ATOM   77   C C   . TRP A 1 11  ? 15.639  -3.989  -0.743  1.00 8.91  ? 11  TRP A C   1 
ATOM   78   O O   . TRP A 1 11  ? 16.729  -3.842  -0.197  1.00 11.11 ? 11  TRP A O   1 
ATOM   79   C CB  . TRP A 1 11  ? 14.868  -1.926  -1.874  1.00 8.24  ? 11  TRP A CB  1 
ATOM   80   C CG  . TRP A 1 11  ? 13.711  -1.045  -2.226  1.00 8.19  ? 11  TRP A CG  1 
ATOM   81   C CD1 . TRP A 1 11  ? 13.521  0.253   -1.854  1.00 7.60  ? 11  TRP A CD1 1 
ATOM   82   C CD2 . TRP A 1 11  ? 12.593  -1.399  -3.044  1.00 7.50  ? 11  TRP A CD2 1 
ATOM   83   N NE1 . TRP A 1 11  ? 12.352  0.736   -2.397  1.00 8.57  ? 11  TRP A NE1 1 
ATOM   84   C CE2 . TRP A 1 11  ? 11.762  -0.259  -3.132  1.00 8.32  ? 11  TRP A CE2 1 
ATOM   85   C CE3 . TRP A 1 11  ? 12.210  -2.570  -3.711  1.00 6.25  ? 11  TRP A CE3 1 
ATOM   86   C CZ2 . TRP A 1 11  ? 10.571  -0.256  -3.868  1.00 8.59  ? 11  TRP A CZ2 1 
ATOM   87   C CZ3 . TRP A 1 11  ? 11.022  -2.566  -4.444  1.00 8.21  ? 11  TRP A CZ3 1 
ATOM   88   C CH2 . TRP A 1 11  ? 10.219  -1.415  -4.513  1.00 9.74  ? 11  TRP A CH2 1 
ATOM   89   N N   . GLU A 1 12  ? 15.299  -5.091  -1.402  1.00 10.09 ? 12  GLU A N   1 
ATOM   90   C CA  . GLU A 1 12  ? 16.201  -6.227  -1.530  1.00 10.86 ? 12  GLU A CA  1 
ATOM   91   C C   . GLU A 1 12  ? 15.982  -6.915  -2.870  1.00 9.38  ? 12  GLU A C   1 
ATOM   92   O O   . GLU A 1 12  ? 14.893  -6.860  -3.441  1.00 7.64  ? 12  GLU A O   1 
ATOM   93   C CB  . GLU A 1 12  ? 15.970  -7.226  -0.392  1.00 18.79 ? 12  GLU A CB  1 
ATOM   94   C CG  . GLU A 1 12  ? 16.812  -8.489  -0.494  1.00 30.33 ? 12  GLU A CG  1 
ATOM   95   C CD  . GLU A 1 12  ? 16.502  -9.490  0.604   1.00 35.67 ? 12  GLU A CD  1 
ATOM   96   O OE1 . GLU A 1 12  ? 15.317  -9.854  0.762   1.00 37.76 ? 12  GLU A OE1 1 
ATOM   97   O OE2 . GLU A 1 12  ? 17.444  -9.916  1.307   1.00 40.16 ? 12  GLU A OE2 1 
ATOM   98   N N   . LYS A 1 13  ? 17.027  -7.562  -3.367  1.00 11.07 ? 13  LYS A N   1 
ATOM   99   C CA  . LYS A 1 13  ? 16.977  -8.276  -4.637  1.00 11.62 ? 13  LYS A CA  1 
ATOM   100  C C   . LYS A 1 13  ? 16.536  -9.717  -4.382  1.00 11.68 ? 13  LYS A C   1 
ATOM   101  O O   . LYS A 1 13  ? 17.076  -10.394 -3.507  1.00 12.05 ? 13  LYS A O   1 
ATOM   102  C CB  . LYS A 1 13  ? 18.364  -8.242  -5.283  1.00 14.49 ? 13  LYS A CB  1 
ATOM   103  C CG  . LYS A 1 13  ? 18.484  -8.919  -6.630  1.00 18.37 ? 13  LYS A CG  1 
ATOM   104  C CD  . LYS A 1 13  ? 19.895  -8.729  -7.183  1.00 20.95 ? 13  LYS A CD  1 
ATOM   105  C CE  . LYS A 1 13  ? 20.115  -9.518  -8.462  1.00 24.87 ? 13  LYS A CE  1 
ATOM   106  N NZ  . LYS A 1 13  ? 21.468  -9.275  -9.036  1.00 26.30 ? 13  LYS A NZ  1 
ATOM   107  N N   . ARG A 1 14  ? 15.538  -10.174 -5.133  1.00 8.90  ? 14  ARG A N   1 
ATOM   108  C CA  . ARG A 1 14  ? 15.016  -11.535 -4.998  1.00 9.61  ? 14  ARG A CA  1 
ATOM   109  C C   . ARG A 1 14  ? 14.911  -12.186 -6.375  1.00 7.38  ? 14  ARG A C   1 
ATOM   110  O O   . ARG A 1 14  ? 15.184  -11.543 -7.390  1.00 7.61  ? 14  ARG A O   1 
ATOM   111  C CB  . ARG A 1 14  ? 13.634  -11.505 -4.342  1.00 13.19 ? 14  ARG A CB  1 
ATOM   112  C CG  . ARG A 1 14  ? 13.640  -11.129 -2.865  1.00 17.21 ? 14  ARG A CG  1 
ATOM   113  C CD  . ARG A 1 14  ? 13.810  -12.366 -2.007  1.00 24.24 ? 14  ARG A CD  1 
ATOM   114  N NE  . ARG A 1 14  ? 13.759  -12.070 -0.579  1.00 28.76 ? 14  ARG A NE  1 
ATOM   115  C CZ  . ARG A 1 14  ? 13.618  -12.996 0.362   1.00 29.28 ? 14  ARG A CZ  1 
ATOM   116  N NH1 . ARG A 1 14  ? 13.510  -14.274 0.022   1.00 28.28 ? 14  ARG A NH1 1 
ATOM   117  N NH2 . ARG A 1 14  ? 13.586  -12.645 1.641   1.00 31.50 ? 14  ARG A NH2 1 
ATOM   118  N N   . MET A 1 15  ? 14.533  -13.462 -6.402  1.00 8.28  ? 15  MET A N   1 
ATOM   119  C CA  . MET A 1 15  ? 14.378  -14.191 -7.661  1.00 8.83  ? 15  MET A CA  1 
ATOM   120  C C   . MET A 1 15  ? 12.922  -14.606 -7.804  1.00 9.52  ? 15  MET A C   1 
ATOM   121  O O   . MET A 1 15  ? 12.352  -15.235 -6.910  1.00 10.36 ? 15  MET A O   1 
ATOM   122  C CB  . MET A 1 15  ? 15.276  -15.434 -7.681  1.00 9.96  ? 15  MET A CB  1 
ATOM   123  C CG  . MET A 1 15  ? 15.203  -16.263 -8.974  1.00 9.95  ? 15  MET A CG  1 
ATOM   124  S SD  . MET A 1 15  ? 15.740  -15.381 -10.458 1.00 11.11 ? 15  MET A SD  1 
ATOM   125  C CE  . MET A 1 15  ? 17.504  -15.257 -10.142 1.00 14.41 ? 15  MET A CE  1 
ATOM   126  N N   . SER A 1 16  ? 12.319  -14.254 -8.932  1.00 7.19  ? 16  SER A N   1 
ATOM   127  C CA  . SER A 1 16  ? 10.919  -14.575 -9.174  1.00 7.40  ? 16  SER A CA  1 
ATOM   128  C C   . SER A 1 16  ? 10.718  -16.060 -9.422  1.00 9.20  ? 16  SER A C   1 
ATOM   129  O O   . SER A 1 16  ? 11.661  -16.780 -9.760  1.00 9.08  ? 16  SER A O   1 
ATOM   130  C CB  . SER A 1 16  ? 10.400  -13.793 -10.380 1.00 8.55  ? 16  SER A CB  1 
ATOM   131  O OG  . SER A 1 16  ? 10.870  -14.369 -11.586 1.00 9.03  ? 16  SER A OG  1 
ATOM   132  N N   . ALA A 1 17  ? 9.477   -16.505 -9.253  1.00 11.54 ? 17  ALA A N   1 
ATOM   133  C CA  . ALA A 1 17  ? 9.124   -17.899 -9.466  1.00 12.22 ? 17  ALA A CA  1 
ATOM   134  C C   . ALA A 1 17  ? 9.420   -18.316 -10.900 1.00 12.92 ? 17  ALA A C   1 
ATOM   135  O O   . ALA A 1 17  ? 9.702   -19.486 -11.152 1.00 13.15 ? 17  ALA A O   1 
ATOM   136  C CB  . ALA A 1 17  ? 7.648   -18.121 -9.149  1.00 11.77 ? 17  ALA A CB  1 
ATOM   137  N N   . ASP A 1 18  ? 9.371   -17.373 -11.841 1.00 10.33 ? 18  ASP A N   1 
ATOM   138  C CA  . ASP A 1 18  ? 9.640   -17.734 -13.225 1.00 10.73 ? 18  ASP A CA  1 
ATOM   139  C C   . ASP A 1 18  ? 11.065  -17.477 -13.716 1.00 10.09 ? 18  ASP A C   1 
ATOM   140  O O   . ASP A 1 18  ? 11.333  -17.531 -14.915 1.00 10.48 ? 18  ASP A O   1 
ATOM   141  C CB  . ASP A 1 18  ? 8.611   -17.110 -14.187 1.00 11.68 ? 18  ASP A CB  1 
ATOM   142  C CG  . ASP A 1 18  ? 8.636   -15.593 -14.201 1.00 16.21 ? 18  ASP A CG  1 
ATOM   143  O OD1 . ASP A 1 18  ? 9.679   -14.995 -13.859 1.00 19.57 ? 18  ASP A OD1 1 
ATOM   144  O OD2 . ASP A 1 18  ? 7.603   -15.006 -14.591 1.00 15.26 ? 18  ASP A OD2 1 
ATOM   145  N N   . GLY A 1 19  ? 11.975  -17.196 -12.785 1.00 11.07 ? 20  GLY A N   1 
ATOM   146  C CA  . GLY A 1 19  ? 13.374  -17.033 -13.145 1.00 10.33 ? 20  GLY A CA  1 
ATOM   147  C C   . GLY A 1 19  ? 14.015  -15.694 -13.447 1.00 9.71  ? 20  GLY A C   1 
ATOM   148  O O   . GLY A 1 19  ? 15.080  -15.666 -14.060 1.00 11.34 ? 20  GLY A O   1 
ATOM   149  N N   . ARG A 1 20  ? 13.407  -14.594 -13.024 1.00 7.63  ? 21  ARG A N   1 
ATOM   150  C CA  . ARG A 1 20  ? 13.980  -13.280 -13.276 1.00 8.36  ? 21  ARG A CA  1 
ATOM   151  C C   . ARG A 1 20  ? 14.157  -12.545 -11.964 1.00 6.93  ? 21  ARG A C   1 
ATOM   152  O O   . ARG A 1 20  ? 13.326  -12.642 -11.071 1.00 8.50  ? 21  ARG A O   1 
ATOM   153  C CB  . ARG A 1 20  ? 13.065  -12.468 -14.203 1.00 10.43 ? 21  ARG A CB  1 
ATOM   154  C CG  . ARG A 1 20  ? 13.463  -11.003 -14.387 1.00 12.58 ? 21  ARG A CG  1 
ATOM   155  C CD  . ARG A 1 20  ? 12.576  -10.357 -15.437 1.00 15.22 ? 21  ARG A CD  1 
ATOM   156  N NE  . ARG A 1 20  ? 12.743  -11.035 -16.719 1.00 16.54 ? 21  ARG A NE  1 
ATOM   157  C CZ  . ARG A 1 20  ? 13.481  -10.575 -17.724 1.00 16.81 ? 21  ARG A CZ  1 
ATOM   158  N NH1 . ARG A 1 20  ? 14.124  -9.414  -17.617 1.00 11.44 ? 21  ARG A NH1 1 
ATOM   159  N NH2 . ARG A 1 20  ? 13.603  -11.295 -18.830 1.00 18.65 ? 21  ARG A NH2 1 
ATOM   160  N N   . VAL A 1 21  ? 15.252  -11.809 -11.849 1.00 6.91  ? 22  VAL A N   1 
ATOM   161  C CA  . VAL A 1 21  ? 15.499  -11.042 -10.647 1.00 7.43  ? 22  VAL A CA  1 
ATOM   162  C C   . VAL A 1 21  ? 14.460  -9.934  -10.536 1.00 6.86  ? 22  VAL A C   1 
ATOM   163  O O   . VAL A 1 21  ? 14.012  -9.376  -11.545 1.00 7.81  ? 22  VAL A O   1 
ATOM   164  C CB  . VAL A 1 21  ? 16.897  -10.396 -10.680 1.00 13.61 ? 22  VAL A CB  1 
ATOM   165  C CG1 . VAL A 1 21  ? 17.071  -9.477  -9.487  1.00 18.76 ? 22  VAL A CG1 1 
ATOM   166  C CG2 . VAL A 1 21  ? 17.968  -11.472 -10.691 1.00 17.03 ? 22  VAL A CG2 1 
ATOM   167  N N   . TYR A 1 22  ? 14.038  -9.646  -9.311  1.00 6.33  ? 23  TYR A N   1 
ATOM   168  C CA  . TYR A 1 22  ? 13.104  -8.555  -9.084  1.00 6.80  ? 23  TYR A CA  1 
ATOM   169  C C   . TYR A 1 22  ? 13.454  -7.934  -7.747  1.00 6.18  ? 23  TYR A C   1 
ATOM   170  O O   . TYR A 1 22  ? 14.356  -8.410  -7.052  1.00 7.43  ? 23  TYR A O   1 
ATOM   171  C CB  . TYR A 1 22  ? 11.637  -9.014  -9.119  1.00 7.32  ? 23  TYR A CB  1 
ATOM   172  C CG  . TYR A 1 22  ? 11.150  -9.764  -7.901  1.00 6.70  ? 23  TYR A CG  1 
ATOM   173  C CD1 . TYR A 1 22  ? 11.479  -11.103 -7.706  1.00 6.08  ? 23  TYR A CD1 1 
ATOM   174  C CD2 . TYR A 1 22  ? 10.347  -9.135  -6.951  1.00 7.85  ? 23  TYR A CD2 1 
ATOM   175  C CE1 . TYR A 1 22  ? 11.019  -11.799 -6.593  1.00 8.52  ? 23  TYR A CE1 1 
ATOM   176  C CE2 . TYR A 1 22  ? 9.876   -9.819  -5.833  1.00 8.87  ? 23  TYR A CE2 1 
ATOM   177  C CZ  . TYR A 1 22  ? 10.218  -11.151 -5.662  1.00 6.99  ? 23  TYR A CZ  1 
ATOM   178  O OH  . TYR A 1 22  ? 9.759   -11.845 -4.569  1.00 11.22 ? 23  TYR A OH  1 
ATOM   179  N N   . TYR A 1 23  ? 12.755  -6.866  -7.393  1.00 5.41  ? 24  TYR A N   1 
ATOM   180  C CA  . TYR A 1 23  ? 13.038  -6.180  -6.152  1.00 6.35  ? 24  TYR A CA  1 
ATOM   181  C C   . TYR A 1 23  ? 11.817  -6.134  -5.258  1.00 5.90  ? 24  TYR A C   1 
ATOM   182  O O   . TYR A 1 23  ? 10.690  -5.887  -5.710  1.00 5.82  ? 24  TYR A O   1 
ATOM   183  C CB  . TYR A 1 23  ? 13.592  -4.782  -6.463  1.00 7.69  ? 24  TYR A CB  1 
ATOM   184  C CG  . TYR A 1 23  ? 14.805  -4.862  -7.370  1.00 8.08  ? 24  TYR A CG  1 
ATOM   185  C CD1 . TYR A 1 23  ? 14.660  -4.978  -8.754  1.00 7.86  ? 24  TYR A CD1 1 
ATOM   186  C CD2 . TYR A 1 23  ? 16.094  -4.926  -6.837  1.00 9.36  ? 24  TYR A CD2 1 
ATOM   187  C CE1 . TYR A 1 23  ? 15.769  -5.168  -9.579  1.00 9.91  ? 24  TYR A CE1 1 
ATOM   188  C CE2 . TYR A 1 23  ? 17.204  -5.112  -7.655  1.00 10.87 ? 24  TYR A CE2 1 
ATOM   189  C CZ  . TYR A 1 23  ? 17.035  -5.236  -9.021  1.00 10.27 ? 24  TYR A CZ  1 
ATOM   190  O OH  . TYR A 1 23  ? 18.139  -5.435  -9.824  1.00 14.20 ? 24  TYR A OH  1 
ATOM   191  N N   . PHE A 1 24  ? 12.063  -6.404  -3.983  1.00 6.28  ? 25  PHE A N   1 
ATOM   192  C CA  . PHE A 1 24  ? 11.023  -6.445  -2.974  1.00 6.38  ? 25  PHE A CA  1 
ATOM   193  C C   . PHE A 1 24  ? 11.367  -5.517  -1.826  1.00 7.36  ? 25  PHE A C   1 
ATOM   194  O O   . PHE A 1 24  ? 12.514  -5.462  -1.381  1.00 7.53  ? 25  PHE A O   1 
ATOM   195  C CB  . PHE A 1 24  ? 10.890  -7.878  -2.442  1.00 6.93  ? 25  PHE A CB  1 
ATOM   196  C CG  . PHE A 1 24  ? 9.874   -8.030  -1.348  1.00 8.61  ? 25  PHE A CG  1 
ATOM   197  C CD1 . PHE A 1 24  ? 8.516   -7.836  -1.602  1.00 8.79  ? 25  PHE A CD1 1 
ATOM   198  C CD2 . PHE A 1 24  ? 10.275  -8.359  -0.055  1.00 9.88  ? 25  PHE A CD2 1 
ATOM   199  C CE1 . PHE A 1 24  ? 7.572   -7.966  -0.577  1.00 9.85  ? 25  PHE A CE1 1 
ATOM   200  C CE2 . PHE A 1 24  ? 9.338   -8.488  0.973   1.00 9.01  ? 25  PHE A CE2 1 
ATOM   201  C CZ  . PHE A 1 24  ? 7.987   -8.292  0.712   1.00 8.88  ? 25  PHE A CZ  1 
ATOM   202  N N   . ASN A 1 25  ? 10.373  -4.775  -1.353  1.00 6.72  ? 26  ASN A N   1 
ATOM   203  C CA  . ASN A 1 25  ? 10.587  -3.898  -0.219  1.00 7.17  ? 26  ASN A CA  1 
ATOM   204  C C   . ASN A 1 25  ? 9.897   -4.581  0.957   1.00 7.24  ? 26  ASN A C   1 
ATOM   205  O O   . ASN A 1 25  ? 8.678   -4.763  0.960   1.00 7.46  ? 26  ASN A O   1 
ATOM   206  C CB  . ASN A 1 25  ? 9.982   -2.516  -0.466  1.00 7.44  ? 26  ASN A CB  1 
ATOM   207  C CG  . ASN A 1 25  ? 10.366  -1.535  0.614   1.00 7.72  ? 26  ASN A CG  1 
ATOM   208  O OD1 . ASN A 1 25  ? 10.056  -1.744  1.783   1.00 8.56  ? 26  ASN A OD1 1 
ATOM   209  N ND2 . ASN A 1 25  ? 11.066  -0.473  0.235   1.00 8.89  ? 26  ASN A ND2 1 
ATOM   210  N N   . HIS A 1 26  ? 10.680  -4.968  1.961   1.00 8.48  ? 27  HIS A N   1 
ATOM   211  C CA  . HIS A 1 26  ? 10.110  -5.669  3.104   1.00 10.18 ? 27  HIS A CA  1 
ATOM   212  C C   . HIS A 1 26  ? 9.362   -4.803  4.107   1.00 9.78  ? 27  HIS A C   1 
ATOM   213  O O   . HIS A 1 26  ? 8.813   -5.317  5.078   1.00 9.60  ? 27  HIS A O   1 
ATOM   214  C CB  . HIS A 1 26  ? 11.186  -6.503  3.819   1.00 15.07 ? 27  HIS A CB  1 
ATOM   215  C CG  . HIS A 1 26  ? 12.362  -5.711  4.295   1.00 20.15 ? 27  HIS A CG  1 
ATOM   216  N ND1 . HIS A 1 26  ? 12.293  -4.841  5.359   1.00 22.27 ? 27  HIS A ND1 1 
ATOM   217  C CD2 . HIS A 1 26  ? 13.645  -5.671  3.858   1.00 24.53 ? 27  HIS A CD2 1 
ATOM   218  C CE1 . HIS A 1 26  ? 13.481  -4.298  5.561   1.00 25.12 ? 27  HIS A CE1 1 
ATOM   219  N NE2 . HIS A 1 26  ? 14.318  -4.786  4.663   1.00 24.83 ? 27  HIS A NE2 1 
ATOM   220  N N   . ILE A 1 27  ? 9.326   -3.495  3.868   1.00 8.86  ? 28  ILE A N   1 
ATOM   221  C CA  . ILE A 1 27  ? 8.604   -2.576  4.759   1.00 8.29  ? 28  ILE A CA  1 
ATOM   222  C C   . ILE A 1 27  ? 7.255   -2.210  4.135   1.00 8.34  ? 28  ILE A C   1 
ATOM   223  O O   . ILE A 1 27  ? 6.227   -2.199  4.810   1.00 9.91  ? 28  ILE A O   1 
ATOM   224  C CB  . ILE A 1 27  ? 9.391   -1.272  5.002   1.00 7.37  ? 28  ILE A CB  1 
ATOM   225  C CG1 . ILE A 1 27  ? 10.790  -1.609  5.517   1.00 8.63  ? 28  ILE A CG1 1 
ATOM   226  C CG2 . ILE A 1 27  ? 8.647   -0.377  6.008   1.00 7.93  ? 28  ILE A CG2 1 
ATOM   227  C CD1 . ILE A 1 27  ? 11.684  -0.401  5.679   1.00 10.66 ? 28  ILE A CD1 1 
ATOM   228  N N   . THR A 1 28  ? 7.261   -1.946  2.830   1.00 7.28  ? 29  THR A N   1 
ATOM   229  C CA  . THR A 1 28  ? 6.036   -1.571  2.115   1.00 7.12  ? 29  THR A CA  1 
ATOM   230  C C   . THR A 1 28  ? 5.383   -2.764  1.423   1.00 6.82  ? 29  THR A C   1 
ATOM   231  O O   . THR A 1 28  ? 4.232   -2.682  0.986   1.00 7.48  ? 29  THR A O   1 
ATOM   232  C CB  . THR A 1 28  ? 6.323   -0.527  1.023   1.00 6.63  ? 29  THR A CB  1 
ATOM   233  O OG1 . THR A 1 28  ? 7.086   -1.144  -0.022  1.00 8.44  ? 29  THR A OG1 1 
ATOM   234  C CG2 . THR A 1 28  ? 7.126   0.645   1.585   1.00 6.13  ? 29  THR A CG2 1 
ATOM   235  N N   . ASN A 1 29  ? 6.139   -3.853  1.318   1.00 6.24  ? 30  ASN A N   1 
ATOM   236  C CA  . ASN A 1 29  ? 5.712   -5.092  0.670   1.00 8.11  ? 30  ASN A CA  1 
ATOM   237  C C   . ASN A 1 29  ? 5.514   -4.966  -0.841  1.00 6.99  ? 30  ASN A C   1 
ATOM   238  O O   . ASN A 1 29  ? 4.853   -5.794  -1.462  1.00 8.11  ? 30  ASN A O   1 
ATOM   239  C CB  . ASN A 1 29  ? 4.445   -5.635  1.329   1.00 8.72  ? 30  ASN A CB  1 
ATOM   240  C CG  . ASN A 1 29  ? 4.685   -6.048  2.754   1.00 10.36 ? 30  ASN A CG  1 
ATOM   241  O OD1 . ASN A 1 29  ? 5.751   -6.569  3.086   1.00 11.51 ? 30  ASN A OD1 1 
ATOM   242  N ND2 . ASN A 1 29  ? 3.699   -5.829  3.607   1.00 11.65 ? 30  ASN A ND2 1 
ATOM   243  N N   . ALA A 1 30  ? 6.107   -3.931  -1.428  1.00 7.97  ? 31  ALA A N   1 
ATOM   244  C CA  . ALA A 1 30  ? 6.006   -3.723  -2.866  1.00 7.21  ? 31  ALA A CA  1 
ATOM   245  C C   . ALA A 1 30  ? 6.966   -4.657  -3.604  1.00 6.22  ? 31  ALA A C   1 
ATOM   246  O O   . ALA A 1 30  ? 8.036   -4.996  -3.097  1.00 7.05  ? 31  ALA A O   1 
ATOM   247  C CB  . ALA A 1 30  ? 6.334   -2.280  -3.207  1.00 6.70  ? 31  ALA A CB  1 
ATOM   248  N N   . SER A 1 31  ? 6.564   -5.085  -4.796  1.00 6.73  ? 32  SER A N   1 
ATOM   249  C CA  . SER A 1 31  ? 7.391   -5.947  -5.637  1.00 7.14  ? 32  SER A CA  1 
ATOM   250  C C   . SER A 1 31  ? 7.415   -5.319  -7.021  1.00 6.21  ? 32  SER A C   1 
ATOM   251  O O   . SER A 1 31  ? 6.374   -4.901  -7.526  1.00 8.38  ? 32  SER A O   1 
ATOM   252  C CB  . SER A 1 31  ? 6.798   -7.355  -5.756  1.00 8.21  ? 32  SER A CB  1 
ATOM   253  O OG  . SER A 1 31  ? 6.812   -8.054  -4.522  1.00 11.73 ? 32  SER A OG  1 
ATOM   254  N N   . GLN A 1 32  ? 8.592   -5.245  -7.637  1.00 5.43  ? 33  GLN A N   1 
ATOM   255  C CA  . GLN A 1 32  ? 8.699   -4.685  -8.982  1.00 5.62  ? 33  GLN A CA  1 
ATOM   256  C C   . GLN A 1 32  ? 9.902   -5.224  -9.737  1.00 5.10  ? 33  GLN A C   1 
ATOM   257  O O   . GLN A 1 32  ? 10.917  -5.602  -9.148  1.00 5.37  ? 33  GLN A O   1 
ATOM   258  C CB  . GLN A 1 32  ? 8.761   -3.151  -8.935  1.00 7.66  ? 33  GLN A CB  1 
ATOM   259  C CG  . GLN A 1 32  ? 9.959   -2.577  -8.195  1.00 7.42  ? 33  GLN A CG  1 
ATOM   260  C CD  . GLN A 1 32  ? 9.876   -1.069  -8.049  1.00 6.56  ? 33  GLN A CD  1 
ATOM   261  O OE1 . GLN A 1 32  ? 8.848   -0.537  -7.631  1.00 9.34  ? 33  GLN A OE1 1 
ATOM   262  N NE2 . GLN A 1 32  ? 10.959  -0.373  -8.389  1.00 7.43  ? 33  GLN A NE2 1 
ATOM   263  N N   . TRP A 1 33  ? 9.781   -5.275  -11.056 1.00 6.42  ? 34  TRP A N   1 
ATOM   264  C CA  . TRP A 1 33  ? 10.870  -5.757  -11.891 1.00 6.27  ? 34  TRP A CA  1 
ATOM   265  C C   . TRP A 1 33  ? 11.998  -4.732  -11.959 1.00 5.06  ? 34  TRP A C   1 
ATOM   266  O O   . TRP A 1 33  ? 13.169  -5.090  -11.999 1.00 7.99  ? 34  TRP A O   1 
ATOM   267  C CB  . TRP A 1 33  ? 10.375  -6.023  -13.312 1.00 7.24  ? 34  TRP A CB  1 
ATOM   268  C CG  . TRP A 1 33  ? 9.380   -7.130  -13.433 1.00 7.46  ? 34  TRP A CG  1 
ATOM   269  C CD1 . TRP A 1 33  ? 8.108   -7.033  -13.914 1.00 9.11  ? 34  TRP A CD1 1 
ATOM   270  C CD2 . TRP A 1 33  ? 9.587   -8.512  -13.116 1.00 6.54  ? 34  TRP A CD2 1 
ATOM   271  N NE1 . TRP A 1 33  ? 7.509   -8.268  -13.919 1.00 7.72  ? 34  TRP A NE1 1 
ATOM   272  C CE2 . TRP A 1 33  ? 8.394   -9.196  -13.435 1.00 7.59  ? 34  TRP A CE2 1 
ATOM   273  C CE3 . TRP A 1 33  ? 10.665  -9.240  -12.592 1.00 7.35  ? 34  TRP A CE3 1 
ATOM   274  C CZ2 . TRP A 1 33  ? 8.247   -10.573 -13.252 1.00 7.28  ? 34  TRP A CZ2 1 
ATOM   275  C CZ3 . TRP A 1 33  ? 10.518  -10.617 -12.408 1.00 7.35  ? 34  TRP A CZ3 1 
ATOM   276  C CH2 . TRP A 1 33  ? 9.315   -11.265 -12.739 1.00 6.51  ? 34  TRP A CH2 1 
ATOM   277  N N   . GLU A 1 34  ? 11.631  -3.455  -11.958 1.00 5.41  ? 35  GLU A N   1 
ATOM   278  C CA  . GLU A 1 34  ? 12.592  -2.363  -12.069 1.00 6.10  ? 35  GLU A CA  1 
ATOM   279  C C   . GLU A 1 34  ? 13.447  -2.115  -10.827 1.00 5.52  ? 35  GLU A C   1 
ATOM   280  O O   . GLU A 1 34  ? 12.928  -2.016  -9.712  1.00 7.68  ? 35  GLU A O   1 
ATOM   281  C CB  . GLU A 1 34  ? 11.853  -1.069  -12.417 1.00 7.77  ? 35  GLU A CB  1 
ATOM   282  C CG  . GLU A 1 34  ? 11.094  -1.055  -13.755 1.00 8.13  ? 35  GLU A CG  1 
ATOM   283  C CD  . GLU A 1 34  ? 9.821   -1.905  -13.775 1.00 9.55  ? 35  GLU A CD  1 
ATOM   284  O OE1 . GLU A 1 34  ? 9.216   -2.140  -12.710 1.00 9.80  ? 35  GLU A OE1 1 
ATOM   285  O OE2 . GLU A 1 34  ? 9.410   -2.317  -14.880 1.00 10.76 ? 35  GLU A OE2 1 
ATOM   286  N N   . ARG A 1 35  ? 14.760  -2.008  -11.019 1.00 6.34  ? 36  ARG A N   1 
ATOM   287  C CA  . ARG A 1 35  ? 15.648  -1.736  -9.891  1.00 7.07  ? 36  ARG A CA  1 
ATOM   288  C C   . ARG A 1 35  ? 15.151  -0.417  -9.291  1.00 6.44  ? 36  ARG A C   1 
ATOM   289  O O   . ARG A 1 35  ? 14.962  0.573   -10.004 1.00 8.20  ? 36  ARG A O   1 
ATOM   290  C CB  . ARG A 1 35  ? 17.098  -1.611  -10.367 1.00 7.64  ? 36  ARG A CB  1 
ATOM   291  C CG  . ARG A 1 35  ? 18.118  -1.758  -9.245  1.00 10.77 ? 36  ARG A CG  1 
ATOM   292  C CD  . ARG A 1 35  ? 19.545  -1.785  -9.786  1.00 11.85 ? 36  ARG A CD  1 
ATOM   293  N NE  . ARG A 1 35  ? 20.516  -2.157  -8.757  1.00 15.27 ? 36  ARG A NE  1 
ATOM   294  C CZ  . ARG A 1 35  ? 20.977  -1.337  -7.816  1.00 16.31 ? 36  ARG A CZ  1 
ATOM   295  N NH1 . ARG A 1 35  ? 20.564  -0.079  -7.762  1.00 17.89 ? 36  ARG A NH1 1 
ATOM   296  N NH2 . ARG A 1 35  ? 21.855  -1.782  -6.925  1.00 18.50 ? 36  ARG A NH2 1 
ATOM   297  N N   . PRO A 1 36  ? 14.935  -0.383  -7.967  1.00 6.75  ? 37  PRO A N   1 
ATOM   298  C CA  . PRO A 1 36  ? 14.441  0.823   -7.294  1.00 7.94  ? 37  PRO A CA  1 
ATOM   299  C C   . PRO A 1 36  ? 15.372  2.026   -7.167  1.00 8.83  ? 37  PRO A C   1 
ATOM   300  O O   . PRO A 1 36  ? 14.945  3.086   -6.710  1.00 8.26  ? 37  PRO A O   1 
ATOM   301  C CB  . PRO A 1 36  ? 13.982  0.291   -5.939  1.00 7.91  ? 37  PRO A CB  1 
ATOM   302  C CG  . PRO A 1 36  ? 14.971  -0.808  -5.674  1.00 8.58  ? 37  PRO A CG  1 
ATOM   303  C CD  . PRO A 1 36  ? 15.091  -1.498  -7.017  1.00 6.90  ? 37  PRO A CD  1 
ATOM   304  N N   . SER A 1 37  ? 16.627  1.870   -7.577  1.00 9.33  ? 38  SER A N   1 
ATOM   305  C CA  . SER A 1 37  ? 17.597  2.957   -7.495  1.00 13.09 ? 38  SER A CA  1 
ATOM   306  C C   . SER A 1 37  ? 18.742  2.736   -8.474  1.00 17.33 ? 38  SER A C   1 
ATOM   307  O O   . SER A 1 37  ? 18.823  1.693   -9.130  1.00 13.62 ? 38  SER A O   1 
ATOM   308  C CB  . SER A 1 37  ? 18.160  3.060   -6.076  1.00 14.86 ? 38  SER A CB  1 
ATOM   309  O OG  . SER A 1 37  ? 18.884  1.889   -5.736  1.00 17.65 ? 38  SER A OG  1 
ATOM   310  N N   . GLY A 1 38  ? 19.625  3.725   -8.564  1.00 29.63 ? 39  GLY A N   1 
ATOM   311  C CA  . GLY A 1 38  ? 20.763  3.631   -9.461  1.00 38.03 ? 39  GLY A CA  1 
ATOM   312  C C   . GLY A 1 38  ? 20.540  4.416   -10.738 1.00 43.74 ? 39  GLY A C   1 
ATOM   313  O O   . GLY A 1 38  ? 20.723  5.633   -10.774 1.00 48.22 ? 39  GLY A O   1 
ATOM   314  N N   . GLN A 1 48  ? 20.958  8.994   5.449   1.00 24.01 ? 49  GLN A N   1 
ATOM   315  C CA  . GLN A 1 48  ? 19.812  9.846   5.156   1.00 24.54 ? 49  GLN A CA  1 
ATOM   316  C C   . GLN A 1 48  ? 18.567  9.356   5.889   1.00 20.19 ? 49  GLN A C   1 
ATOM   317  O O   . GLN A 1 48  ? 18.180  8.195   5.766   1.00 19.53 ? 49  GLN A O   1 
ATOM   318  C CB  . GLN A 1 48  ? 19.546  9.858   3.648   1.00 40.33 ? 49  GLN A CB  1 
ATOM   319  C CG  . GLN A 1 48  ? 18.332  10.668  3.225   1.00 51.42 ? 49  GLN A CG  1 
ATOM   320  C CD  . GLN A 1 48  ? 18.016  10.514  1.747   1.00 56.91 ? 49  GLN A CD  1 
ATOM   321  O OE1 . GLN A 1 48  ? 17.078  11.126  1.234   1.00 59.91 ? 49  GLN A OE1 1 
ATOM   322  N NE2 . GLN A 1 48  ? 18.796  9.691   1.056   1.00 60.00 ? 49  GLN A NE2 1 
ATOM   323  N N   . GLY A 1 49  ? 17.936  10.247  6.645   1.00 17.37 ? 50  GLY A N   1 
ATOM   324  C CA  . GLY A 1 49  ? 16.738  9.870   7.373   1.00 15.60 ? 50  GLY A CA  1 
ATOM   325  C C   . GLY A 1 49  ? 15.505  9.896   6.489   1.00 14.96 ? 50  GLY A C   1 
ATOM   326  O O   . GLY A 1 49  ? 15.562  10.322  5.338   1.00 16.36 ? 50  GLY A O   1 
ATOM   327  N N   . GLU A 1 50  ? 14.389  9.429   7.036   1.00 13.82 ? 51  GLU A N   1 
ATOM   328  C CA  . GLU A 1 50  ? 13.113  9.391   6.324   1.00 12.64 ? 51  GLU A CA  1 
ATOM   329  C C   . GLU A 1 50  ? 12.477  10.780  6.327   1.00 11.54 ? 51  GLU A C   1 
ATOM   330  O O   . GLU A 1 50  ? 12.971  11.692  6.985   1.00 10.60 ? 51  GLU A O   1 
ATOM   331  C CB  . GLU A 1 50  ? 12.173  8.404   7.022   1.00 14.47 ? 51  GLU A CB  1 
ATOM   332  C CG  . GLU A 1 50  ? 11.962  8.726   8.501   1.00 16.07 ? 51  GLU A CG  1 
ATOM   333  C CD  . GLU A 1 50  ? 11.033  7.749   9.201   1.00 17.91 ? 51  GLU A CD  1 
ATOM   334  O OE1 . GLU A 1 50  ? 11.059  6.548   8.859   1.00 17.29 ? 51  GLU A OE1 1 
ATOM   335  O OE2 . GLU A 1 50  ? 10.290  8.181   10.109  1.00 21.15 ? 51  GLU A OE2 1 
ATOM   336  N N   . PRO A 1 51  ? 11.379  10.966  5.576   1.00 11.58 ? 52  PRO A N   1 
ATOM   337  C CA  . PRO A 1 51  ? 10.748  12.288  5.579   1.00 11.90 ? 52  PRO A CA  1 
ATOM   338  C C   . PRO A 1 51  ? 10.150  12.571  6.961   1.00 10.90 ? 52  PRO A C   1 
ATOM   339  O O   . PRO A 1 51  ? 9.838   11.645  7.713   1.00 10.68 ? 52  PRO A O   1 
ATOM   340  C CB  . PRO A 1 51  ? 9.683   12.168  4.486   1.00 18.55 ? 52  PRO A CB  1 
ATOM   341  C CG  . PRO A 1 51  ? 9.355   10.701  4.484   1.00 19.83 ? 52  PRO A CG  1 
ATOM   342  C CD  . PRO A 1 51  ? 10.710  10.056  4.628   1.00 16.97 ? 52  PRO A CD  1 
ATOM   343  N N   . ALA A 1 52  ? 10.001  13.847  7.298   1.00 11.14 ? 53  ALA A N   1 
ATOM   344  C CA  . ALA A 1 52  ? 9.439   14.225  8.593   1.00 10.87 ? 53  ALA A CA  1 
ATOM   345  C C   . ALA A 1 52  ? 7.921   14.066  8.599   1.00 10.74 ? 53  ALA A C   1 
ATOM   346  O O   . ALA A 1 52  ? 7.311   13.865  9.649   1.00 10.84 ? 53  ALA A O   1 
ATOM   347  C CB  . ALA A 1 52  ? 9.815   15.666  8.926   1.00 20.04 ? 53  ALA A CB  1 
ATOM   348  N N   . ARG A 1 53  ? 7.318   14.158  7.419   1.00 11.73 ? 54  ARG A N   1 
ATOM   349  C CA  . ARG A 1 53  ? 5.878   14.030  7.271   1.00 13.24 ? 54  ARG A CA  1 
ATOM   350  C C   . ARG A 1 53  ? 5.593   13.575  5.844   1.00 10.87 ? 54  ARG A C   1 
ATOM   351  O O   . ARG A 1 53  ? 6.366   13.857  4.930   1.00 10.62 ? 54  ARG A O   1 
ATOM   352  C CB  . ARG A 1 53  ? 5.214   15.386  7.530   1.00 21.31 ? 54  ARG A CB  1 
ATOM   353  C CG  . ARG A 1 53  ? 3.705   15.344  7.646   1.00 31.01 ? 54  ARG A CG  1 
ATOM   354  C CD  . ARG A 1 53  ? 3.146   16.730  7.930   1.00 38.04 ? 54  ARG A CD  1 
ATOM   355  N NE  . ARG A 1 53  ? 1.725   16.687  8.263   1.00 42.96 ? 54  ARG A NE  1 
ATOM   356  C CZ  . ARG A 1 53  ? 0.969   17.764  8.452   1.00 44.60 ? 54  ARG A CZ  1 
ATOM   357  N NH1 . ARG A 1 53  ? 1.495   18.975  8.339   1.00 46.20 ? 54  ARG A NH1 1 
ATOM   358  N NH2 . ARG A 1 53  ? -0.314  17.628  8.758   1.00 46.21 ? 54  ARG A NH2 1 
ATOM   359  N N   . VAL A 1 54  ? 4.498   12.848  5.660   1.00 8.38  ? 55  VAL A N   1 
ATOM   360  C CA  . VAL A 1 54  ? 4.124   12.380  4.334   1.00 9.11  ? 55  VAL A CA  1 
ATOM   361  C C   . VAL A 1 54  ? 2.630   12.514  4.151   1.00 8.63  ? 55  VAL A C   1 
ATOM   362  O O   . VAL A 1 54  ? 1.879   12.598  5.125   1.00 10.68 ? 55  VAL A O   1 
ATOM   363  C CB  . VAL A 1 54  ? 4.472   10.880  4.103   1.00 8.40  ? 55  VAL A CB  1 
ATOM   364  C CG1 . VAL A 1 54  ? 5.969   10.666  4.142   1.00 8.59  ? 55  VAL A CG1 1 
ATOM   365  C CG2 . VAL A 1 54  ? 3.758   10.005  5.136   1.00 9.34  ? 55  VAL A CG2 1 
ATOM   366  N N   . ARG A 1 55  ? 2.202   12.558  2.895   1.00 9.21  ? 56  ARG A N   1 
ATOM   367  C CA  . ARG A 1 55  ? 0.786   12.609  2.585   1.00 8.98  ? 56  ARG A CA  1 
ATOM   368  C C   . ARG A 1 55  ? 0.516   11.343  1.791   1.00 8.16  ? 56  ARG A C   1 
ATOM   369  O O   . ARG A 1 55  ? 1.232   11.039  0.832   1.00 8.55  ? 56  ARG A O   1 
ATOM   370  C CB  . ARG A 1 55  ? 0.433   13.826  1.736   1.00 9.52  ? 56  ARG A CB  1 
ATOM   371  C CG  . ARG A 1 55  ? -1.069  13.935  1.486   1.00 11.50 ? 56  ARG A CG  1 
ATOM   372  C CD  . ARG A 1 55  ? -1.417  15.141  0.635   1.00 13.14 ? 56  ARG A CD  1 
ATOM   373  N NE  . ARG A 1 55  ? -2.864  15.308  0.504   1.00 15.08 ? 56  ARG A NE  1 
ATOM   374  C CZ  . ARG A 1 55  ? -3.445  16.363  -0.059  1.00 19.18 ? 56  ARG A CZ  1 
ATOM   375  N NH1 . ARG A 1 55  ? -2.705  17.348  -0.547  1.00 19.92 ? 56  ARG A NH1 1 
ATOM   376  N NH2 . ARG A 1 55  ? -4.768  16.440  -0.124  1.00 20.12 ? 56  ARG A NH2 1 
ATOM   377  N N   . CYS A 1 56  ? -0.502  10.595  2.202   1.00 7.93  ? 57  CYS A N   1 
ATOM   378  C CA  . CYS A 1 56  ? -0.852  9.357   1.521   1.00 8.06  ? 57  CYS A CA  1 
ATOM   379  C C   . CYS A 1 56  ? -2.338  9.183   1.313   1.00 7.51  ? 57  CYS A C   1 
ATOM   380  O O   . CYS A 1 56  ? -3.165  9.760   2.025   1.00 8.36  ? 57  CYS A O   1 
ATOM   381  C CB  . CYS A 1 56  ? -0.378  8.141   2.320   1.00 6.34  ? 57  CYS A CB  1 
ATOM   382  S SG  . CYS A 1 56  ? 1.390   7.962   2.519   1.00 9.09  ? 57  CYS A SG  1 
ATOM   383  N N   . SER A 1 57  ? -2.654  8.373   0.312   1.00 7.86  ? 58  SER A N   1 
ATOM   384  C CA  . SER A 1 57  ? -4.019  7.985   0.014   1.00 7.28  ? 58  SER A CA  1 
ATOM   385  C C   . SER A 1 57  ? -3.958  6.464   0.202   1.00 7.03  ? 58  SER A C   1 
ATOM   386  O O   . SER A 1 57  ? -2.874  5.871   0.153   1.00 7.74  ? 58  SER A O   1 
ATOM   387  C CB  . SER A 1 57  ? -4.375  8.329   -1.433  1.00 15.42 ? 58  SER A CB  1 
ATOM   388  O OG  . SER A 1 57  ? -3.448  7.754   -2.333  1.00 28.47 ? 58  SER A OG  1 
ATOM   389  N N   . HIS A 1 58  ? -5.094  5.825   0.453   1.00 7.00  ? 59  HIS A N   1 
ATOM   390  C CA  . HIS A 1 58  ? -5.077  4.379   0.603   1.00 5.87  ? 59  HIS A CA  1 
ATOM   391  C C   . HIS A 1 58  ? -6.385  3.737   0.178   1.00 4.98  ? 59  HIS A C   1 
ATOM   392  O O   . HIS A 1 58  ? -7.407  4.411   0.028   1.00 7.29  ? 59  HIS A O   1 
ATOM   393  C CB  . HIS A 1 58  ? -4.707  3.985   2.054   1.00 6.96  ? 59  HIS A CB  1 
ATOM   394  C CG  . HIS A 1 58  ? -5.855  3.946   3.020   1.00 7.48  ? 59  HIS A CG  1 
ATOM   395  N ND1 . HIS A 1 58  ? -6.764  4.973   3.163   1.00 10.20 ? 59  HIS A ND1 1 
ATOM   396  C CD2 . HIS A 1 58  ? -6.186  3.024   3.955   1.00 7.26  ? 59  HIS A CD2 1 
ATOM   397  C CE1 . HIS A 1 58  ? -7.603  4.684   4.146   1.00 8.21  ? 59  HIS A CE1 1 
ATOM   398  N NE2 . HIS A 1 58  ? -7.273  3.507   4.643   1.00 10.26 ? 59  HIS A NE2 1 
ATOM   399  N N   . LEU A 1 59  ? -6.322  2.437   -0.077  1.00 6.63  ? 60  LEU A N   1 
ATOM   400  C CA  . LEU A 1 59  ? -7.497  1.659   -0.444  1.00 5.61  ? 60  LEU A CA  1 
ATOM   401  C C   . LEU A 1 59  ? -7.499  0.541   0.587   1.00 6.50  ? 60  LEU A C   1 
ATOM   402  O O   . LEU A 1 59  ? -6.554  -0.245  0.659   1.00 7.15  ? 60  LEU A O   1 
ATOM   403  C CB  . LEU A 1 59  ? -7.366  1.094   -1.868  1.00 6.01  ? 60  LEU A CB  1 
ATOM   404  C CG  . LEU A 1 59  ? -8.619  0.415   -2.449  1.00 7.70  ? 60  LEU A CG  1 
ATOM   405  C CD1 . LEU A 1 59  ? -8.478  0.239   -3.958  1.00 7.38  ? 60  LEU A CD1 1 
ATOM   406  C CD2 . LEU A 1 59  ? -8.843  -0.930  -1.771  1.00 8.67  ? 60  LEU A CD2 1 
ATOM   407  N N   . LEU A 1 60  ? -8.553  0.493   1.397   1.00 6.72  ? 61  LEU A N   1 
ATOM   408  C CA  . LEU A 1 60  ? -8.668  -0.507  2.443   1.00 6.58  ? 61  LEU A CA  1 
ATOM   409  C C   . LEU A 1 60  ? -9.689  -1.578  2.104   1.00 6.57  ? 61  LEU A C   1 
ATOM   410  O O   . LEU A 1 60  ? -10.778 -1.273  1.629   1.00 7.89  ? 61  LEU A O   1 
ATOM   411  C CB  . LEU A 1 60  ? -9.083  0.170   3.756   1.00 7.30  ? 61  LEU A CB  1 
ATOM   412  C CG  . LEU A 1 60  ? -9.490  -0.742  4.921   1.00 5.22  ? 61  LEU A CG  1 
ATOM   413  C CD1 . LEU A 1 60  ? -8.281  -1.539  5.418   1.00 7.77  ? 61  LEU A CD1 1 
ATOM   414  C CD2 . LEU A 1 60  ? -10.058 0.105   6.056   1.00 7.80  ? 61  LEU A CD2 1 
ATOM   415  N N   . VAL A 1 61  ? -9.320  -2.835  2.322   1.00 6.71  ? 62  VAL A N   1 
ATOM   416  C CA  . VAL A 1 61  ? -10.259 -3.926  2.110   1.00 6.10  ? 62  VAL A CA  1 
ATOM   417  C C   . VAL A 1 61  ? -10.357 -4.589  3.474   1.00 7.75  ? 62  VAL A C   1 
ATOM   418  O O   . VAL A 1 61  ? -9.390  -5.169  3.975   1.00 8.50  ? 62  VAL A O   1 
ATOM   419  C CB  . VAL A 1 61  ? -9.777  -4.960  1.062   1.00 7.04  ? 62  VAL A CB  1 
ATOM   420  C CG1 . VAL A 1 61  ? -10.775 -6.124  1.002   1.00 7.77  ? 62  VAL A CG1 1 
ATOM   421  C CG2 . VAL A 1 61  ? -9.657  -4.302  -0.312  1.00 8.39  ? 62  VAL A CG2 1 
ATOM   422  N N   . LYS A 1 62  ? -11.525 -4.461  4.090   1.00 8.44  ? 63  LYS A N   1 
ATOM   423  C CA  . LYS A 1 62  ? -11.757 -5.045  5.399   1.00 9.24  ? 63  LYS A CA  1 
ATOM   424  C C   . LYS A 1 62  ? -12.142 -6.506  5.272   1.00 8.31  ? 63  LYS A C   1 
ATOM   425  O O   . LYS A 1 62  ? -12.430 -6.989  4.180   1.00 9.42  ? 63  LYS A O   1 
ATOM   426  C CB  . LYS A 1 62  ? -12.869 -4.286  6.121   1.00 8.02  ? 63  LYS A CB  1 
ATOM   427  C CG  . LYS A 1 62  ? -12.478 -2.885  6.555   1.00 8.56  ? 63  LYS A CG  1 
ATOM   428  C CD  . LYS A 1 62  ? -13.546 -2.263  7.439   1.00 9.14  ? 63  LYS A CD  1 
ATOM   429  C CE  . LYS A 1 62  ? -13.028 -0.983  8.070   1.00 7.87  ? 63  LYS A CE  1 
ATOM   430  N NZ  . LYS A 1 62  ? -13.995 -0.430  9.076   1.00 9.80  ? 63  LYS A NZ  1 
ATOM   431  N N   . HIS A 1 63  ? -12.127 -7.208  6.401   1.00 8.59  ? 64  HIS A N   1 
ATOM   432  C CA  . HIS A 1 63  ? -12.515 -8.608  6.439   1.00 9.14  ? 64  HIS A CA  1 
ATOM   433  C C   . HIS A 1 63  ? -13.194 -8.886  7.775   1.00 10.54 ? 64  HIS A C   1 
ATOM   434  O O   . HIS A 1 63  ? -13.229 -8.025  8.653   1.00 9.73  ? 64  HIS A O   1 
ATOM   435  C CB  . HIS A 1 63  ? -11.304 -9.524  6.213   1.00 10.10 ? 64  HIS A CB  1 
ATOM   436  C CG  . HIS A 1 63  ? -10.127 -9.210  7.080   1.00 10.12 ? 64  HIS A CG  1 
ATOM   437  N ND1 . HIS A 1 63  ? -10.071 -9.554  8.412   1.00 11.35 ? 64  HIS A ND1 1 
ATOM   438  C CD2 . HIS A 1 63  ? -8.962  -8.575  6.805   1.00 11.00 ? 64  HIS A CD2 1 
ATOM   439  C CE1 . HIS A 1 63  ? -8.922  -9.148  8.921   1.00 11.80 ? 64  HIS A CE1 1 
ATOM   440  N NE2 . HIS A 1 63  ? -8.231  -8.549  7.967   1.00 10.60 ? 64  HIS A NE2 1 
ATOM   441  N N   . SER A 1 64  ? -13.749 -10.082 7.920   1.00 10.68 ? 65  SER A N   1 
ATOM   442  C CA  . SER A 1 64  ? -14.464 -10.445 9.140   1.00 10.78 ? 65  SER A CA  1 
ATOM   443  C C   . SER A 1 64  ? -13.669 -10.294 10.430  1.00 11.75 ? 65  SER A C   1 
ATOM   444  O O   . SER A 1 64  ? -14.253 -10.176 11.505  1.00 12.31 ? 65  SER A O   1 
ATOM   445  C CB  . SER A 1 64  ? -14.987 -11.878 9.026   1.00 12.26 ? 65  SER A CB  1 
ATOM   446  O OG  . SER A 1 64  ? -13.928 -12.806 8.885   1.00 13.74 ? 65  SER A OG  1 
ATOM   447  N N   . GLN A 1 65  ? -12.345 -10.287 10.337  1.00 12.47 ? 66  GLN A N   1 
ATOM   448  C CA  . GLN A 1 65  ? -11.522 -10.153 11.534  1.00 13.51 ? 66  GLN A CA  1 
ATOM   449  C C   . GLN A 1 65  ? -11.017 -8.729  11.762  1.00 13.45 ? 66  GLN A C   1 
ATOM   450  O O   . GLN A 1 65  ? -10.153 -8.502  12.608  1.00 14.36 ? 66  GLN A O   1 
ATOM   451  C CB  . GLN A 1 65  ? -10.348 -11.131 11.470  1.00 16.52 ? 66  GLN A CB  1 
ATOM   452  C CG  . GLN A 1 65  ? -10.771 -12.570 11.199  1.00 19.53 ? 66  GLN A CG  1 
ATOM   453  C CD  . GLN A 1 65  ? -11.828 -13.066 12.168  1.00 22.59 ? 66  GLN A CD  1 
ATOM   454  O OE1 . GLN A 1 65  ? -11.598 -13.129 13.376  1.00 23.23 ? 66  GLN A OE1 1 
ATOM   455  N NE2 . GLN A 1 65  ? -12.997 -13.422 11.641  1.00 22.40 ? 66  GLN A NE2 1 
ATOM   456  N N   . SER A 1 66  ? -11.555 -7.776  11.000  1.00 11.14 ? 67  SER A N   1 
ATOM   457  C CA  . SER A 1 66  ? -11.185 -6.368  11.139  1.00 11.00 ? 67  SER A CA  1 
ATOM   458  C C   . SER A 1 66  ? -11.677 -5.835  12.482  1.00 11.62 ? 67  SER A C   1 
ATOM   459  O O   . SER A 1 66  ? -12.660 -6.340  13.033  1.00 10.49 ? 67  SER A O   1 
ATOM   460  C CB  . SER A 1 66  ? -11.818 -5.533  10.019  1.00 10.09 ? 67  SER A CB  1 
ATOM   461  O OG  . SER A 1 66  ? -11.189 -5.767  8.771   1.00 8.84  ? 67  SER A OG  1 
ATOM   462  N N   . ARG A 1 67  ? -11.002 -4.816  13.009  1.00 9.98  ? 68  ARG A N   1 
ATOM   463  C CA  . ARG A 1 67  ? -11.406 -4.236  14.290  1.00 13.78 ? 68  ARG A CA  1 
ATOM   464  C C   . ARG A 1 67  ? -12.845 -3.735  14.227  1.00 13.90 ? 68  ARG A C   1 
ATOM   465  O O   . ARG A 1 67  ? -13.588 -3.827  15.205  1.00 13.17 ? 68  ARG A O   1 
ATOM   466  C CB  . ARG A 1 67  ? -10.467 -3.092  14.688  1.00 25.80 ? 68  ARG A CB  1 
ATOM   467  C CG  . ARG A 1 67  ? -10.428 -1.920  13.724  1.00 36.91 ? 68  ARG A CG  1 
ATOM   468  C CD  . ARG A 1 67  ? -9.481  -0.843  14.237  1.00 45.13 ? 68  ARG A CD  1 
ATOM   469  N NE  . ARG A 1 67  ? -9.385  0.299   13.332  1.00 50.48 ? 68  ARG A NE  1 
ATOM   470  C CZ  . ARG A 1 67  ? -8.617  1.361   13.551  1.00 52.89 ? 68  ARG A CZ  1 
ATOM   471  N NH1 . ARG A 1 67  ? -7.876  1.431   14.650  1.00 54.19 ? 68  ARG A NH1 1 
ATOM   472  N NH2 . ARG A 1 67  ? -8.586  2.355   12.674  1.00 53.84 ? 68  ARG A NH2 1 
ATOM   473  N N   . ARG A 1 68  ? -13.229 -3.195  13.076  1.00 12.70 ? 69  ARG A N   1 
ATOM   474  C CA  . ARG A 1 68  ? -14.588 -2.703  12.857  1.00 15.76 ? 69  ARG A CA  1 
ATOM   475  C C   . ARG A 1 68  ? -15.048 -3.327  11.543  1.00 12.62 ? 69  ARG A C   1 
ATOM   476  O O   . ARG A 1 68  ? -14.903 -2.723  10.479  1.00 11.42 ? 69  ARG A O   1 
ATOM   477  C CB  . ARG A 1 68  ? -14.590 -1.179  12.742  1.00 31.46 ? 69  ARG A CB  1 
ATOM   478  C CG  . ARG A 1 68  ? -14.097 -0.457  13.985  1.00 45.01 ? 69  ARG A CG  1 
ATOM   479  C CD  . ARG A 1 68  ? -14.059 1.048   13.762  1.00 54.54 ? 69  ARG A CD  1 
ATOM   480  N NE  . ARG A 1 68  ? -15.369 1.580   13.396  1.00 60.89 ? 69  ARG A NE  1 
ATOM   481  C CZ  . ARG A 1 68  ? -15.603 2.854   13.098  1.00 63.77 ? 69  ARG A CZ  1 
ATOM   482  N NH1 . ARG A 1 68  ? -14.611 3.735   13.123  1.00 65.11 ? 69  ARG A NH1 1 
ATOM   483  N NH2 . ARG A 1 68  ? -16.827 3.249   12.774  1.00 65.28 ? 69  ARG A NH2 1 
ATOM   484  N N   . PRO A 1 69  ? -15.604 -4.550  11.600  1.00 13.01 ? 70  PRO A N   1 
ATOM   485  C CA  . PRO A 1 69  ? -16.078 -5.270  10.412  1.00 11.70 ? 70  PRO A CA  1 
ATOM   486  C C   . PRO A 1 69  ? -17.329 -4.687  9.758   1.00 11.83 ? 70  PRO A C   1 
ATOM   487  O O   . PRO A 1 69  ? -18.341 -5.373  9.591   1.00 11.47 ? 70  PRO A O   1 
ATOM   488  C CB  . PRO A 1 69  ? -16.298 -6.679  10.942  1.00 13.70 ? 70  PRO A CB  1 
ATOM   489  C CG  . PRO A 1 69  ? -16.802 -6.415  12.325  1.00 12.81 ? 70  PRO A CG  1 
ATOM   490  C CD  . PRO A 1 69  ? -15.872 -5.329  12.825  1.00 14.02 ? 70  PRO A CD  1 
ATOM   491  N N   . SER A 1 70  ? -17.234 -3.421  9.373   1.00 11.07 ? 71  SER A N   1 
ATOM   492  C CA  . SER A 1 70  ? -18.338 -2.720  8.740   1.00 12.08 ? 71  SER A CA  1 
ATOM   493  C C   . SER A 1 70  ? -17.781 -1.510  8.002   1.00 12.03 ? 71  SER A C   1 
ATOM   494  O O   . SER A 1 70  ? -16.727 -0.992  8.365   1.00 10.04 ? 71  SER A O   1 
ATOM   495  C CB  . SER A 1 70  ? -19.339 -2.269  9.807   1.00 20.83 ? 71  SER A CB  1 
ATOM   496  O OG  . SER A 1 70  ? -20.430 -1.580  9.231   1.00 24.36 ? 71  SER A OG  1 
ATOM   497  N N   . SER A 1 71  ? -18.479 -1.065  6.962   1.00 11.96 ? 72  SER A N   1 
ATOM   498  C CA  . SER A 1 71  ? -18.033 0.095   6.201   1.00 11.02 ? 72  SER A CA  1 
ATOM   499  C C   . SER A 1 71  ? -19.200 0.709   5.444   1.00 11.74 ? 72  SER A C   1 
ATOM   500  O O   . SER A 1 71  ? -20.296 0.139   5.395   1.00 10.95 ? 72  SER A O   1 
ATOM   501  C CB  . SER A 1 71  ? -16.948 -0.295  5.197   1.00 11.69 ? 72  SER A CB  1 
ATOM   502  O OG  . SER A 1 71  ? -17.528 -0.884  4.046   1.00 11.62 ? 72  SER A OG  1 
ATOM   503  N N   . TRP A 1 72  ? -18.947 1.865   4.842   1.00 10.27 ? 73  TRP A N   1 
ATOM   504  C CA  . TRP A 1 72  ? -19.961 2.577   4.076   1.00 10.57 ? 73  TRP A CA  1 
ATOM   505  C C   . TRP A 1 72  ? -20.499 1.758   2.906   1.00 11.43 ? 73  TRP A C   1 
ATOM   506  O O   . TRP A 1 72  ? -21.589 2.032   2.413   1.00 12.68 ? 73  TRP A O   1 
ATOM   507  C CB  . TRP A 1 72  ? -19.401 3.898   3.546   1.00 12.45 ? 73  TRP A CB  1 
ATOM   508  C CG  . TRP A 1 72  ? -18.329 3.714   2.521   1.00 12.22 ? 73  TRP A CG  1 
ATOM   509  C CD1 . TRP A 1 72  ? -16.994 3.552   2.753   1.00 12.94 ? 73  TRP A CD1 1 
ATOM   510  C CD2 . TRP A 1 72  ? -18.502 3.635   1.100   1.00 11.75 ? 73  TRP A CD2 1 
ATOM   511  N NE1 . TRP A 1 72  ? -16.325 3.378   1.565   1.00 12.29 ? 73  TRP A NE1 1 
ATOM   512  C CE2 . TRP A 1 72  ? -17.226 3.424   0.534   1.00 13.11 ? 73  TRP A CE2 1 
ATOM   513  C CE3 . TRP A 1 72  ? -19.613 3.720   0.247   1.00 12.85 ? 73  TRP A CE3 1 
ATOM   514  C CZ2 . TRP A 1 72  ? -17.027 3.299   -0.845  1.00 13.50 ? 73  TRP A CZ2 1 
ATOM   515  C CZ3 . TRP A 1 72  ? -19.413 3.595   -1.127  1.00 11.40 ? 73  TRP A CZ3 1 
ATOM   516  C CH2 . TRP A 1 72  ? -18.129 3.386   -1.656  1.00 13.93 ? 73  TRP A CH2 1 
ATOM   517  N N   . ARG A 1 73  ? -19.746 0.763   2.445   1.00 11.08 ? 74  ARG A N   1 
ATOM   518  C CA  . ARG A 1 73  ? -20.233 -0.044  1.329   1.00 10.96 ? 74  ARG A CA  1 
ATOM   519  C C   . ARG A 1 73  ? -20.720 -1.432  1.739   1.00 10.99 ? 74  ARG A C   1 
ATOM   520  O O   . ARG A 1 73  ? -21.085 -2.243  0.889   1.00 10.93 ? 74  ARG A O   1 
ATOM   521  C CB  . ARG A 1 73  ? -19.171 -0.142  0.219   1.00 15.97 ? 74  ARG A CB  1 
ATOM   522  C CG  . ARG A 1 73  ? -17.833 -0.746  0.618   1.00 14.29 ? 74  ARG A CG  1 
ATOM   523  C CD  . ARG A 1 73  ? -16.792 -0.546  -0.498  1.00 17.21 ? 74  ARG A CD  1 
ATOM   524  N NE  . ARG A 1 73  ? -17.241 -1.067  -1.789  1.00 19.13 ? 74  ARG A NE  1 
ATOM   525  C CZ  . ARG A 1 73  ? -17.249 -2.354  -2.122  1.00 22.15 ? 74  ARG A CZ  1 
ATOM   526  N NH1 . ARG A 1 73  ? -16.825 -3.266  -1.258  1.00 26.13 ? 74  ARG A NH1 1 
ATOM   527  N NH2 . ARG A 1 73  ? -17.692 -2.732  -3.315  1.00 21.56 ? 74  ARG A NH2 1 
ATOM   528  N N   . GLN A 1 74  ? -20.750 -1.694  3.045   1.00 10.93 ? 75  GLN A N   1 
ATOM   529  C CA  . GLN A 1 74  ? -21.209 -2.986  3.553   1.00 11.44 ? 75  GLN A CA  1 
ATOM   530  C C   . GLN A 1 74  ? -21.343 -2.941  5.077   1.00 12.21 ? 75  GLN A C   1 
ATOM   531  O O   . GLN A 1 74  ? -20.344 -2.975  5.796   1.00 11.29 ? 75  GLN A O   1 
ATOM   532  C CB  . GLN A 1 74  ? -20.222 -4.077  3.119   1.00 13.32 ? 75  GLN A CB  1 
ATOM   533  C CG  . GLN A 1 74  ? -20.622 -5.495  3.457   1.00 16.15 ? 75  GLN A CG  1 
ATOM   534  C CD  . GLN A 1 74  ? -19.811 -6.517  2.679   1.00 18.02 ? 75  GLN A CD  1 
ATOM   535  O OE1 . GLN A 1 74  ? -18.596 -6.378  2.528   1.00 16.30 ? 75  GLN A OE1 1 
ATOM   536  N NE2 . GLN A 1 74  ? -20.481 -7.554  2.188   1.00 20.24 ? 75  GLN A NE2 1 
ATOM   537  N N   . GLU A 1 75  ? -22.580 -2.857  5.568   1.00 12.26 ? 76  GLU A N   1 
ATOM   538  C CA  . GLU A 1 75  ? -22.827 -2.785  7.010   1.00 13.16 ? 76  GLU A CA  1 
ATOM   539  C C   . GLU A 1 75  ? -22.239 -3.957  7.783   1.00 12.76 ? 76  GLU A C   1 
ATOM   540  O O   . GLU A 1 75  ? -21.808 -3.798  8.924   1.00 15.10 ? 76  GLU A O   1 
ATOM   541  C CB  . GLU A 1 75  ? -24.330 -2.682  7.298   1.00 14.78 ? 76  GLU A CB  1 
ATOM   542  C CG  . GLU A 1 75  ? -24.710 -2.743  8.787   1.00 18.27 ? 76  GLU A CG  1 
ATOM   543  C CD  . GLU A 1 75  ? -23.971 -1.722  9.648   1.00 19.52 ? 76  GLU A CD  1 
ATOM   544  O OE1 . GLU A 1 75  ? -23.638 -0.634  9.130   1.00 21.80 ? 76  GLU A OE1 1 
ATOM   545  O OE2 . GLU A 1 75  ? -23.737 -1.995  10.852  1.00 16.67 ? 76  GLU A OE2 1 
ATOM   546  N N   . LYS A 1 76  ? -22.219 -5.130  7.161   1.00 12.25 ? 77  LYS A N   1 
ATOM   547  C CA  . LYS A 1 76  ? -21.666 -6.316  7.800   1.00 14.47 ? 77  LYS A CA  1 
ATOM   548  C C   . LYS A 1 76  ? -20.641 -6.994  6.891   1.00 13.31 ? 77  LYS A C   1 
ATOM   549  O O   . LYS A 1 76  ? -21.002 -7.701  5.946   1.00 13.96 ? 77  LYS A O   1 
ATOM   550  C CB  . LYS A 1 76  ? -22.788 -7.300  8.150   1.00 24.00 ? 77  LYS A CB  1 
ATOM   551  C CG  . LYS A 1 76  ? -22.301 -8.623  8.721   1.00 31.37 ? 77  LYS A CG  1 
ATOM   552  C CD  . LYS A 1 76  ? -21.540 -8.434  10.021  1.00 37.29 ? 77  LYS A CD  1 
ATOM   553  C CE  . LYS A 1 76  ? -21.007 -9.763  10.539  1.00 40.86 ? 77  LYS A CE  1 
ATOM   554  N NZ  . LYS A 1 76  ? -22.092 -10.764 10.737  1.00 43.01 ? 77  LYS A NZ  1 
ATOM   555  N N   . ILE A 1 77  ? -19.362 -6.764  7.178   1.00 10.97 ? 78  ILE A N   1 
ATOM   556  C CA  . ILE A 1 77  ? -18.277 -7.351  6.390   1.00 10.96 ? 78  ILE A CA  1 
ATOM   557  C C   . ILE A 1 77  ? -18.118 -8.818  6.786   1.00 11.72 ? 78  ILE A C   1 
ATOM   558  O O   . ILE A 1 77  ? -17.901 -9.133  7.959   1.00 13.83 ? 78  ILE A O   1 
ATOM   559  C CB  . ILE A 1 77  ? -16.943 -6.611  6.634   1.00 13.90 ? 78  ILE A CB  1 
ATOM   560  C CG1 . ILE A 1 77  ? -17.079 -5.138  6.235   1.00 17.31 ? 78  ILE A CG1 1 
ATOM   561  C CG2 . ILE A 1 77  ? -15.824 -7.275  5.834   1.00 13.25 ? 78  ILE A CG2 1 
ATOM   562  C CD1 . ILE A 1 77  ? -17.197 -4.912  4.746   1.00 20.03 ? 78  ILE A CD1 1 
ATOM   563  N N   . THR A 1 78  ? -18.223 -9.709  5.805   1.00 13.26 ? 79  THR A N   1 
ATOM   564  C CA  . THR A 1 78  ? -18.118 -11.141 6.066   1.00 13.99 ? 79  THR A CA  1 
ATOM   565  C C   . THR A 1 78  ? -17.017 -11.867 5.291   1.00 13.79 ? 79  THR A C   1 
ATOM   566  O O   . THR A 1 78  ? -16.805 -13.063 5.495   1.00 14.95 ? 79  THR A O   1 
ATOM   567  C CB  . THR A 1 78  ? -19.454 -11.842 5.765   1.00 15.91 ? 79  THR A CB  1 
ATOM   568  O OG1 . THR A 1 78  ? -19.777 -11.672 4.379   1.00 17.30 ? 79  THR A OG1 1 
ATOM   569  C CG2 . THR A 1 78  ? -20.573 -11.246 6.615   1.00 17.71 ? 79  THR A CG2 1 
ATOM   570  N N   . ARG A 1 79  ? -16.315 -11.167 4.405   1.00 11.92 ? 80  ARG A N   1 
ATOM   571  C CA  . ARG A 1 79  ? -15.262 -11.824 3.645   1.00 12.51 ? 80  ARG A CA  1 
ATOM   572  C C   . ARG A 1 79  ? -14.114 -12.221 4.568   1.00 11.39 ? 80  ARG A C   1 
ATOM   573  O O   . ARG A 1 79  ? -13.854 -11.559 5.575   1.00 12.53 ? 80  ARG A O   1 
ATOM   574  C CB  . ARG A 1 79  ? -14.747 -10.916 2.519   1.00 12.23 ? 80  ARG A CB  1 
ATOM   575  C CG  . ARG A 1 79  ? -13.957 -9.700  2.975   1.00 13.76 ? 80  ARG A CG  1 
ATOM   576  C CD  . ARG A 1 79  ? -13.297 -9.003  1.788   1.00 15.45 ? 80  ARG A CD  1 
ATOM   577  N NE  . ARG A 1 79  ? -14.256 -8.308  0.936   1.00 20.23 ? 80  ARG A NE  1 
ATOM   578  C CZ  . ARG A 1 79  ? -14.739 -7.093  1.175   1.00 20.67 ? 80  ARG A CZ  1 
ATOM   579  N NH1 . ARG A 1 79  ? -14.359 -6.416  2.252   1.00 24.44 ? 80  ARG A NH1 1 
ATOM   580  N NH2 . ARG A 1 79  ? -15.599 -6.550  0.324   1.00 13.18 ? 80  ARG A NH2 1 
ATOM   581  N N   . THR A 1 80  ? -13.438 -13.312 4.233   1.00 11.87 ? 81  THR A N   1 
ATOM   582  C CA  . THR A 1 80  ? -12.318 -13.778 5.043   1.00 11.70 ? 81  THR A CA  1 
ATOM   583  C C   . THR A 1 80  ? -11.090 -12.936 4.723   1.00 12.25 ? 81  THR A C   1 
ATOM   584  O O   . THR A 1 80  ? -11.089 -12.175 3.755   1.00 10.43 ? 81  THR A O   1 
ATOM   585  C CB  . THR A 1 80  ? -11.978 -15.241 4.740   1.00 13.73 ? 81  THR A CB  1 
ATOM   586  O OG1 . THR A 1 80  ? -11.531 -15.350 3.383   1.00 13.93 ? 81  THR A OG1 1 
ATOM   587  C CG2 . THR A 1 80  ? -13.200 -16.124 4.936   1.00 13.87 ? 81  THR A CG2 1 
ATOM   588  N N   . LYS A 1 81  ? -10.046 -13.073 5.533   1.00 11.18 ? 82  LYS A N   1 
ATOM   589  C CA  . LYS A 1 81  ? -8.818  -12.323 5.292   1.00 13.22 ? 82  LYS A CA  1 
ATOM   590  C C   . LYS A 1 81  ? -8.232  -12.777 3.959   1.00 12.23 ? 82  LYS A C   1 
ATOM   591  O O   . LYS A 1 81  ? -7.660  -11.978 3.216   1.00 10.59 ? 82  LYS A O   1 
ATOM   592  C CB  . LYS A 1 81  ? -7.809  -12.567 6.411   1.00 22.61 ? 82  LYS A CB  1 
ATOM   593  C CG  . LYS A 1 81  ? -8.335  -12.242 7.797   1.00 30.11 ? 82  LYS A CG  1 
ATOM   594  C CD  . LYS A 1 81  ? -7.203  -12.147 8.806   1.00 34.14 ? 82  LYS A CD  1 
ATOM   595  C CE  . LYS A 1 81  ? -6.362  -13.412 8.833   1.00 36.40 ? 82  LYS A CE  1 
ATOM   596  N NZ  . LYS A 1 81  ? -5.197  -13.267 9.748   1.00 34.73 ? 82  LYS A NZ  1 
ATOM   597  N N   . GLU A 1 82  ? -8.378  -14.065 3.663   1.00 11.25 ? 83  GLU A N   1 
ATOM   598  C CA  . GLU A 1 82  ? -7.878  -14.622 2.408   1.00 12.71 ? 83  GLU A CA  1 
ATOM   599  C C   . GLU A 1 82  ? -8.558  -13.939 1.227   1.00 12.07 ? 83  GLU A C   1 
ATOM   600  O O   . GLU A 1 82  ? -7.908  -13.552 0.253   1.00 10.04 ? 83  GLU A O   1 
ATOM   601  C CB  . GLU A 1 82  ? -8.158  -16.125 2.339   1.00 20.04 ? 83  GLU A CB  1 
ATOM   602  C CG  . GLU A 1 82  ? -7.193  -16.998 3.115   1.00 28.81 ? 83  GLU A CG  1 
ATOM   603  C CD  . GLU A 1 82  ? -5.791  -16.962 2.539   1.00 33.57 ? 83  GLU A CD  1 
ATOM   604  O OE1 . GLU A 1 82  ? -5.663  -16.869 1.298   1.00 36.45 ? 83  GLU A OE1 1 
ATOM   605  O OE2 . GLU A 1 82  ? -4.823  -17.042 3.325   1.00 37.16 ? 83  GLU A OE2 1 
ATOM   606  N N   . GLU A 1 83  ? -9.877  -13.799 1.310   1.00 11.35 ? 84  GLU A N   1 
ATOM   607  C CA  . GLU A 1 83  ? -10.631 -13.155 0.242   1.00 10.89 ? 84  GLU A CA  1 
ATOM   608  C C   . GLU A 1 83  ? -10.218 -11.695 0.117   1.00 9.96  ? 84  GLU A C   1 
ATOM   609  O O   . GLU A 1 83  ? -10.120 -11.162 -0.984  1.00 10.35 ? 84  GLU A O   1 
ATOM   610  C CB  . GLU A 1 83  ? -12.130 -13.267 0.521   1.00 12.59 ? 84  GLU A CB  1 
ATOM   611  C CG  . GLU A 1 83  ? -12.677 -14.664 0.273   1.00 15.95 ? 84  GLU A CG  1 
ATOM   612  C CD  . GLU A 1 83  ? -13.704 -15.080 1.307   1.00 19.95 ? 84  GLU A CD  1 
ATOM   613  O OE1 . GLU A 1 83  ? -14.658 -14.315 1.545   1.00 18.33 ? 84  GLU A OE1 1 
ATOM   614  O OE2 . GLU A 1 83  ? -13.557 -16.181 1.881   1.00 26.54 ? 84  GLU A OE2 1 
ATOM   615  N N   . ALA A 1 84  ? -9.974  -11.051 1.251   1.00 9.50  ? 85  ALA A N   1 
ATOM   616  C CA  . ALA A 1 84  ? -9.556  -9.655  1.247   1.00 9.02  ? 85  ALA A CA  1 
ATOM   617  C C   . ALA A 1 84  ? -8.211  -9.498  0.537   1.00 8.87  ? 85  ALA A C   1 
ATOM   618  O O   . ALA A 1 84  ? -8.034  -8.580  -0.265  1.00 8.14  ? 85  ALA A O   1 
ATOM   619  C CB  . ALA A 1 84  ? -9.460  -9.136  2.677   1.00 10.13 ? 85  ALA A CB  1 
ATOM   620  N N   . LEU A 1 85  ? -7.265  -10.392 0.822   1.00 8.75  ? 86  LEU A N   1 
ATOM   621  C CA  . LEU A 1 85  ? -5.951  -10.315 0.185   1.00 7.85  ? 86  LEU A CA  1 
ATOM   622  C C   . LEU A 1 85  ? -6.092  -10.526 -1.317  1.00 9.50  ? 86  LEU A C   1 
ATOM   623  O O   . LEU A 1 85  ? -5.408  -9.873  -2.109  1.00 8.01  ? 86  LEU A O   1 
ATOM   624  C CB  . LEU A 1 85  ? -4.990  -11.357 0.769   1.00 10.10 ? 86  LEU A CB  1 
ATOM   625  C CG  . LEU A 1 85  ? -3.597  -11.386 0.131   1.00 8.92  ? 86  LEU A CG  1 
ATOM   626  C CD1 . LEU A 1 85  ? -2.926  -10.020 0.269   1.00 9.82  ? 86  LEU A CD1 1 
ATOM   627  C CD2 . LEU A 1 85  ? -2.758  -12.472 0.793   1.00 10.44 ? 86  LEU A CD2 1 
ATOM   628  N N   . GLU A 1 86  ? -6.977  -11.441 -1.706  1.00 9.50  ? 87  GLU A N   1 
ATOM   629  C CA  . GLU A 1 86  ? -7.214  -11.719 -3.122  1.00 10.63 ? 87  GLU A CA  1 
ATOM   630  C C   . GLU A 1 86  ? -7.675  -10.448 -3.825  1.00 9.46  ? 87  GLU A C   1 
ATOM   631  O O   . GLU A 1 86  ? -7.215  -10.136 -4.923  1.00 9.88  ? 87  GLU A O   1 
ATOM   632  C CB  . GLU A 1 86  ? -8.285  -12.802 -3.284  1.00 17.49 ? 87  GLU A CB  1 
ATOM   633  C CG  . GLU A 1 86  ? -7.853  -14.188 -2.851  1.00 28.43 ? 87  GLU A CG  1 
ATOM   634  C CD  . GLU A 1 86  ? -6.693  -14.710 -3.668  1.00 33.02 ? 87  GLU A CD  1 
ATOM   635  O OE1 . GLU A 1 86  ? -6.741  -14.591 -4.911  1.00 36.81 ? 87  GLU A OE1 1 
ATOM   636  O OE2 . GLU A 1 86  ? -5.737  -15.247 -3.069  1.00 37.52 ? 87  GLU A OE2 1 
ATOM   637  N N   . LEU A 1 87  ? -8.593  -9.717  -3.196  1.00 7.86  ? 88  LEU A N   1 
ATOM   638  C CA  . LEU A 1 87  ? -9.096  -8.480  -3.779  1.00 6.69  ? 88  LEU A CA  1 
ATOM   639  C C   . LEU A 1 87  ? -7.976  -7.445  -3.867  1.00 7.47  ? 88  LEU A C   1 
ATOM   640  O O   . LEU A 1 87  ? -7.822  -6.779  -4.893  1.00 8.19  ? 88  LEU A O   1 
ATOM   641  C CB  . LEU A 1 87  ? -10.264 -7.938  -2.948  1.00 8.62  ? 88  LEU A CB  1 
ATOM   642  C CG  . LEU A 1 87  ? -11.585 -8.707  -3.073  1.00 8.26  ? 88  LEU A CG  1 
ATOM   643  C CD1 . LEU A 1 87  ? -12.513 -8.337  -1.927  1.00 10.95 ? 88  LEU A CD1 1 
ATOM   644  C CD2 . LEU A 1 87  ? -12.239 -8.400  -4.412  1.00 12.43 ? 88  LEU A CD2 1 
ATOM   645  N N   . ILE A 1 88  ? -7.195  -7.319  -2.797  1.00 8.56  ? 89  ILE A N   1 
ATOM   646  C CA  . ILE A 1 88  ? -6.081  -6.375  -2.761  1.00 7.70  ? 89  ILE A CA  1 
ATOM   647  C C   . ILE A 1 88  ? -5.099  -6.677  -3.893  1.00 8.00  ? 89  ILE A C   1 
ATOM   648  O O   . ILE A 1 88  ? -4.697  -5.766  -4.628  1.00 8.04  ? 89  ILE A O   1 
ATOM   649  C CB  . ILE A 1 88  ? -5.358  -6.430  -1.383  1.00 7.83  ? 89  ILE A CB  1 
ATOM   650  C CG1 . ILE A 1 88  ? -6.199  -5.691  -0.332  1.00 9.22  ? 89  ILE A CG1 1 
ATOM   651  C CG2 . ILE A 1 88  ? -3.954  -5.812  -1.481  1.00 9.34  ? 89  ILE A CG2 1 
ATOM   652  C CD1 . ILE A 1 88  ? -6.224  -4.172  -0.500  1.00 9.15  ? 89  ILE A CD1 1 
ATOM   653  N N   . ASN A 1 89  ? -4.718  -7.946  -4.041  1.00 7.34  ? 90  ASN A N   1 
ATOM   654  C CA  . ASN A 1 89  ? -3.800  -8.329  -5.114  1.00 8.47  ? 90  ASN A CA  1 
ATOM   655  C C   . ASN A 1 89  ? -4.407  -7.989  -6.471  1.00 7.14  ? 90  ASN A C   1 
ATOM   656  O O   . ASN A 1 89  ? -3.700  -7.581  -7.394  1.00 8.01  ? 90  ASN A O   1 
ATOM   657  C CB  . ASN A 1 89  ? -3.474  -9.826  -5.057  1.00 10.33 ? 90  ASN A CB  1 
ATOM   658  C CG  . ASN A 1 89  ? -2.500  -10.174 -3.943  1.00 10.63 ? 90  ASN A CG  1 
ATOM   659  O OD1 . ASN A 1 89  ? -1.654  -9.364  -3.568  1.00 14.14 ? 90  ASN A OD1 1 
ATOM   660  N ND2 . ASN A 1 89  ? -2.602  -11.394 -3.428  1.00 14.95 ? 90  ASN A ND2 1 
ATOM   661  N N   . GLY A 1 90  ? -5.718  -8.160  -6.592  1.00 7.57  ? 91  GLY A N   1 
ATOM   662  C CA  . GLY A 1 90  ? -6.391  -7.845  -7.842  1.00 8.11  ? 91  GLY A CA  1 
ATOM   663  C C   . GLY A 1 90  ? -6.321  -6.361  -8.162  1.00 7.61  ? 91  GLY A C   1 
ATOM   664  O O   . GLY A 1 90  ? -6.045  -5.975  -9.302  1.00 7.69  ? 91  GLY A O   1 
ATOM   665  N N   . TYR A 1 91  ? -6.565  -5.519  -7.160  1.00 7.71  ? 92  TYR A N   1 
ATOM   666  C CA  . TYR A 1 91  ? -6.521  -4.079  -7.373  1.00 7.00  ? 92  TYR A CA  1 
ATOM   667  C C   . TYR A 1 91  ? -5.107  -3.635  -7.741  1.00 6.15  ? 92  TYR A C   1 
ATOM   668  O O   . TYR A 1 91  ? -4.931  -2.774  -8.603  1.00 8.46  ? 92  TYR A O   1 
ATOM   669  C CB  . TYR A 1 91  ? -7.009  -3.324  -6.129  1.00 7.79  ? 92  TYR A CB  1 
ATOM   670  C CG  . TYR A 1 91  ? -8.465  -3.577  -5.774  1.00 8.86  ? 92  TYR A CG  1 
ATOM   671  C CD1 . TYR A 1 91  ? -9.455  -3.598  -6.760  1.00 10.03 ? 92  TYR A CD1 1 
ATOM   672  C CD2 . TYR A 1 91  ? -8.853  -3.785  -4.451  1.00 8.40  ? 92  TYR A CD2 1 
ATOM   673  C CE1 . TYR A 1 91  ? -10.793 -3.823  -6.434  1.00 10.82 ? 92  TYR A CE1 1 
ATOM   674  C CE2 . TYR A 1 91  ? -10.181 -4.005  -4.115  1.00 9.32  ? 92  TYR A CE2 1 
ATOM   675  C CZ  . TYR A 1 91  ? -11.148 -4.023  -5.107  1.00 9.65  ? 92  TYR A CZ  1 
ATOM   676  O OH  . TYR A 1 91  ? -12.471 -4.226  -4.772  1.00 11.19 ? 92  TYR A OH  1 
ATOM   677  N N   . ILE A 1 92  ? -4.106  -4.221  -7.091  1.00 5.83  ? 93  ILE A N   1 
ATOM   678  C CA  . ILE A 1 92  ? -2.715  -3.883  -7.382  1.00 6.08  ? 93  ILE A CA  1 
ATOM   679  C C   . ILE A 1 92  ? -2.399  -4.235  -8.837  1.00 7.14  ? 93  ILE A C   1 
ATOM   680  O O   . ILE A 1 92  ? -1.792  -3.439  -9.554  1.00 7.62  ? 93  ILE A O   1 
ATOM   681  C CB  . ILE A 1 92  ? -1.738  -4.643  -6.442  1.00 5.53  ? 93  ILE A CB  1 
ATOM   682  C CG1 . ILE A 1 92  ? -1.862  -4.094  -5.017  1.00 7.04  ? 93  ILE A CG1 1 
ATOM   683  C CG2 . ILE A 1 92  ? -0.300  -4.511  -6.954  1.00 6.15  ? 93  ILE A CG2 1 
ATOM   684  C CD1 . ILE A 1 92  ? -1.011  -4.820  -3.988  1.00 7.13  ? 93  ILE A CD1 1 
ATOM   685  N N   . GLN A 1 93  ? -2.813  -5.422  -9.268  1.00 6.21  ? 94  GLN A N   1 
ATOM   686  C CA  . GLN A 1 93  ? -2.562  -5.853  -10.637 1.00 7.44  ? 94  GLN A CA  1 
ATOM   687  C C   . GLN A 1 93  ? -3.276  -4.945  -11.642 1.00 7.53  ? 94  GLN A C   1 
ATOM   688  O O   . GLN A 1 93  ? -2.724  -4.616  -12.694 1.00 7.23  ? 94  GLN A O   1 
ATOM   689  C CB  . GLN A 1 93  ? -3.007  -7.307  -10.837 1.00 12.40 ? 94  GLN A CB  1 
ATOM   690  C CG  . GLN A 1 93  ? -2.528  -7.909  -12.159 1.00 19.31 ? 94  GLN A CG  1 
ATOM   691  C CD  . GLN A 1 93  ? -3.002  -9.336  -12.363 1.00 26.24 ? 94  GLN A CD  1 
ATOM   692  O OE1 . GLN A 1 93  ? -4.062  -9.578  -12.947 1.00 30.11 ? 94  GLN A OE1 1 
ATOM   693  N NE2 . GLN A 1 93  ? -2.214  -10.294 -11.881 1.00 31.52 ? 94  GLN A NE2 1 
ATOM   694  N N   . LYS A 1 94  ? -4.501  -4.534  -11.315 1.00 7.88  ? 95  LYS A N   1 
ATOM   695  C CA  . LYS A 1 94  ? -5.268  -3.656  -12.200 1.00 7.60  ? 95  LYS A CA  1 
ATOM   696  C C   . LYS A 1 94  ? -4.628  -2.274  -12.339 1.00 7.88  ? 95  LYS A C   1 
ATOM   697  O O   . LYS A 1 94  ? -4.613  -1.693  -13.430 1.00 9.55  ? 95  LYS A O   1 
ATOM   698  C CB  . LYS A 1 94  ? -6.700  -3.523  -11.684 1.00 11.52 ? 95  LYS A CB  1 
ATOM   699  C CG  . LYS A 1 94  ? -7.514  -4.798  -11.825 1.00 15.39 ? 95  LYS A CG  1 
ATOM   700  C CD  . LYS A 1 94  ? -8.837  -4.687  -11.089 1.00 19.60 ? 95  LYS A CD  1 
ATOM   701  C CE  . LYS A 1 94  ? -9.648  -5.961  -11.225 1.00 23.62 ? 95  LYS A CE  1 
ATOM   702  N NZ  . LYS A 1 94  ? -10.004 -6.213  -12.644 1.00 26.23 ? 95  LYS A NZ  1 
ATOM   703  N N   . ILE A 1 95  ? -4.106  -1.745  -11.238 1.00 7.72  ? 96  ILE A N   1 
ATOM   704  C CA  . ILE A 1 95  ? -3.450  -0.443  -11.260 1.00 7.55  ? 96  ILE A CA  1 
ATOM   705  C C   . ILE A 1 95  ? -2.137  -0.522  -12.052 1.00 8.27  ? 96  ILE A C   1 
ATOM   706  O O   . ILE A 1 95  ? -1.852  0.338   -12.887 1.00 7.89  ? 96  ILE A O   1 
ATOM   707  C CB  . ILE A 1 95  ? -3.163  0.045   -9.824  1.00 8.83  ? 96  ILE A CB  1 
ATOM   708  C CG1 . ILE A 1 95  ? -4.484  0.278   -9.087  1.00 9.62  ? 96  ILE A CG1 1 
ATOM   709  C CG2 . ILE A 1 95  ? -2.332  1.320   -9.857  1.00 9.65  ? 96  ILE A CG2 1 
ATOM   710  C CD1 . ILE A 1 95  ? -4.328  0.384   -7.575  1.00 8.43  ? 96  ILE A CD1 1 
ATOM   711  N N   . LYS A 1 96  ? -1.346  -1.563  -11.802 1.00 8.73  ? 97  LYS A N   1 
ATOM   712  C CA  . LYS A 1 96  ? -0.075  -1.721  -12.502 1.00 7.64  ? 97  LYS A CA  1 
ATOM   713  C C   . LYS A 1 96  ? -0.242  -1.953  -14.001 1.00 8.22  ? 97  LYS A C   1 
ATOM   714  O O   . LYS A 1 96  ? 0.605   -1.547  -14.790 1.00 9.92  ? 97  LYS A O   1 
ATOM   715  C CB  . LYS A 1 96  ? 0.734   -2.870  -11.891 1.00 6.09  ? 97  LYS A CB  1 
ATOM   716  C CG  . LYS A 1 96  ? 1.245   -2.587  -10.482 1.00 6.08  ? 97  LYS A CG  1 
ATOM   717  C CD  . LYS A 1 96  ? 2.206   -3.674  -10.041 1.00 6.11  ? 97  LYS A CD  1 
ATOM   718  C CE  . LYS A 1 96  ? 2.801   -3.380  -8.673  1.00 8.10  ? 97  LYS A CE  1 
ATOM   719  N NZ  . LYS A 1 96  ? 3.922   -4.328  -8.366  1.00 8.75  ? 97  LYS A NZ  1 
ATOM   720  N N   . SER A 1 97  ? -1.335  -2.601  -14.390 1.00 6.93  ? 98  SER A N   1 
ATOM   721  C CA  . SER A 1 97  ? -1.590  -2.887  -15.800 1.00 7.25  ? 98  SER A CA  1 
ATOM   722  C C   . SER A 1 97  ? -1.970  -1.634  -16.577 1.00 7.45  ? 98  SER A C   1 
ATOM   723  O O   . SER A 1 97  ? -1.721  -1.543  -17.780 1.00 7.00  ? 98  SER A O   1 
ATOM   724  C CB  . SER A 1 97  ? -2.722  -3.906  -15.939 1.00 6.74  ? 98  SER A CB  1 
ATOM   725  O OG  . SER A 1 97  ? -3.975  -3.313  -15.618 1.00 8.80  ? 98  SER A OG  1 
ATOM   726  N N   . GLY A 1 98  ? -2.579  -0.680  -15.877 1.00 7.58  ? 99  GLY A N   1 
ATOM   727  C CA  . GLY A 1 98  ? -3.024  0.554   -16.498 1.00 7.60  ? 99  GLY A CA  1 
ATOM   728  C C   . GLY A 1 98  ? -4.517  0.537   -16.781 1.00 7.50  ? 99  GLY A C   1 
ATOM   729  O O   . GLY A 1 98  ? -5.080  1.537   -17.229 1.00 8.64  ? 99  GLY A O   1 
ATOM   730  N N   . GLU A 1 99  ? -5.173  -0.590  -16.525 1.00 7.74  ? 100 GLU A N   1 
ATOM   731  C CA  . GLU A 1 99  ? -6.604  -0.671  -16.787 1.00 9.99  ? 100 GLU A CA  1 
ATOM   732  C C   . GLU A 1 99  ? -7.438  0.126   -15.789 1.00 9.47  ? 100 GLU A C   1 
ATOM   733  O O   . GLU A 1 99  ? -8.554  0.531   -16.102 1.00 10.66 ? 100 GLU A O   1 
ATOM   734  C CB  . GLU A 1 99  ? -7.065  -2.131  -16.856 1.00 19.37 ? 100 GLU A CB  1 
ATOM   735  C CG  . GLU A 1 99  ? -6.813  -2.970  -15.633 1.00 27.48 ? 100 GLU A CG  1 
ATOM   736  C CD  . GLU A 1 99  ? -7.062  -4.438  -15.916 1.00 33.11 ? 100 GLU A CD  1 
ATOM   737  O OE1 . GLU A 1 99  ? -8.192  -4.778  -16.337 1.00 32.72 ? 100 GLU A OE1 1 
ATOM   738  O OE2 . GLU A 1 99  ? -6.129  -5.247  -15.727 1.00 34.82 ? 100 GLU A OE2 1 
ATOM   739  N N   . GLU A 1 100 ? -6.886  0.367   -14.603 1.00 8.31  ? 101 GLU A N   1 
ATOM   740  C CA  . GLU A 1 100 ? -7.559  1.151   -13.573 1.00 9.93  ? 101 GLU A CA  1 
ATOM   741  C C   . GLU A 1 100 ? -6.553  2.089   -12.925 1.00 9.42  ? 101 GLU A C   1 
ATOM   742  O O   . GLU A 1 100 ? -5.343  1.886   -13.041 1.00 10.54 ? 101 GLU A O   1 
ATOM   743  C CB  . GLU A 1 100 ? -8.151  0.235   -12.495 1.00 11.76 ? 101 GLU A CB  1 
ATOM   744  C CG  . GLU A 1 100 ? -9.304  -0.633  -12.967 1.00 17.95 ? 101 GLU A CG  1 
ATOM   745  C CD  . GLU A 1 100 ? -10.544 0.175   -13.304 1.00 21.76 ? 101 GLU A CD  1 
ATOM   746  O OE1 . GLU A 1 100 ? -10.483 1.003   -14.236 1.00 29.49 ? 101 GLU A OE1 1 
ATOM   747  O OE2 . GLU A 1 100 ? -11.582 -0.014  -12.639 1.00 27.86 ? 101 GLU A OE2 1 
ATOM   748  N N   . ASP A 1 101 ? -7.046  3.133   -12.266 1.00 10.99 ? 102 ASP A N   1 
ATOM   749  C CA  . ASP A 1 101 ? -6.163  4.063   -11.574 1.00 11.14 ? 102 ASP A CA  1 
ATOM   750  C C   . ASP A 1 101 ? -6.478  4.005   -10.079 1.00 9.79  ? 102 ASP A C   1 
ATOM   751  O O   . ASP A 1 101 ? -7.611  3.729   -9.681  1.00 10.10 ? 102 ASP A O   1 
ATOM   752  C CB  . ASP A 1 101 ? -6.324  5.489   -12.127 1.00 14.24 ? 102 ASP A CB  1 
ATOM   753  C CG  . ASP A 1 101 ? -7.689  6.074   -11.860 1.00 18.54 ? 102 ASP A CG  1 
ATOM   754  O OD1 . ASP A 1 101 ? -7.891  6.632   -10.761 1.00 21.03 ? 102 ASP A OD1 1 
ATOM   755  O OD2 . ASP A 1 101 ? -8.560  5.973   -12.750 1.00 20.04 ? 102 ASP A OD2 1 
ATOM   756  N N   . PHE A 1 102 ? -5.466  4.252   -9.256  1.00 9.70  ? 103 PHE A N   1 
ATOM   757  C CA  . PHE A 1 102 ? -5.618  4.183   -7.804  1.00 10.25 ? 103 PHE A CA  1 
ATOM   758  C C   . PHE A 1 102 ? -6.798  4.965   -7.238  1.00 11.60 ? 103 PHE A C   1 
ATOM   759  O O   . PHE A 1 102 ? -7.605  4.416   -6.480  1.00 10.26 ? 103 PHE A O   1 
ATOM   760  C CB  . PHE A 1 102 ? -4.321  4.635   -7.126  1.00 12.40 ? 103 PHE A CB  1 
ATOM   761  C CG  . PHE A 1 102 ? -4.280  4.354   -5.649  1.00 12.66 ? 103 PHE A CG  1 
ATOM   762  C CD1 . PHE A 1 102 ? -4.925  5.189   -4.739  1.00 14.88 ? 103 PHE A CD1 1 
ATOM   763  C CD2 . PHE A 1 102 ? -3.614  3.231   -5.172  1.00 15.09 ? 103 PHE A CD2 1 
ATOM   764  C CE1 . PHE A 1 102 ? -4.901  4.900   -3.368  1.00 13.49 ? 103 PHE A CE1 1 
ATOM   765  C CE2 . PHE A 1 102 ? -3.587  2.939   -3.811  1.00 17.50 ? 103 PHE A CE2 1 
ATOM   766  C CZ  . PHE A 1 102 ? -4.232  3.773   -2.910  1.00 15.86 ? 103 PHE A CZ  1 
ATOM   767  N N   . GLU A 1 103 ? -6.898  6.242   -7.595  1.00 12.36 ? 104 GLU A N   1 
ATOM   768  C CA  . GLU A 1 103 ? -7.987  7.086   -7.104  1.00 16.47 ? 104 GLU A CA  1 
ATOM   769  C C   . GLU A 1 103 ? -9.376  6.535   -7.405  1.00 13.57 ? 104 GLU A C   1 
ATOM   770  O O   . GLU A 1 103 ? -10.247 6.528   -6.535  1.00 13.25 ? 104 GLU A O   1 
ATOM   771  C CB  . GLU A 1 103 ? -7.876  8.500   -7.684  1.00 29.17 ? 104 GLU A CB  1 
ATOM   772  C CG  . GLU A 1 103 ? -7.399  9.540   -6.685  1.00 41.06 ? 104 GLU A CG  1 
ATOM   773  C CD  . GLU A 1 103 ? -5.908  9.470   -6.422  1.00 47.41 ? 104 GLU A CD  1 
ATOM   774  O OE1 . GLU A 1 103 ? -5.355  8.349   -6.400  1.00 50.38 ? 104 GLU A OE1 1 
ATOM   775  O OE2 . GLU A 1 103 ? -5.291  10.541  -6.223  1.00 50.57 ? 104 GLU A OE2 1 
ATOM   776  N N   . SER A 1 104 ? -9.588  6.077   -8.634  1.00 12.86 ? 105 SER A N   1 
ATOM   777  C CA  . SER A 1 104 ? -10.887 5.539   -9.023  1.00 14.11 ? 105 SER A CA  1 
ATOM   778  C C   . SER A 1 104 ? -11.263 4.306   -8.213  1.00 13.60 ? 105 SER A C   1 
ATOM   779  O O   . SER A 1 104 ? -12.396 4.180   -7.742  1.00 13.05 ? 105 SER A O   1 
ATOM   780  C CB  . SER A 1 104 ? -10.898 5.191   -10.515 1.00 24.90 ? 105 SER A CB  1 
ATOM   781  O OG  . SER A 1 104 ? -10.725 6.352   -11.308 1.00 34.06 ? 105 SER A OG  1 
ATOM   782  N N   . LEU A 1 105 ? -10.310 3.395   -8.051  1.00 12.52 ? 106 LEU A N   1 
ATOM   783  C CA  . LEU A 1 105 ? -10.567 2.181   -7.297  1.00 10.95 ? 106 LEU A CA  1 
ATOM   784  C C   . LEU A 1 105 ? -10.798 2.489   -5.823  1.00 11.67 ? 106 LEU A C   1 
ATOM   785  O O   . LEU A 1 105 ? -11.642 1.864   -5.185  1.00 10.76 ? 106 LEU A O   1 
ATOM   786  C CB  . LEU A 1 105 ? -9.409  1.190   -7.456  1.00 9.51  ? 106 LEU A CB  1 
ATOM   787  C CG  . LEU A 1 105 ? -9.253  0.565   -8.846  1.00 9.03  ? 106 LEU A CG  1 
ATOM   788  C CD1 . LEU A 1 105 ? -8.098  -0.431  -8.831  1.00 10.76 ? 106 LEU A CD1 1 
ATOM   789  C CD2 . LEU A 1 105 ? -10.542 -0.127  -9.250  1.00 9.92  ? 106 LEU A CD2 1 
ATOM   790  N N   . ALA A 1 106 ? -10.058 3.450   -5.278  1.00 8.88  ? 107 ALA A N   1 
ATOM   791  C CA  . ALA A 1 106 ? -10.236 3.800   -3.871  1.00 9.71  ? 107 ALA A CA  1 
ATOM   792  C C   . ALA A 1 106 ? -11.621 4.392   -3.627  1.00 10.08 ? 107 ALA A C   1 
ATOM   793  O O   . ALA A 1 106 ? -12.309 4.016   -2.677  1.00 10.90 ? 107 ALA A O   1 
ATOM   794  C CB  . ALA A 1 106 ? -9.159  4.787   -3.425  1.00 9.75  ? 107 ALA A CB  1 
ATOM   795  N N   . SER A 1 107 ? -12.037 5.309   -4.493  1.00 12.45 ? 108 SER A N   1 
ATOM   796  C CA  . SER A 1 107 ? -13.341 5.943   -4.344  1.00 13.63 ? 108 SER A CA  1 
ATOM   797  C C   . SER A 1 107 ? -14.504 4.957   -4.462  1.00 15.14 ? 108 SER A C   1 
ATOM   798  O O   . SER A 1 107 ? -15.574 5.178   -3.892  1.00 15.83 ? 108 SER A O   1 
ATOM   799  C CB  . SER A 1 107 ? -13.506 7.052   -5.388  1.00 19.98 ? 108 SER A CB  1 
ATOM   800  O OG  . SER A 1 107 ? -13.578 6.511   -6.694  1.00 25.11 ? 108 SER A OG  1 
ATOM   801  N N   . GLN A 1 108 ? -14.297 3.866   -5.189  1.00 13.79 ? 109 GLN A N   1 
ATOM   802  C CA  . GLN A 1 108 ? -15.357 2.889   -5.389  1.00 15.05 ? 109 GLN A CA  1 
ATOM   803  C C   . GLN A 1 108 ? -15.312 1.653   -4.490  1.00 12.70 ? 109 GLN A C   1 
ATOM   804  O O   . GLN A 1 108 ? -16.361 1.156   -4.058  1.00 12.38 ? 109 GLN A O   1 
ATOM   805  C CB  . GLN A 1 108 ? -15.363 2.451   -6.859  1.00 26.13 ? 109 GLN A CB  1 
ATOM   806  C CG  . GLN A 1 108 ? -16.450 1.457   -7.228  1.00 36.43 ? 109 GLN A CG  1 
ATOM   807  C CD  . GLN A 1 108 ? -16.470 1.135   -8.713  1.00 41.84 ? 109 GLN A CD  1 
ATOM   808  O OE1 . GLN A 1 108 ? -17.288 0.339   -9.175  1.00 45.15 ? 109 GLN A OE1 1 
ATOM   809  N NE2 . GLN A 1 108 ? -15.569 1.756   -9.468  1.00 43.64 ? 109 GLN A NE2 1 
ATOM   810  N N   . PHE A 1 109 ? -14.112 1.173   -4.178  1.00 11.80 ? 110 PHE A N   1 
ATOM   811  C CA  . PHE A 1 109 ? -13.984 -0.051  -3.396  1.00 9.56  ? 110 PHE A CA  1 
ATOM   812  C C   . PHE A 1 109 ? -13.340 -0.007  -2.017  1.00 9.92  ? 110 PHE A C   1 
ATOM   813  O O   . PHE A 1 109 ? -13.336 -1.020  -1.321  1.00 10.62 ? 110 PHE A O   1 
ATOM   814  C CB  . PHE A 1 109 ? -13.255 -1.096  -4.242  1.00 11.52 ? 110 PHE A CB  1 
ATOM   815  C CG  . PHE A 1 109 ? -13.871 -1.306  -5.590  1.00 14.42 ? 110 PHE A CG  1 
ATOM   816  C CD1 . PHE A 1 109 ? -15.139 -1.870  -5.706  1.00 16.10 ? 110 PHE A CD1 1 
ATOM   817  C CD2 . PHE A 1 109 ? -13.199 -0.920  -6.746  1.00 14.28 ? 110 PHE A CD2 1 
ATOM   818  C CE1 . PHE A 1 109 ? -15.733 -2.046  -6.954  1.00 16.49 ? 110 PHE A CE1 1 
ATOM   819  C CE2 . PHE A 1 109 ? -13.783 -1.090  -7.999  1.00 17.09 ? 110 PHE A CE2 1 
ATOM   820  C CZ  . PHE A 1 109 ? -15.054 -1.656  -8.104  1.00 17.92 ? 110 PHE A CZ  1 
ATOM   821  N N   . SER A 1 110 ? -12.787 1.130   -1.608  1.00 7.73  ? 111 SER A N   1 
ATOM   822  C CA  . SER A 1 110 ? -12.170 1.184   -0.282  1.00 8.24  ? 111 SER A CA  1 
ATOM   823  C C   . SER A 1 110 ? -13.219 1.131   0.823   1.00 8.28  ? 111 SER A C   1 
ATOM   824  O O   . SER A 1 110 ? -14.234 1.822   0.756   1.00 9.83  ? 111 SER A O   1 
ATOM   825  C CB  . SER A 1 110 ? -11.331 2.454   -0.120  1.00 8.40  ? 111 SER A CB  1 
ATOM   826  O OG  . SER A 1 110 ? -10.712 2.474   1.159   1.00 8.25  ? 111 SER A OG  1 
ATOM   827  N N   . ASP A 1 111 ? -12.963 0.302   1.831   1.00 9.24  ? 112 ASP A N   1 
ATOM   828  C CA  . ASP A 1 111 ? -13.868 0.158   2.967   1.00 10.51 ? 112 ASP A CA  1 
ATOM   829  C C   . ASP A 1 111 ? -13.656 1.257   4.003   1.00 11.87 ? 112 ASP A C   1 
ATOM   830  O O   . ASP A 1 111 ? -14.242 1.228   5.082   1.00 14.98 ? 112 ASP A O   1 
ATOM   831  C CB  . ASP A 1 111 ? -13.693 -1.217  3.627   1.00 8.51  ? 112 ASP A CB  1 
ATOM   832  C CG  . ASP A 1 111 ? -14.410 -2.311  2.874   1.00 8.43  ? 112 ASP A CG  1 
ATOM   833  O OD1 . ASP A 1 111 ? -15.599 -2.102  2.551   1.00 9.29  ? 112 ASP A OD1 1 
ATOM   834  O OD2 . ASP A 1 111 ? -13.804 -3.372  2.600   1.00 9.61  ? 112 ASP A OD2 1 
ATOM   835  N N   . CYS A 1 112 ? -12.806 2.222   3.674   1.00 11.06 ? 113 CYS A N   1 
ATOM   836  C CA  . CYS A 1 112 ? -12.539 3.345   4.566   1.00 11.07 ? 113 CYS A CA  1 
ATOM   837  C C   . CYS A 1 112 ? -13.373 4.536   4.102   1.00 12.32 ? 113 CYS A C   1 
ATOM   838  O O   . CYS A 1 112 ? -13.546 4.748   2.903   1.00 12.66 ? 113 CYS A O   1 
ATOM   839  C CB  . CYS A 1 112 ? -11.052 3.712   4.523   1.00 10.79 ? 113 CYS A CB  1 
ATOM   840  S SG  . CYS A 1 112 ? -10.581 5.117   5.562   1.00 10.68 ? 113 CYS A SG  1 
ATOM   841  N N   . SER A 1 113 ? -13.889 5.312   5.051   1.00 13.36 ? 114 SER A N   1 
ATOM   842  C CA  . SER A 1 113 ? -14.692 6.479   4.706   1.00 15.10 ? 114 SER A CA  1 
ATOM   843  C C   . SER A 1 113 ? -13.895 7.456   3.847   1.00 14.16 ? 114 SER A C   1 
ATOM   844  O O   . SER A 1 113 ? -14.466 8.328   3.192   1.00 12.85 ? 114 SER A O   1 
ATOM   845  C CB  . SER A 1 113 ? -15.179 7.187   5.974   1.00 28.88 ? 114 SER A CB  1 
ATOM   846  O OG  . SER A 1 113 ? -16.083 6.368   6.695   1.00 38.19 ? 114 SER A OG  1 
ATOM   847  N N   . SER A 1 114 ? -12.574 7.299   3.851   1.00 13.10 ? 115 SER A N   1 
ATOM   848  C CA  . SER A 1 114 ? -11.694 8.155   3.066   1.00 14.15 ? 115 SER A CA  1 
ATOM   849  C C   . SER A 1 114 ? -11.984 7.987   1.574   1.00 12.02 ? 115 SER A C   1 
ATOM   850  O O   . SER A 1 114 ? -11.472 8.734   0.745   1.00 10.72 ? 115 SER A O   1 
ATOM   851  C CB  . SER A 1 114 ? -10.233 7.808   3.355   1.00 25.08 ? 115 SER A CB  1 
ATOM   852  O OG  . SER A 1 114 ? -9.369  8.778   2.795   1.00 33.48 ? 115 SER A OG  1 
ATOM   853  N N   . ALA A 1 115 ? -12.800 6.994   1.236   1.00 10.73 ? 116 ALA A N   1 
ATOM   854  C CA  . ALA A 1 115 ? -13.166 6.764   -0.156  1.00 11.11 ? 116 ALA A CA  1 
ATOM   855  C C   . ALA A 1 115 ? -13.796 8.035   -0.717  1.00 11.81 ? 116 ALA A C   1 
ATOM   856  O O   . ALA A 1 115 ? -13.665 8.333   -1.902  1.00 12.22 ? 116 ALA A O   1 
ATOM   857  C CB  . ALA A 1 115 ? -14.148 5.612   -0.257  1.00 10.14 ? 116 ALA A CB  1 
ATOM   858  N N   . LYS A 1 116 ? -14.481 8.782   0.144   1.00 12.97 ? 117 LYS A N   1 
ATOM   859  C CA  . LYS A 1 116 ? -15.132 10.022  -0.266  1.00 15.18 ? 117 LYS A CA  1 
ATOM   860  C C   . LYS A 1 116 ? -14.130 11.029  -0.819  1.00 14.33 ? 117 LYS A C   1 
ATOM   861  O O   . LYS A 1 116 ? -14.470 11.862  -1.664  1.00 16.06 ? 117 LYS A O   1 
ATOM   862  C CB  . LYS A 1 116 ? -15.875 10.639  0.922   1.00 22.63 ? 117 LYS A CB  1 
ATOM   863  C CG  . LYS A 1 116 ? -16.933 9.727   1.524   1.00 32.53 ? 117 LYS A CG  1 
ATOM   864  C CD  . LYS A 1 116 ? -18.028 9.409   0.518   1.00 37.13 ? 117 LYS A CD  1 
ATOM   865  C CE  . LYS A 1 116 ? -18.991 8.364   1.060   1.00 39.82 ? 117 LYS A CE  1 
ATOM   866  N NZ  . LYS A 1 116 ? -18.307 7.071   1.328   1.00 41.82 ? 117 LYS A NZ  1 
ATOM   867  N N   . ALA A 1 117 ? -12.893 10.949  -0.341  1.00 11.92 ? 118 ALA A N   1 
ATOM   868  C CA  . ALA A 1 117 ? -11.833 11.845  -0.786  1.00 11.05 ? 118 ALA A CA  1 
ATOM   869  C C   . ALA A 1 117 ? -10.879 11.120  -1.726  1.00 10.31 ? 118 ALA A C   1 
ATOM   870  O O   . ALA A 1 117 ? -9.705  11.465  -1.818  1.00 11.23 ? 118 ALA A O   1 
ATOM   871  C CB  . ALA A 1 117 ? -11.075 12.382  0.417   1.00 10.69 ? 118 ALA A CB  1 
ATOM   872  N N   . ARG A 1 118 ? -11.396 10.116  -2.425  1.00 10.49 ? 119 ARG A N   1 
ATOM   873  C CA  . ARG A 1 118 ? -10.603 9.329   -3.362  1.00 12.32 ? 119 ARG A CA  1 
ATOM   874  C C   . ARG A 1 118 ? -9.414  8.668   -2.671  1.00 10.13 ? 119 ARG A C   1 
ATOM   875  O O   . ARG A 1 118 ? -8.350  8.494   -3.267  1.00 10.88 ? 119 ARG A O   1 
ATOM   876  C CB  . ARG A 1 118 ? -10.110 10.201  -4.520  1.00 21.76 ? 119 ARG A CB  1 
ATOM   877  C CG  . ARG A 1 118 ? -11.223 10.875  -5.310  1.00 31.04 ? 119 ARG A CG  1 
ATOM   878  C CD  . ARG A 1 118 ? -10.683 11.500  -6.587  1.00 37.78 ? 119 ARG A CD  1 
ATOM   879  N NE  . ARG A 1 118 ? -9.565  12.402  -6.320  1.00 43.15 ? 119 ARG A NE  1 
ATOM   880  C CZ  . ARG A 1 118 ? -8.848  13.004  -7.264  1.00 45.73 ? 119 ARG A CZ  1 
ATOM   881  N NH1 . ARG A 1 118 ? -9.132  12.803  -8.544  1.00 46.68 ? 119 ARG A NH1 1 
ATOM   882  N NH2 . ARG A 1 118 ? -7.847  13.807  -6.928  1.00 47.00 ? 119 ARG A NH2 1 
ATOM   883  N N   . GLY A 1 119 ? -9.611  8.313   -1.405  1.00 8.79  ? 120 GLY A N   1 
ATOM   884  C CA  . GLY A 1 119 ? -8.576  7.645   -0.633  1.00 9.08  ? 120 GLY A CA  1 
ATOM   885  C C   . GLY A 1 119 ? -7.615  8.527   0.137   1.00 8.89  ? 120 GLY A C   1 
ATOM   886  O O   . GLY A 1 119 ? -6.856  8.027   0.966   1.00 8.89  ? 120 GLY A O   1 
ATOM   887  N N   . ASP A 1 120 ? -7.639  9.830   -0.121  1.00 8.28  ? 121 ASP A N   1 
ATOM   888  C CA  . ASP A 1 120 ? -6.733  10.763  0.547   1.00 8.88  ? 121 ASP A CA  1 
ATOM   889  C C   . ASP A 1 120 ? -6.917  10.846  2.062   1.00 9.45  ? 121 ASP A C   1 
ATOM   890  O O   . ASP A 1 120 ? -8.026  11.035  2.560   1.00 11.50 ? 121 ASP A O   1 
ATOM   891  C CB  . ASP A 1 120 ? -6.877  12.158  -0.081  1.00 9.84  ? 121 ASP A CB  1 
ATOM   892  C CG  . ASP A 1 120 ? -5.993  13.195  0.580   1.00 11.18 ? 121 ASP A CG  1 
ATOM   893  O OD1 . ASP A 1 120 ? -4.806  12.901  0.844   1.00 10.55 ? 121 ASP A OD1 1 
ATOM   894  O OD2 . ASP A 1 120 ? -6.485  14.317  0.826   1.00 15.65 ? 121 ASP A OD2 1 
ATOM   895  N N   . LEU A 1 121 ? -5.810  10.696  2.787   1.00 10.79 ? 122 LEU A N   1 
ATOM   896  C CA  . LEU A 1 121 ? -5.818  10.756  4.246   1.00 10.66 ? 122 LEU A CA  1 
ATOM   897  C C   . LEU A 1 121 ? -5.166  12.038  4.733   1.00 11.82 ? 122 LEU A C   1 
ATOM   898  O O   . LEU A 1 121 ? -5.128  12.305  5.933   1.00 12.89 ? 122 LEU A O   1 
ATOM   899  C CB  . LEU A 1 121 ? -5.053  9.569   4.831   1.00 11.78 ? 122 LEU A CB  1 
ATOM   900  C CG  . LEU A 1 121 ? -5.648  8.180   4.638   1.00 12.64 ? 122 LEU A CG  1 
ATOM   901  C CD1 . LEU A 1 121 ? -4.688  7.147   5.208   1.00 14.17 ? 122 LEU A CD1 1 
ATOM   902  C CD2 . LEU A 1 121 ? -7.001  8.102   5.324   1.00 14.04 ? 122 LEU A CD2 1 
ATOM   903  N N   . GLY A 1 122 ? -4.654  12.833  3.803   1.00 10.56 ? 123 GLY A N   1 
ATOM   904  C CA  . GLY A 1 122 ? -3.985  14.060  4.188   1.00 11.60 ? 123 GLY A CA  1 
ATOM   905  C C   . GLY A 1 122 ? -2.584  13.760  4.690   1.00 11.03 ? 123 GLY A C   1 
ATOM   906  O O   . GLY A 1 122 ? -2.104  12.629  4.583   1.00 11.82 ? 123 GLY A O   1 
ATOM   907  N N   . ALA A 1 123 ? -1.924  14.770  5.245   1.00 12.10 ? 124 ALA A N   1 
ATOM   908  C CA  . ALA A 1 123 ? -0.562  14.613  5.747   1.00 11.89 ? 124 ALA A CA  1 
ATOM   909  C C   . ALA A 1 123 ? -0.531  14.154  7.200   1.00 12.18 ? 124 ALA A C   1 
ATOM   910  O O   . ALA A 1 123 ? -1.427  14.473  7.988   1.00 12.69 ? 124 ALA A O   1 
ATOM   911  C CB  . ALA A 1 123 ? 0.193   15.931  5.601   1.00 14.42 ? 124 ALA A CB  1 
ATOM   912  N N   . PHE A 1 124 ? 0.505   13.405  7.553   1.00 10.82 ? 125 PHE A N   1 
ATOM   913  C CA  . PHE A 1 124 ? 0.644   12.920  8.918   1.00 10.68 ? 125 PHE A CA  1 
ATOM   914  C C   . PHE A 1 124 ? 2.093   12.664  9.306   1.00 10.54 ? 125 PHE A C   1 
ATOM   915  O O   . PHE A 1 124 ? 2.984   12.592  8.452   1.00 11.21 ? 125 PHE A O   1 
ATOM   916  C CB  . PHE A 1 124 ? -0.209  11.660  9.128   1.00 11.39 ? 125 PHE A CB  1 
ATOM   917  C CG  . PHE A 1 124 ? 0.119   10.529  8.192   1.00 10.25 ? 125 PHE A CG  1 
ATOM   918  C CD1 . PHE A 1 124 ? 1.108   9.602   8.511   1.00 10.15 ? 125 PHE A CD1 1 
ATOM   919  C CD2 . PHE A 1 124 ? -0.580  10.377  7.000   1.00 11.01 ? 125 PHE A CD2 1 
ATOM   920  C CE1 . PHE A 1 124 ? 1.394   8.534   7.654   1.00 10.70 ? 125 PHE A CE1 1 
ATOM   921  C CE2 . PHE A 1 124 ? -0.302  9.315   6.137   1.00 11.19 ? 125 PHE A CE2 1 
ATOM   922  C CZ  . PHE A 1 124 ? 0.685   8.394   6.464   1.00 10.07 ? 125 PHE A CZ  1 
ATOM   923  N N   . SER A 1 125 ? 2.317   12.552  10.610  1.00 11.38 ? 126 SER A N   1 
ATOM   924  C CA  . SER A 1 125 ? 3.637   12.306  11.167  1.00 10.88 ? 126 SER A CA  1 
ATOM   925  C C   . SER A 1 125 ? 3.632   10.933  11.824  1.00 10.60 ? 126 SER A C   1 
ATOM   926  O O   . SER A 1 125 ? 2.596   10.265  11.892  1.00 11.33 ? 126 SER A O   1 
ATOM   927  C CB  . SER A 1 125 ? 3.966   13.354  12.238  1.00 15.38 ? 126 SER A CB  1 
ATOM   928  O OG  . SER A 1 125 ? 3.838   14.673  11.742  1.00 12.98 ? 126 SER A OG  1 
ATOM   929  N N   . ARG A 1 126 ? 4.798   10.516  12.299  1.00 10.40 ? 127 ARG A N   1 
ATOM   930  C CA  . ARG A 1 126 ? 4.929   9.247   13.001  1.00 11.98 ? 127 ARG A CA  1 
ATOM   931  C C   . ARG A 1 126 ? 4.078   9.329   14.270  1.00 12.10 ? 127 ARG A C   1 
ATOM   932  O O   . ARG A 1 126 ? 3.890   10.413  14.831  1.00 14.69 ? 127 ARG A O   1 
ATOM   933  C CB  . ARG A 1 126 ? 6.390   9.008   13.385  1.00 13.35 ? 127 ARG A CB  1 
ATOM   934  C CG  . ARG A 1 126 ? 7.291   8.581   12.237  1.00 16.11 ? 127 ARG A CG  1 
ATOM   935  C CD  . ARG A 1 126 ? 7.287   7.074   12.136  1.00 17.26 ? 127 ARG A CD  1 
ATOM   936  N NE  . ARG A 1 126 ? 8.235   6.546   11.159  1.00 15.93 ? 127 ARG A NE  1 
ATOM   937  C CZ  . ARG A 1 126 ? 8.342   5.255   10.864  1.00 15.24 ? 127 ARG A CZ  1 
ATOM   938  N NH1 . ARG A 1 126 ? 7.564   4.370   11.472  1.00 15.34 ? 127 ARG A NH1 1 
ATOM   939  N NH2 . ARG A 1 126 ? 9.221   4.848   9.962   1.00 13.80 ? 127 ARG A NH2 1 
ATOM   940  N N   . GLY A 1 127 ? 3.559   8.185   14.699  1.00 12.35 ? 128 GLY A N   1 
ATOM   941  C CA  . GLY A 1 127 ? 2.745   8.121   15.900  1.00 14.05 ? 128 GLY A CA  1 
ATOM   942  C C   . GLY A 1 127 ? 1.282   8.477   15.724  1.00 15.75 ? 128 GLY A C   1 
ATOM   943  O O   . GLY A 1 127 ? 0.554   8.592   16.713  1.00 14.80 ? 128 GLY A O   1 
ATOM   944  N N   . GLN A 1 128 ? 0.832   8.625   14.481  1.00 15.60 ? 129 GLN A N   1 
ATOM   945  C CA  . GLN A 1 128 ? -0.556  8.998   14.225  1.00 15.88 ? 129 GLN A CA  1 
ATOM   946  C C   . GLN A 1 128 ? -1.381  7.944   13.482  1.00 17.46 ? 129 GLN A C   1 
ATOM   947  O O   . GLN A 1 128 ? -2.609  8.014   13.466  1.00 20.84 ? 129 GLN A O   1 
ATOM   948  C CB  . GLN A 1 128 ? -0.591  10.340  13.478  1.00 14.52 ? 129 GLN A CB  1 
ATOM   949  C CG  . GLN A 1 128 ? 0.316   11.404  14.124  1.00 12.78 ? 129 GLN A CG  1 
ATOM   950  C CD  . GLN A 1 128 ? 0.196   12.785  13.498  1.00 12.21 ? 129 GLN A CD  1 
ATOM   951  O OE1 . GLN A 1 128 ? 0.107   12.928  12.280  1.00 13.58 ? 129 GLN A OE1 1 
ATOM   952  N NE2 . GLN A 1 128 ? 0.219   13.817  14.340  1.00 13.60 ? 129 GLN A NE2 1 
ATOM   953  N N   . MET A 1 129 ? -0.709  6.971   12.871  1.00 16.26 ? 130 MET A N   1 
ATOM   954  C CA  . MET A 1 129 ? -1.384  5.890   12.148  1.00 15.18 ? 130 MET A CA  1 
ATOM   955  C C   . MET A 1 129 ? -0.935  4.559   12.751  1.00 14.93 ? 130 MET A C   1 
ATOM   956  O O   . MET A 1 129 ? 0.054   4.514   13.478  1.00 15.51 ? 130 MET A O   1 
ATOM   957  C CB  . MET A 1 129 ? -1.000  5.915   10.661  1.00 14.66 ? 130 MET A CB  1 
ATOM   958  C CG  . MET A 1 129 ? -1.424  7.167   9.911   1.00 16.36 ? 130 MET A CG  1 
ATOM   959  S SD  . MET A 1 129 ? -3.211  7.291   9.726   1.00 18.32 ? 130 MET A SD  1 
ATOM   960  C CE  . MET A 1 129 ? -3.352  8.746   8.681   1.00 18.57 ? 130 MET A CE  1 
ATOM   961  N N   . GLN A 1 130 ? -1.651  3.477   12.456  1.00 13.35 ? 131 GLN A N   1 
ATOM   962  C CA  . GLN A 1 130 ? -1.259  2.170   12.973  1.00 14.63 ? 131 GLN A CA  1 
ATOM   963  C C   . GLN A 1 130 ? 0.165   1.893   12.493  1.00 12.71 ? 131 GLN A C   1 
ATOM   964  O O   . GLN A 1 130 ? 0.513   2.205   11.355  1.00 9.99  ? 131 GLN A O   1 
ATOM   965  C CB  . GLN A 1 130 ? -2.229  1.090   12.488  1.00 19.24 ? 131 GLN A CB  1 
ATOM   966  C CG  . GLN A 1 130 ? -3.614  1.219   13.111  1.00 25.40 ? 131 GLN A CG  1 
ATOM   967  C CD  . GLN A 1 130 ? -4.553  0.096   12.723  1.00 28.89 ? 131 GLN A CD  1 
ATOM   968  O OE1 . GLN A 1 130 ? -4.296  -1.073  13.012  1.00 32.31 ? 131 GLN A OE1 1 
ATOM   969  N NE2 . GLN A 1 130 ? -5.650  0.445   12.066  1.00 30.43 ? 131 GLN A NE2 1 
ATOM   970  N N   . LYS A 1 131 ? 0.983   1.302   13.356  1.00 12.04 ? 132 LYS A N   1 
ATOM   971  C CA  . LYS A 1 131 ? 2.389   1.050   13.035  1.00 13.78 ? 132 LYS A CA  1 
ATOM   972  C C   . LYS A 1 131 ? 2.737   0.472   11.665  1.00 11.73 ? 132 LYS A C   1 
ATOM   973  O O   . LYS A 1 131 ? 3.592   1.016   10.970  1.00 9.81  ? 132 LYS A O   1 
ATOM   974  C CB  . LYS A 1 131 ? 3.036   0.190   14.122  1.00 17.44 ? 132 LYS A CB  1 
ATOM   975  C CG  . LYS A 1 131 ? 4.559   0.218   14.080  1.00 23.01 ? 132 LYS A CG  1 
ATOM   976  C CD  . LYS A 1 131 ? 5.085   1.644   14.217  1.00 27.44 ? 132 LYS A CD  1 
ATOM   977  C CE  . LYS A 1 131 ? 6.600   1.675   14.345  1.00 28.86 ? 132 LYS A CE  1 
ATOM   978  N NZ  . LYS A 1 131 ? 7.067   0.953   15.564  1.00 32.28 ? 132 LYS A NZ  1 
ATOM   979  N N   . PRO A 1 132 ? 2.099   -0.640  11.259  1.00 12.38 ? 133 PRO A N   1 
ATOM   980  C CA  . PRO A 1 132 ? 2.430   -1.203  9.944   1.00 11.69 ? 133 PRO A CA  1 
ATOM   981  C C   . PRO A 1 132 ? 2.165   -0.226  8.800   1.00 9.43  ? 133 PRO A C   1 
ATOM   982  O O   . PRO A 1 132 ? 2.904   -0.174  7.820   1.00 8.30  ? 133 PRO A O   1 
ATOM   983  C CB  . PRO A 1 132 ? 1.537   -2.446  9.863   1.00 17.85 ? 133 PRO A CB  1 
ATOM   984  C CG  . PRO A 1 132 ? 1.374   -2.842  11.304  1.00 23.31 ? 133 PRO A CG  1 
ATOM   985  C CD  . PRO A 1 132 ? 1.148   -1.509  11.976  1.00 18.81 ? 133 PRO A CD  1 
ATOM   986  N N   . PHE A 1 133 ? 1.093   0.541   8.936   1.00 9.54  ? 134 PHE A N   1 
ATOM   987  C CA  . PHE A 1 133 ? 0.709   1.515   7.922   1.00 7.75  ? 134 PHE A CA  1 
ATOM   988  C C   . PHE A 1 133 ? 1.731   2.651   7.903   1.00 8.06  ? 134 PHE A C   1 
ATOM   989  O O   . PHE A 1 133 ? 2.174   3.099   6.843   1.00 6.53  ? 134 PHE A O   1 
ATOM   990  C CB  . PHE A 1 133 ? -0.689  2.049   8.242   1.00 9.07  ? 134 PHE A CB  1 
ATOM   991  C CG  . PHE A 1 133 ? -1.264  2.936   7.182   1.00 8.07  ? 134 PHE A CG  1 
ATOM   992  C CD1 . PHE A 1 133 ? -0.887  4.272   7.092   1.00 7.59  ? 134 PHE A CD1 1 
ATOM   993  C CD2 . PHE A 1 133 ? -2.183  2.436   6.269   1.00 8.62  ? 134 PHE A CD2 1 
ATOM   994  C CE1 . PHE A 1 133 ? -1.424  5.096   6.110   1.00 9.51  ? 134 PHE A CE1 1 
ATOM   995  C CE2 . PHE A 1 133 ? -2.723  3.251   5.283   1.00 7.92  ? 134 PHE A CE2 1 
ATOM   996  C CZ  . PHE A 1 133 ? -2.344  4.582   5.202   1.00 8.76  ? 134 PHE A CZ  1 
ATOM   997  N N   . GLU A 1 134 ? 2.097   3.107   9.093   1.00 7.84  ? 135 GLU A N   1 
ATOM   998  C CA  . GLU A 1 134 ? 3.070   4.171   9.256   1.00 8.52  ? 135 GLU A CA  1 
ATOM   999  C C   . GLU A 1 134 ? 4.426   3.764   8.684   1.00 7.74  ? 135 GLU A C   1 
ATOM   1000 O O   . GLU A 1 134 ? 5.043   4.521   7.932   1.00 7.43  ? 135 GLU A O   1 
ATOM   1001 C CB  . GLU A 1 134 ? 3.201   4.493   10.740  1.00 10.34 ? 135 GLU A CB  1 
ATOM   1002 C CG  . GLU A 1 134 ? 4.334   5.410   11.107  1.00 14.58 ? 135 GLU A CG  1 
ATOM   1003 C CD  . GLU A 1 134 ? 4.420   5.578   12.606  1.00 13.75 ? 135 GLU A CD  1 
ATOM   1004 O OE1 . GLU A 1 134 ? 3.434   6.063   13.187  1.00 15.31 ? 135 GLU A OE1 1 
ATOM   1005 O OE2 . GLU A 1 134 ? 5.460   5.218   13.195  1.00 16.75 ? 135 GLU A OE2 1 
ATOM   1006 N N   . ASP A 1 135 ? 4.883   2.564   9.026   1.00 7.64  ? 136 ASP A N   1 
ATOM   1007 C CA  . ASP A 1 135 ? 6.171   2.090   8.535   1.00 7.73  ? 136 ASP A CA  1 
ATOM   1008 C C   . ASP A 1 135 ? 6.202   2.073   7.011   1.00 6.89  ? 136 ASP A C   1 
ATOM   1009 O O   . ASP A 1 135 ? 7.160   2.538   6.394   1.00 7.65  ? 136 ASP A O   1 
ATOM   1010 C CB  . ASP A 1 135 ? 6.479   0.687   9.068   1.00 9.62  ? 136 ASP A CB  1 
ATOM   1011 C CG  . ASP A 1 135 ? 6.856   0.688   10.536  1.00 12.18 ? 136 ASP A CG  1 
ATOM   1012 O OD1 . ASP A 1 135 ? 7.146   1.774   11.079  1.00 13.76 ? 136 ASP A OD1 1 
ATOM   1013 O OD2 . ASP A 1 135 ? 6.881   -0.404  11.143  1.00 14.00 ? 136 ASP A OD2 1 
ATOM   1014 N N   . ALA A 1 136 ? 5.156   1.527   6.401   1.00 7.29  ? 137 ALA A N   1 
ATOM   1015 C CA  . ALA A 1 136 ? 5.100   1.474   4.947   1.00 7.89  ? 137 ALA A CA  1 
ATOM   1016 C C   . ALA A 1 136 ? 5.072   2.877   4.347   1.00 7.75  ? 137 ALA A C   1 
ATOM   1017 O O   . ALA A 1 136 ? 5.816   3.173   3.411   1.00 7.85  ? 137 ALA A O   1 
ATOM   1018 C CB  . ALA A 1 136 ? 3.873   0.687   4.503   1.00 8.97  ? 137 ALA A CB  1 
ATOM   1019 N N   . SER A 1 137 ? 4.224   3.741   4.899   1.00 6.24  ? 138 SER A N   1 
ATOM   1020 C CA  . SER A 1 137 ? 4.096   5.105   4.401   1.00 7.29  ? 138 SER A CA  1 
ATOM   1021 C C   . SER A 1 137 ? 5.410   5.876   4.398   1.00 7.83  ? 138 SER A C   1 
ATOM   1022 O O   . SER A 1 137 ? 5.728   6.555   3.424   1.00 8.22  ? 138 SER A O   1 
ATOM   1023 C CB  . SER A 1 137 ? 3.072   5.883   5.230   1.00 6.94  ? 138 SER A CB  1 
ATOM   1024 O OG  . SER A 1 137 ? 1.762   5.366   5.074   1.00 8.54  ? 138 SER A OG  1 
ATOM   1025 N N   . PHE A 1 138 ? 6.181   5.779   5.477   1.00 8.60  ? 139 PHE A N   1 
ATOM   1026 C CA  . PHE A 1 138 ? 7.435   6.518   5.529   1.00 8.23  ? 139 PHE A CA  1 
ATOM   1027 C C   . PHE A 1 138 ? 8.585   5.897   4.750   1.00 8.83  ? 139 PHE A C   1 
ATOM   1028 O O   . PHE A 1 138 ? 9.633   6.522   4.581   1.00 10.13 ? 139 PHE A O   1 
ATOM   1029 C CB  . PHE A 1 138 ? 7.840   6.784   6.985   1.00 8.18  ? 139 PHE A CB  1 
ATOM   1030 C CG  . PHE A 1 138 ? 7.040   7.881   7.632   1.00 8.32  ? 139 PHE A CG  1 
ATOM   1031 C CD1 . PHE A 1 138 ? 5.803   7.615   8.208   1.00 9.19  ? 139 PHE A CD1 1 
ATOM   1032 C CD2 . PHE A 1 138 ? 7.490   9.196   7.594   1.00 9.56  ? 139 PHE A CD2 1 
ATOM   1033 C CE1 . PHE A 1 138 ? 5.020   8.647   8.733   1.00 9.71  ? 139 PHE A CE1 1 
ATOM   1034 C CE2 . PHE A 1 138 ? 6.714   10.234  8.117   1.00 9.48  ? 139 PHE A CE2 1 
ATOM   1035 C CZ  . PHE A 1 138 ? 5.477   9.959   8.686   1.00 11.60 ? 139 PHE A CZ  1 
ATOM   1036 N N   . ALA A 1 139 ? 8.383   4.680   4.254   1.00 6.16  ? 140 ALA A N   1 
ATOM   1037 C CA  . ALA A 1 139 ? 9.404   4.002   3.462   1.00 6.75  ? 140 ALA A CA  1 
ATOM   1038 C C   . ALA A 1 139 ? 9.127   4.192   1.968   1.00 6.42  ? 140 ALA A C   1 
ATOM   1039 O O   . ALA A 1 139 ? 9.954   3.842   1.129   1.00 9.22  ? 140 ALA A O   1 
ATOM   1040 C CB  . ALA A 1 139 ? 9.439   2.520   3.801   1.00 9.56  ? 140 ALA A CB  1 
ATOM   1041 N N   . LEU A 1 140 ? 7.954   4.727   1.646   1.00 7.21  ? 141 LEU A N   1 
ATOM   1042 C CA  . LEU A 1 140 ? 7.592   4.990   0.258   1.00 7.22  ? 141 LEU A CA  1 
ATOM   1043 C C   . LEU A 1 140 ? 8.176   6.328   -0.153  1.00 7.81  ? 141 LEU A C   1 
ATOM   1044 O O   . LEU A 1 140 ? 8.303   7.241   0.667   1.00 8.47  ? 141 LEU A O   1 
ATOM   1045 C CB  . LEU A 1 140 ? 6.068   5.072   0.093   1.00 6.57  ? 141 LEU A CB  1 
ATOM   1046 C CG  . LEU A 1 140 ? 5.252   3.789   0.227   1.00 7.57  ? 141 LEU A CG  1 
ATOM   1047 C CD1 . LEU A 1 140 ? 3.768   4.124   0.289   1.00 8.27  ? 141 LEU A CD1 1 
ATOM   1048 C CD2 . LEU A 1 140 ? 5.549   2.876   -0.958  1.00 8.77  ? 141 LEU A CD2 1 
ATOM   1049 N N   . ARG A 1 141 ? 8.541   6.446   -1.424  1.00 7.62  ? 142 ARG A N   1 
ATOM   1050 C CA  . ARG A 1 141 ? 9.049   7.708   -1.928  1.00 7.97  ? 142 ARG A CA  1 
ATOM   1051 C C   . ARG A 1 141 ? 7.860   8.342   -2.638  1.00 7.39  ? 142 ARG A C   1 
ATOM   1052 O O   . ARG A 1 141 ? 6.868   7.664   -2.908  1.00 7.26  ? 142 ARG A O   1 
ATOM   1053 C CB  . ARG A 1 141 ? 10.232  7.470   -2.869  1.00 7.00  ? 142 ARG A CB  1 
ATOM   1054 C CG  . ARG A 1 141 ? 11.480  7.030   -2.096  1.00 8.20  ? 142 ARG A CG  1 
ATOM   1055 C CD  . ARG A 1 141 ? 12.565  6.467   -2.992  1.00 6.39  ? 142 ARG A CD  1 
ATOM   1056 N NE  . ARG A 1 141 ? 12.124  5.240   -3.649  1.00 7.78  ? 142 ARG A NE  1 
ATOM   1057 C CZ  . ARG A 1 141 ? 12.851  4.576   -4.540  1.00 7.62  ? 142 ARG A CZ  1 
ATOM   1058 N NH1 . ARG A 1 141 ? 14.054  5.018   -4.871  1.00 7.56  ? 142 ARG A NH1 1 
ATOM   1059 N NH2 . ARG A 1 141 ? 12.361  3.493   -5.117  1.00 6.33  ? 142 ARG A NH2 1 
ATOM   1060 N N   . THR A 1 142 ? 7.926   9.638   -2.914  1.00 10.36 ? 143 THR A N   1 
ATOM   1061 C CA  . THR A 1 142 ? 6.802   10.303  -3.562  1.00 10.48 ? 143 THR A CA  1 
ATOM   1062 C C   . THR A 1 142 ? 6.384   9.592   -4.847  1.00 9.02  ? 143 THR A C   1 
ATOM   1063 O O   . THR A 1 142 ? 7.222   9.281   -5.691  1.00 8.52  ? 143 THR A O   1 
ATOM   1064 C CB  . THR A 1 142 ? 7.149   11.770  -3.874  1.00 12.57 ? 143 THR A CB  1 
ATOM   1065 O OG1 . THR A 1 142 ? 7.535   12.428  -2.660  1.00 17.86 ? 143 THR A OG1 1 
ATOM   1066 C CG2 . THR A 1 142 ? 5.944   12.487  -4.472  1.00 14.44 ? 143 THR A CG2 1 
ATOM   1067 N N   . GLY A 1 143 ? 5.085   9.330   -4.979  1.00 7.81  ? 144 GLY A N   1 
ATOM   1068 C CA  . GLY A 1 143 ? 4.575   8.665   -6.161  1.00 8.84  ? 144 GLY A CA  1 
ATOM   1069 C C   . GLY A 1 143 ? 4.571   7.149   -6.091  1.00 7.68  ? 144 GLY A C   1 
ATOM   1070 O O   . GLY A 1 143 ? 4.000   6.497   -6.963  1.00 9.97  ? 144 GLY A O   1 
ATOM   1071 N N   . GLU A 1 144 ? 5.205   6.571   -5.070  1.00 7.76  ? 145 GLU A N   1 
ATOM   1072 C CA  . GLU A 1 144 ? 5.241   5.114   -4.958  1.00 6.91  ? 145 GLU A CA  1 
ATOM   1073 C C   . GLU A 1 144 ? 4.019   4.508   -4.282  1.00 7.06  ? 145 GLU A C   1 
ATOM   1074 O O   . GLU A 1 144 ? 3.360   5.137   -3.452  1.00 8.43  ? 145 GLU A O   1 
ATOM   1075 C CB  . GLU A 1 144 ? 6.497   4.644   -4.221  1.00 6.39  ? 145 GLU A CB  1 
ATOM   1076 C CG  . GLU A 1 144 ? 7.797   4.867   -4.982  1.00 6.68  ? 145 GLU A CG  1 
ATOM   1077 C CD  . GLU A 1 144 ? 8.965   4.116   -4.370  1.00 7.72  ? 145 GLU A CD  1 
ATOM   1078 O OE1 . GLU A 1 144 ? 9.313   4.394   -3.202  1.00 7.13  ? 145 GLU A OE1 1 
ATOM   1079 O OE2 . GLU A 1 144 ? 9.535   3.242   -5.060  1.00 7.96  ? 145 GLU A OE2 1 
ATOM   1080 N N   . MET A 1 145 ? 3.729   3.267   -4.654  1.00 6.19  ? 146 MET A N   1 
ATOM   1081 C CA  . MET A 1 145 ? 2.593   2.529   -4.120  1.00 6.43  ? 146 MET A CA  1 
ATOM   1082 C C   . MET A 1 145 ? 3.098   1.283   -3.405  1.00 5.67  ? 146 MET A C   1 
ATOM   1083 O O   . MET A 1 145 ? 4.020   0.610   -3.870  1.00 6.80  ? 146 MET A O   1 
ATOM   1084 C CB  . MET A 1 145 ? 1.649   2.137   -5.262  1.00 8.55  ? 146 MET A CB  1 
ATOM   1085 C CG  . MET A 1 145 ? 0.367   1.448   -4.815  1.00 8.51  ? 146 MET A CG  1 
ATOM   1086 S SD  . MET A 1 145 ? -0.728  1.085   -6.220  1.00 9.99  ? 146 MET A SD  1 
ATOM   1087 C CE  . MET A 1 145 ? 0.083   -0.351  -6.901  1.00 13.42 ? 146 MET A CE  1 
ATOM   1088 N N   . SER A 1 146 ? 2.497   0.991   -2.261  1.00 5.88  ? 147 SER A N   1 
ATOM   1089 C CA  . SER A 1 146 ? 2.882   -0.169  -1.473  1.00 6.03  ? 147 SER A CA  1 
ATOM   1090 C C   . SER A 1 146 ? 2.291   -1.442  -2.041  1.00 6.41  ? 147 SER A C   1 
ATOM   1091 O O   . SER A 1 146 ? 1.520   -1.427  -3.005  1.00 6.65  ? 147 SER A O   1 
ATOM   1092 C CB  . SER A 1 146 ? 2.366   -0.028  -0.039  1.00 7.03  ? 147 SER A CB  1 
ATOM   1093 O OG  . SER A 1 146 ? 0.955   -0.250  0.014   1.00 6.15  ? 147 SER A OG  1 
ATOM   1094 N N   . GLY A 1 147 ? 2.687   -2.551  -1.433  1.00 7.60  ? 148 GLY A N   1 
ATOM   1095 C CA  . GLY A 1 147 ? 2.120   -3.832  -1.782  1.00 7.01  ? 148 GLY A CA  1 
ATOM   1096 C C   . GLY A 1 147 ? 1.075   -3.978  -0.682  1.00 6.66  ? 148 GLY A C   1 
ATOM   1097 O O   . GLY A 1 147 ? 0.697   -2.979  -0.058  1.00 7.36  ? 148 GLY A O   1 
ATOM   1098 N N   . PRO A 1 148 ? 0.594   -5.193  -0.405  1.00 6.47  ? 149 PRO A N   1 
ATOM   1099 C CA  . PRO A 1 148 ? -0.409  -5.418  0.643   1.00 6.83  ? 149 PRO A CA  1 
ATOM   1100 C C   . PRO A 1 148 ? 0.158   -5.127  2.038   1.00 6.52  ? 149 PRO A C   1 
ATOM   1101 O O   . PRO A 1 148 ? 1.163   -5.716  2.436   1.00 8.88  ? 149 PRO A O   1 
ATOM   1102 C CB  . PRO A 1 148 ? -0.753  -6.900  0.489   1.00 8.19  ? 149 PRO A CB  1 
ATOM   1103 C CG  . PRO A 1 148 ? -0.401  -7.205  -0.935  1.00 8.20  ? 149 PRO A CG  1 
ATOM   1104 C CD  . PRO A 1 148 ? 0.873   -6.433  -1.148  1.00 6.38  ? 149 PRO A CD  1 
ATOM   1105 N N   . VAL A 1 149 ? -0.485  -4.223  2.775   1.00 6.61  ? 150 VAL A N   1 
ATOM   1106 C CA  . VAL A 1 149 ? -0.042  -3.888  4.126   1.00 7.34  ? 150 VAL A CA  1 
ATOM   1107 C C   . VAL A 1 149 ? -1.162  -4.253  5.098   1.00 8.04  ? 150 VAL A C   1 
ATOM   1108 O O   . VAL A 1 149 ? -2.285  -3.766  4.974   1.00 7.68  ? 150 VAL A O   1 
ATOM   1109 C CB  . VAL A 1 149 ? 0.302   -2.384  4.243   1.00 9.18  ? 150 VAL A CB  1 
ATOM   1110 C CG1 . VAL A 1 149 ? 0.683   -2.042  5.684   1.00 10.15 ? 150 VAL A CG1 1 
ATOM   1111 C CG2 . VAL A 1 149 ? 1.452   -2.046  3.300   1.00 10.80 ? 150 VAL A CG2 1 
ATOM   1112 N N   . PHE A 1 150 ? -0.849  -5.121  6.059   1.00 8.69  ? 151 PHE A N   1 
ATOM   1113 C CA  . PHE A 1 150 ? -1.833  -5.583  7.042   1.00 7.95  ? 151 PHE A CA  1 
ATOM   1114 C C   . PHE A 1 150 ? -1.834  -4.800  8.358   1.00 8.35  ? 151 PHE A C   1 
ATOM   1115 O O   . PHE A 1 150 ? -0.782  -4.591  8.962   1.00 10.04 ? 151 PHE A O   1 
ATOM   1116 C CB  . PHE A 1 150 ? -1.594  -7.063  7.390   1.00 10.50 ? 151 PHE A CB  1 
ATOM   1117 C CG  . PHE A 1 150 ? -1.833  -8.022  6.251   1.00 11.38 ? 151 PHE A CG  1 
ATOM   1118 C CD1 . PHE A 1 150 ? -1.112  -7.926  5.071   1.00 13.68 ? 151 PHE A CD1 1 
ATOM   1119 C CD2 . PHE A 1 150 ? -2.744  -9.063  6.388   1.00 13.08 ? 151 PHE A CD2 1 
ATOM   1120 C CE1 . PHE A 1 150 ? -1.292  -8.853  4.043   1.00 15.55 ? 151 PHE A CE1 1 
ATOM   1121 C CE2 . PHE A 1 150 ? -2.931  -9.996  5.368   1.00 15.91 ? 151 PHE A CE2 1 
ATOM   1122 C CZ  . PHE A 1 150 ? -2.202  -9.887  4.194   1.00 14.83 ? 151 PHE A CZ  1 
ATOM   1123 N N   . THR A 1 151 ? -3.020  -4.378  8.792   1.00 7.45  ? 152 THR A N   1 
ATOM   1124 C CA  . THR A 1 151 ? -3.185  -3.679  10.067  1.00 7.53  ? 152 THR A CA  1 
ATOM   1125 C C   . THR A 1 151 ? -4.421  -4.263  10.741  1.00 8.67  ? 152 THR A C   1 
ATOM   1126 O O   . THR A 1 151 ? -5.105  -5.119  10.172  1.00 8.65  ? 152 THR A O   1 
ATOM   1127 C CB  . THR A 1 151 ? -3.436  -2.156  9.921   1.00 8.64  ? 152 THR A CB  1 
ATOM   1128 O OG1 . THR A 1 151 ? -4.745  -1.939  9.383   1.00 8.59  ? 152 THR A OG1 1 
ATOM   1129 C CG2 . THR A 1 151 ? -2.397  -1.511  9.015   1.00 10.39 ? 152 THR A CG2 1 
ATOM   1130 N N   . ASP A 1 152 ? -4.717  -3.802  11.951  1.00 10.76 ? 153 ASP A N   1 
ATOM   1131 C CA  . ASP A 1 152 ? -5.894  -4.303  12.647  1.00 11.60 ? 153 ASP A CA  1 
ATOM   1132 C C   . ASP A 1 152 ? -7.167  -3.881  11.913  1.00 10.95 ? 153 ASP A C   1 
ATOM   1133 O O   . ASP A 1 152 ? -8.236  -4.454  12.124  1.00 10.20 ? 153 ASP A O   1 
ATOM   1134 C CB  . ASP A 1 152 ? -5.934  -3.788  14.088  1.00 17.46 ? 153 ASP A CB  1 
ATOM   1135 C CG  . ASP A 1 152 ? -4.754  -4.267  14.913  1.00 22.61 ? 153 ASP A CG  1 
ATOM   1136 O OD1 . ASP A 1 152 ? -4.316  -5.420  14.712  1.00 24.67 ? 153 ASP A OD1 1 
ATOM   1137 O OD2 . ASP A 1 152 ? -4.276  -3.497  15.772  1.00 27.13 ? 153 ASP A OD2 1 
ATOM   1138 N N   . SER A 1 153 ? -7.047  -2.884  11.042  1.00 10.29 ? 154 SER A N   1 
ATOM   1139 C CA  . SER A 1 153 ? -8.200  -2.395  10.286  1.00 11.43 ? 154 SER A CA  1 
ATOM   1140 C C   . SER A 1 153 ? -8.564  -3.284  9.103   1.00 10.03 ? 154 SER A C   1 
ATOM   1141 O O   . SER A 1 153 ? -9.735  -3.390  8.740   1.00 9.40  ? 154 SER A O   1 
ATOM   1142 C CB  . SER A 1 153 ? -7.939  -0.974  9.781   1.00 15.01 ? 154 SER A CB  1 
ATOM   1143 O OG  . SER A 1 153 ? -7.938  -0.041  10.845  1.00 19.21 ? 154 SER A OG  1 
ATOM   1144 N N   . GLY A 1 154 ? -7.554  -3.917  8.510   1.00 10.57 ? 155 GLY A N   1 
ATOM   1145 C CA  . GLY A 1 154 ? -7.756  -4.783  7.357   1.00 9.31  ? 155 GLY A CA  1 
ATOM   1146 C C   . GLY A 1 154 ? -6.485  -4.813  6.528   1.00 10.27 ? 155 GLY A C   1 
ATOM   1147 O O   . GLY A 1 154 ? -5.388  -4.760  7.083   1.00 10.25 ? 155 GLY A O   1 
ATOM   1148 N N   . ILE A 1 155 ? -6.617  -4.899  5.208   1.00 7.10  ? 156 ILE A N   1 
ATOM   1149 C CA  . ILE A 1 155 ? -5.445  -4.920  4.338   1.00 7.45  ? 156 ILE A CA  1 
ATOM   1150 C C   . ILE A 1 155 ? -5.490  -3.668  3.471   1.00 5.62  ? 156 ILE A C   1 
ATOM   1151 O O   . ILE A 1 155 ? -6.529  -3.341  2.892   1.00 6.72  ? 156 ILE A O   1 
ATOM   1152 C CB  . ILE A 1 155 ? -5.415  -6.178  3.447   1.00 7.26  ? 156 ILE A CB  1 
ATOM   1153 C CG1 . ILE A 1 155 ? -5.502  -7.435  4.319   1.00 8.99  ? 156 ILE A CG1 1 
ATOM   1154 C CG2 . ILE A 1 155 ? -4.112  -6.215  2.643   1.00 8.05  ? 156 ILE A CG2 1 
ATOM   1155 C CD1 . ILE A 1 155 ? -5.589  -8.721  3.513   1.00 8.92  ? 156 ILE A CD1 1 
ATOM   1156 N N   . HIS A 1 156 ? -4.359  -2.973  3.390   1.00 6.92  ? 157 HIS A N   1 
ATOM   1157 C CA  . HIS A 1 156 ? -4.280  -1.728  2.636   1.00 6.84  ? 157 HIS A CA  1 
ATOM   1158 C C   . HIS A 1 156 ? -3.329  -1.717  1.453   1.00 7.72  ? 157 HIS A C   1 
ATOM   1159 O O   . HIS A 1 156 ? -2.375  -2.489  1.389   1.00 7.88  ? 157 HIS A O   1 
ATOM   1160 C CB  . HIS A 1 156 ? -3.771  -0.571  3.512   1.00 7.38  ? 157 HIS A CB  1 
ATOM   1161 C CG  . HIS A 1 156 ? -4.448  -0.417  4.836   1.00 7.23  ? 157 HIS A CG  1 
ATOM   1162 N ND1 . HIS A 1 156 ? -4.300  -1.316  5.871   1.00 10.25 ? 157 HIS A ND1 1 
ATOM   1163 C CD2 . HIS A 1 156 ? -5.201  0.596   5.325   1.00 5.91  ? 157 HIS A CD2 1 
ATOM   1164 C CE1 . HIS A 1 156 ? -4.928  -0.858  6.941   1.00 7.19  ? 157 HIS A CE1 1 
ATOM   1165 N NE2 . HIS A 1 156 ? -5.482  0.301   6.636   1.00 10.80 ? 157 HIS A NE2 1 
ATOM   1166 N N   . ILE A 1 157 ? -3.605  -0.790  0.540   1.00 6.69  ? 158 ILE A N   1 
ATOM   1167 C CA  . ILE A 1 157 ? -2.734  -0.484  -0.589  1.00 7.39  ? 158 ILE A CA  1 
ATOM   1168 C C   . ILE A 1 157 ? -2.520  1.007   -0.308  1.00 4.79  ? 158 ILE A C   1 
ATOM   1169 O O   . ILE A 1 157 ? -3.489  1.761   -0.185  1.00 6.11  ? 158 ILE A O   1 
ATOM   1170 C CB  . ILE A 1 157 ? -3.411  -0.612  -1.963  1.00 8.53  ? 158 ILE A CB  1 
ATOM   1171 C CG1 . ILE A 1 157 ? -3.858  -2.054  -2.197  1.00 12.79 ? 158 ILE A CG1 1 
ATOM   1172 C CG2 . ILE A 1 157 ? -2.423  -0.180  -3.051  1.00 13.49 ? 158 ILE A CG2 1 
ATOM   1173 C CD1 . ILE A 1 157 ? -4.643  -2.249  -3.487  1.00 11.84 ? 158 ILE A CD1 1 
ATOM   1174 N N   . ILE A 1 158 ? -1.264  1.425   -0.201  1.00 5.06  ? 159 ILE A N   1 
ATOM   1175 C CA  . ILE A 1 158 ? -0.933  2.815   0.116   1.00 5.67  ? 159 ILE A CA  1 
ATOM   1176 C C   . ILE A 1 158 ? -0.210  3.525   -1.020  1.00 5.92  ? 159 ILE A C   1 
ATOM   1177 O O   . ILE A 1 158 ? 0.707   2.970   -1.620  1.00 6.64  ? 159 ILE A O   1 
ATOM   1178 C CB  . ILE A 1 158 ? -0.021  2.890   1.367   1.00 4.88  ? 159 ILE A CB  1 
ATOM   1179 C CG1 . ILE A 1 158 ? -0.655  2.123   2.527   1.00 7.88  ? 159 ILE A CG1 1 
ATOM   1180 C CG2 . ILE A 1 158 ? 0.206   4.345   1.770   1.00 5.77  ? 159 ILE A CG2 1 
ATOM   1181 C CD1 . ILE A 1 158 ? 0.254   2.006   3.748   1.00 7.56  ? 159 ILE A CD1 1 
ATOM   1182 N N   . LEU A 1 159 ? -0.640  4.751   -1.311  1.00 6.63  ? 160 LEU A N   1 
ATOM   1183 C CA  . LEU A 1 159 ? -0.014  5.560   -2.350  1.00 6.22  ? 160 LEU A CA  1 
ATOM   1184 C C   . LEU A 1 159 ? 0.496   6.847   -1.713  1.00 6.32  ? 160 LEU A C   1 
ATOM   1185 O O   . LEU A 1 159 ? -0.289  7.619   -1.154  1.00 7.29  ? 160 LEU A O   1 
ATOM   1186 C CB  . LEU A 1 159 ? -1.022  5.914   -3.448  1.00 7.66  ? 160 LEU A CB  1 
ATOM   1187 C CG  . LEU A 1 159 ? -0.507  6.909   -4.492  1.00 7.05  ? 160 LEU A CG  1 
ATOM   1188 C CD1 . LEU A 1 159 ? 0.520   6.240   -5.393  1.00 9.63  ? 160 LEU A CD1 1 
ATOM   1189 C CD2 . LEU A 1 159 ? -1.670  7.432   -5.315  1.00 9.19  ? 160 LEU A CD2 1 
ATOM   1190 N N   . ARG A 1 160 ? 1.802   7.085   -1.777  1.00 6.66  ? 161 ARG A N   1 
ATOM   1191 C CA  . ARG A 1 160 ? 2.337   8.315   -1.204  1.00 6.63  ? 161 ARG A CA  1 
ATOM   1192 C C   . ARG A 1 160 ? 2.255   9.422   -2.247  1.00 6.89  ? 161 ARG A C   1 
ATOM   1193 O O   . ARG A 1 160 ? 2.837   9.316   -3.323  1.00 8.22  ? 161 ARG A O   1 
ATOM   1194 C CB  . ARG A 1 160 ? 3.791   8.142   -0.763  1.00 7.41  ? 161 ARG A CB  1 
ATOM   1195 C CG  . ARG A 1 160 ? 4.341   9.430   -0.186  1.00 8.27  ? 161 ARG A CG  1 
ATOM   1196 C CD  . ARG A 1 160 ? 5.756   9.318   0.329   1.00 8.03  ? 161 ARG A CD  1 
ATOM   1197 N NE  . ARG A 1 160 ? 6.251   10.657  0.631   1.00 8.77  ? 161 ARG A NE  1 
ATOM   1198 C CZ  . ARG A 1 160 ? 7.530   10.972  0.806   1.00 8.15  ? 161 ARG A CZ  1 
ATOM   1199 N NH1 . ARG A 1 160 ? 8.471   10.042  0.720   1.00 8.94  ? 161 ARG A NH1 1 
ATOM   1200 N NH2 . ARG A 1 160 ? 7.866   12.233  1.036   1.00 8.48  ? 161 ARG A NH2 1 
ATOM   1201 N N   . THR A 1 161 ? 1.540   10.492  -1.915  1.00 9.01  ? 162 THR A N   1 
ATOM   1202 C CA  . THR A 1 161 ? 1.363   11.597  -2.850  1.00 8.20  ? 162 THR A CA  1 
ATOM   1203 C C   . THR A 1 161 ? 2.254   12.807  -2.583  1.00 10.40 ? 162 THR A C   1 
ATOM   1204 O O   . THR A 1 161 ? 2.489   13.612  -3.488  1.00 12.80 ? 162 THR A O   1 
ATOM   1205 C CB  . THR A 1 161 ? -0.103  12.045  -2.869  1.00 7.97  ? 162 THR A CB  1 
ATOM   1206 O OG1 . THR A 1 161 ? -0.501  12.418  -1.544  1.00 9.66  ? 162 THR A OG1 1 
ATOM   1207 C CG2 . THR A 1 161 ? -0.993  10.913  -3.361  1.00 9.66  ? 162 THR A CG2 1 
ATOM   1208 N N   . GLU A 1 162 ? 2.738   12.944  -1.351  1.00 9.35  ? 163 GLU A N   1 
ATOM   1209 C CA  . GLU A 1 162 ? 3.613   14.053  -0.985  1.00 11.05 ? 163 GLU A CA  1 
ATOM   1210 C C   . GLU A 1 162 ? 4.597   13.623  0.098   1.00 11.44 ? 163 GLU A C   1 
ATOM   1211 O O   . GLU A 1 162 ? 5.688   14.187  0.212   1.00 10.85 ? 163 GLU A O   1 
ATOM   1212 C CB  . GLU A 1 162 ? 2.796   15.249  -0.483  1.00 13.28 ? 163 GLU A CB  1 
ATOM   1213 C CG  . GLU A 1 162 ? 1.958   15.941  -1.548  1.00 19.59 ? 163 GLU A CG  1 
ATOM   1214 C CD  . GLU A 1 162 ? 1.092   17.046  -0.973  1.00 21.73 ? 163 GLU A CD  1 
ATOM   1215 O OE1 . GLU A 1 162 ? 1.577   17.778  -0.086  1.00 24.12 ? 163 GLU A OE1 1 
ATOM   1216 O OE2 . GLU A 1 162 ? -0.068  17.194  -1.415  1.00 23.54 ? 163 GLU A OE2 1 
HETATM 1217 O OH2 . 1PE B 2 .   ? 3.716   -5.980  -11.671 1.00 21.34 ? 300 1PE A OH2 1 
HETATM 1218 C C12 . 1PE B 2 .   ? 4.538   -6.954  -11.254 1.00 19.23 ? 300 1PE A C12 1 
HETATM 1219 C C22 . 1PE B 2 .   ? 6.071   -7.102  -10.892 1.00 17.53 ? 300 1PE A C22 1 
HETATM 1220 O OH3 . 1PE B 2 .   ? 6.316   -8.316  -10.370 1.00 16.53 ? 300 1PE A OH3 1 
HETATM 1221 C C13 . 1PE B 2 .   ? 7.776   -10.010 -9.411  1.00 15.70 ? 300 1PE A C13 1 
HETATM 1222 C C23 . 1PE B 2 .   ? 7.611   -8.560  -10.019 1.00 13.48 ? 300 1PE A C23 1 
HETATM 1223 O OH4 . 1PE B 2 .   ? 7.079   -10.175 -8.294  1.00 15.37 ? 300 1PE A OH4 1 
HETATM 1224 C C14 . 1PE B 2 .   ? 5.826   -12.011 -7.378  1.00 23.19 ? 300 1PE A C14 1 
HETATM 1225 C C24 . 1PE B 2 .   ? 7.175   -11.416 -7.707  1.00 18.45 ? 300 1PE A C24 1 
HETATM 1226 O OH5 . 1PE B 2 .   ? 5.373   -11.135 -6.398  1.00 20.60 ? 300 1PE A OH5 1 
HETATM 1227 C C25 . 1PE B 2 .   ? 4.521   -12.065 -5.972  1.00 24.28 ? 300 1PE A C25 1 
HETATM 1228 O OH2 . 1PE C 2 .   ? -8.386  6.220   9.650   1.00 30.30 ? 400 1PE A OH2 1 
HETATM 1229 C C12 . 1PE C 2 .   ? -7.840  6.018   8.434   1.00 25.77 ? 400 1PE A C12 1 
HETATM 1230 C C22 . 1PE C 2 .   ? -6.527  5.361   7.835   1.00 25.43 ? 400 1PE A C22 1 
HETATM 1231 O OH3 . 1PE C 2 .   ? -5.978  4.507   8.721   1.00 22.62 ? 400 1PE A OH3 1 
HETATM 1232 C C13 . 1PE C 2 .   ? -4.280  2.906   9.435   1.00 20.58 ? 400 1PE A C13 1 
HETATM 1233 C C23 . 1PE C 2 .   ? -4.837  3.879   8.316   1.00 21.98 ? 400 1PE A C23 1 
HETATM 1234 O OH4 . 1PE C 2 .   ? -3.868  3.538   10.519  1.00 19.43 ? 400 1PE A OH4 1 
HETATM 1235 O O   . HOH D 3 .   ? 10.174  2.529   -1.411  1.00 8.35  ? 401 HOH A O   1 
HETATM 1236 O O   . HOH D 3 .   ? 8.107   0.460   -1.799  1.00 8.93  ? 402 HOH A O   1 
HETATM 1237 O O   . HOH D 3 .   ? 7.270   -4.057  -12.269 1.00 7.26  ? 403 HOH A O   1 
HETATM 1238 O O   . HOH D 3 .   ? -6.760  3.439   -15.924 1.00 9.54  ? 404 HOH A O   1 
HETATM 1239 O O   . HOH D 3 .   ? 8.005   1.760   -6.631  1.00 10.95 ? 405 HOH A O   1 
HETATM 1240 O O   . HOH D 3 .   ? -9.831  4.944   1.130   1.00 10.65 ? 406 HOH A O   1 
HETATM 1241 O O   . HOH D 3 .   ? 9.289   10.757  10.387  1.00 11.61 ? 407 HOH A O   1 
HETATM 1242 O O   . HOH D 3 .   ? 9.494   2.969   7.771   1.00 11.99 ? 408 HOH A O   1 
HETATM 1243 O O   . HOH D 3 .   ? -3.103  11.772  -0.891  1.00 12.69 ? 409 HOH A O   1 
HETATM 1244 O O   . HOH D 3 .   ? 5.508   -2.937  -10.357 1.00 10.99 ? 410 HOH A O   1 
HETATM 1245 O O   . HOH D 3 .   ? -16.993 -4.311  1.459   1.00 12.16 ? 411 HOH A O   1 
HETATM 1246 O O   . HOH D 3 .   ? 3.766   -4.248  -5.444  1.00 12.78 ? 412 HOH A O   1 
HETATM 1247 O O   . HOH D 3 .   ? 14.297  -7.263  -13.102 1.00 11.52 ? 413 HOH A O   1 
HETATM 1248 O O   . HOH D 3 .   ? -17.427 -8.870  2.885   1.00 14.88 ? 414 HOH A O   1 
HETATM 1249 O O   . HOH D 3 .   ? 4.440   -7.598  -3.380  1.00 10.08 ? 415 HOH A O   1 
HETATM 1250 O O   . HOH D 3 .   ? 6.792   1.008   -4.119  1.00 8.61  ? 416 HOH A O   1 
HETATM 1251 O O   . HOH D 3 .   ? -16.756 3.392   6.079   1.00 19.48 ? 417 HOH A O   1 
HETATM 1252 O O   . HOH D 3 .   ? -0.997  -8.437  -7.600  1.00 13.84 ? 418 HOH A O   1 
HETATM 1253 O O   . HOH D 3 .   ? 5.228   2.346   -6.964  1.00 11.62 ? 419 HOH A O   1 
HETATM 1254 O O   . HOH D 3 .   ? -5.634  -7.563  8.366   1.00 14.79 ? 420 HOH A O   1 
HETATM 1255 O O   . HOH D 3 .   ? 15.547  1.103   -12.639 1.00 14.03 ? 421 HOH A O   1 
HETATM 1256 O O   . HOH D 3 .   ? 4.471   -9.133  -8.261  1.00 14.16 ? 422 HOH A O   1 
HETATM 1257 O O   . HOH D 3 .   ? -13.757 -3.354  -0.198  1.00 14.77 ? 423 HOH A O   1 
HETATM 1258 O O   . HOH D 3 .   ? -8.852  -16.095 5.853   1.00 14.95 ? 424 HOH A O   1 
HETATM 1259 O O   . HOH D 3 .   ? 3.300   -1.386  -14.741 1.00 15.81 ? 425 HOH A O   1 
HETATM 1260 O O   . HOH D 3 .   ? 10.685  7.232   2.062   1.00 15.45 ? 426 HOH A O   1 
HETATM 1261 O O   . HOH D 3 .   ? 11.718  -17.894 -6.429  1.00 17.28 ? 427 HOH A O   1 
HETATM 1262 O O   . HOH D 3 .   ? -23.084 -4.592  11.616  1.00 18.71 ? 428 HOH A O   1 
HETATM 1263 O O   . HOH D 3 .   ? -13.247 -5.003  -2.334  1.00 15.10 ? 429 HOH A O   1 
HETATM 1264 O O   . HOH D 3 .   ? -23.562 -3.451  0.093   1.00 17.23 ? 430 HOH A O   1 
HETATM 1265 O O   . HOH D 3 .   ? -11.673 -2.077  10.819  1.00 13.92 ? 431 HOH A O   1 
HETATM 1266 O O   . HOH D 3 .   ? 7.200   11.992  11.685  1.00 13.00 ? 432 HOH A O   1 
HETATM 1267 O O   . HOH D 3 .   ? 14.468  -16.311 -16.889 1.00 14.64 ? 433 HOH A O   1 
HETATM 1268 O O   . HOH D 3 .   ? 0.018   -7.885  -5.029  1.00 16.62 ? 434 HOH A O   1 
HETATM 1269 O O   . HOH D 3 .   ? 7.680   -14.925 -7.891  1.00 16.95 ? 435 HOH A O   1 
HETATM 1270 O O   . HOH D 3 .   ? -3.448  3.638   -14.413 1.00 16.96 ? 436 HOH A O   1 
HETATM 1271 O O   . HOH D 3 .   ? 4.851   -2.184  7.174   1.00 16.88 ? 437 HOH A O   1 
HETATM 1272 O O   . HOH D 3 .   ? 2.908   -6.926  -7.902  1.00 13.62 ? 438 HOH A O   1 
HETATM 1273 O O   . HOH D 3 .   ? 10.395  11.040  -2.432  1.00 14.58 ? 439 HOH A O   1 
HETATM 1274 O O   . HOH D 3 .   ? 15.895  6.939   -3.702  1.00 15.40 ? 440 HOH A O   1 
HETATM 1275 O O   . HOH D 3 .   ? -2.882  -15.466 2.921   1.00 19.53 ? 441 HOH A O   1 
HETATM 1276 O O   . HOH D 3 .   ? -0.444  -5.802  -13.705 1.00 12.34 ? 442 HOH A O   1 
HETATM 1277 O O   . HOH D 3 .   ? 15.784  -3.043  -13.561 1.00 16.26 ? 443 HOH A O   1 
HETATM 1278 O O   . HOH D 3 .   ? -3.152  5.150   -10.785 1.00 20.38 ? 444 HOH A O   1 
HETATM 1279 O O   . HOH D 3 .   ? -6.176  10.134  -3.478  1.00 20.49 ? 445 HOH A O   1 
HETATM 1280 O O   . HOH D 3 .   ? -7.789  2.168   8.291   1.00 20.23 ? 446 HOH A O   1 
HETATM 1281 O O   . HOH D 3 .   ? 21.945  -2.337  -1.681  1.00 17.58 ? 447 HOH A O   1 
HETATM 1282 O O   . HOH D 3 .   ? -2.305  -2.564  13.217  1.00 19.48 ? 448 HOH A O   1 
HETATM 1283 O O   . HOH D 3 .   ? -14.789 1.931   7.489   1.00 18.83 ? 449 HOH A O   1 
HETATM 1284 O O   . HOH D 3 .   ? -11.676 -12.266 -3.015  1.00 16.51 ? 450 HOH A O   1 
HETATM 1285 O O   . HOH D 3 .   ? -9.812  -7.145  -7.248  1.00 17.74 ? 451 HOH A O   1 
HETATM 1286 O O   . HOH D 3 .   ? 2.942   11.723  16.902  1.00 17.69 ? 452 HOH A O   1 
HETATM 1287 O O   . HOH D 3 .   ? 27.542  1.247   1.370   1.00 35.54 ? 453 HOH A O   1 
HETATM 1288 O O   . HOH D 3 .   ? 1.285   -7.066  -12.002 1.00 15.59 ? 454 HOH A O   1 
HETATM 1289 O O   . HOH D 3 .   ? 1.728   7.561   11.790  1.00 15.62 ? 455 HOH A O   1 
HETATM 1290 O O   . HOH D 3 .   ? 0.550   1.365   -15.344 1.00 20.23 ? 456 HOH A O   1 
HETATM 1291 O O   . HOH D 3 .   ? 13.034  -19.144 -10.460 1.00 20.31 ? 457 HOH A O   1 
HETATM 1292 O O   . HOH D 3 .   ? -22.436 0.909   7.226   1.00 18.32 ? 458 HOH A O   1 
HETATM 1293 O O   . HOH D 3 .   ? 19.465  -7.383  -1.864  1.00 21.88 ? 459 HOH A O   1 
HETATM 1294 O O   . HOH D 3 .   ? -0.492  0.202   15.704  1.00 23.99 ? 460 HOH A O   1 
HETATM 1295 O O   . HOH D 3 .   ? 15.384  -14.941 2.880   1.00 26.64 ? 461 HOH A O   1 
HETATM 1296 O O   . HOH D 3 .   ? -11.234 -17.911 2.678   1.00 22.75 ? 462 HOH A O   1 
HETATM 1297 O O   . HOH D 3 .   ? 1.476   8.062   19.314  1.00 22.33 ? 463 HOH A O   1 
HETATM 1298 O O   . HOH D 3 .   ? 9.979   -21.652 -9.375  1.00 23.83 ? 464 HOH A O   1 
HETATM 1299 O O   . HOH D 3 .   ? 21.470  4.343   -5.026  1.00 19.17 ? 465 HOH A O   1 
HETATM 1300 O O   . HOH D 3 .   ? 11.294  4.814   6.740   1.00 20.73 ? 466 HOH A O   1 
HETATM 1301 O O   . HOH D 3 .   ? 18.937  4.442   -2.496  1.00 19.77 ? 467 HOH A O   1 
HETATM 1302 O O   . HOH D 3 .   ? 17.959  -1.677  0.981   1.00 19.66 ? 468 HOH A O   1 
HETATM 1303 O O   . HOH D 3 .   ? -4.091  14.107  7.778   1.00 27.70 ? 469 HOH A O   1 
HETATM 1304 O O   . HOH D 3 .   ? -13.636 4.550   8.021   1.00 21.00 ? 470 HOH A O   1 
HETATM 1305 O O   . HOH D 3 .   ? -11.469 2.417   -16.043 1.00 31.06 ? 471 HOH A O   1 
HETATM 1306 O O   . HOH D 3 .   ? 6.159   15.317  2.716   1.00 19.39 ? 472 HOH A O   1 
HETATM 1307 O O   . HOH D 3 .   ? 7.585   -10.510 -3.189  1.00 19.69 ? 473 HOH A O   1 
HETATM 1308 O O   . HOH D 3 .   ? 6.442   -0.604  -9.222  1.00 22.54 ? 474 HOH A O   1 
HETATM 1309 O O   . HOH D 3 .   ? -15.766 -10.203 -0.994  1.00 31.32 ? 475 HOH A O   1 
HETATM 1310 O O   . HOH D 3 .   ? 1.874   -5.904  6.337   1.00 20.09 ? 476 HOH A O   1 
HETATM 1311 O O   . HOH D 3 .   ? 32.610  8.280   -8.101  1.00 36.64 ? 477 HOH A O   1 
HETATM 1312 O O   . HOH D 3 .   ? -12.796 1.526   10.750  1.00 26.63 ? 478 HOH A O   1 
HETATM 1313 O O   . HOH D 3 .   ? 6.831   -7.411  5.390   1.00 23.87 ? 479 HOH A O   1 
HETATM 1314 O O   . HOH D 3 .   ? -13.920 -6.229  16.558  1.00 20.86 ? 480 HOH A O   1 
HETATM 1315 O O   . HOH D 3 .   ? -5.926  5.211   11.592  1.00 26.80 ? 481 HOH A O   1 
HETATM 1316 O O   . HOH D 3 .   ? -3.348  -15.105 9.932   1.00 24.68 ? 482 HOH A O   1 
HETATM 1317 O O   . HOH D 3 .   ? -23.421 -8.654  4.803   1.00 24.77 ? 483 HOH A O   1 
HETATM 1318 O O   . HOH D 3 .   ? -5.345  -14.730 -0.397  1.00 22.32 ? 484 HOH A O   1 
HETATM 1319 O O   . HOH D 3 .   ? -14.049 -5.304  -6.816  1.00 26.60 ? 485 HOH A O   1 
HETATM 1320 O O   . HOH D 3 .   ? -4.814  7.651   -9.205  1.00 24.18 ? 486 HOH A O   1 
HETATM 1321 O O   . HOH D 3 .   ? -18.203 -10.295 0.579   1.00 29.61 ? 487 HOH A O   1 
HETATM 1322 O O   . HOH D 3 .   ? 21.680  7.375   -8.494  1.00 29.83 ? 488 HOH A O   1 
HETATM 1323 O O   . HOH D 3 .   ? 12.831  3.059   -0.005  1.00 27.26 ? 489 HOH A O   1 
HETATM 1324 O O   . HOH D 3 .   ? -18.819 1.977   -4.893  1.00 28.16 ? 490 HOH A O   1 
HETATM 1325 O O   . HOH D 3 .   ? 3.789   15.614  -4.664  1.00 25.84 ? 491 HOH A O   1 
HETATM 1326 O O   . HOH D 3 .   ? 10.642  13.291  0.930   1.00 21.38 ? 492 HOH A O   1 
HETATM 1327 O O   . HOH D 3 .   ? -9.874  11.524  4.442   1.00 27.22 ? 493 HOH A O   1 
HETATM 1328 O O   . HOH D 3 .   ? 2.693   7.798   -8.709  1.00 31.59 ? 494 HOH A O   1 
HETATM 1329 O O   . HOH D 3 .   ? -18.433 -11.466 9.704   1.00 38.37 ? 495 HOH A O   1 
HETATM 1330 O O   . HOH D 3 .   ? 1.623   17.030  2.474   1.00 46.10 ? 496 HOH A O   1 
HETATM 1331 O O   . HOH D 3 .   ? -3.138  17.401  5.553   1.00 27.70 ? 497 HOH A O   1 
HETATM 1332 O O   . HOH D 3 .   ? -10.603 -3.346  -17.558 1.00 26.55 ? 498 HOH A O   1 
HETATM 1333 O O   . HOH D 3 .   ? -8.019  -7.010  13.270  1.00 25.55 ? 499 HOH A O   1 
HETATM 1334 O O   . HOH D 3 .   ? 13.325  -4.248  -15.633 1.00 12.45 ? 500 HOH A O   1 
HETATM 1335 O O   . HOH D 3 .   ? 0.629   -7.206  -9.452  1.00 14.85 ? 501 HOH A O   1 
HETATM 1336 O O   . HOH D 3 .   ? 2.344   -6.719  -5.162  1.00 15.96 ? 502 HOH A O   1 
HETATM 1337 O O   . HOH D 3 .   ? -23.990 -5.866  4.738   1.00 19.78 ? 503 HOH A O   1 
HETATM 1338 O O   . HOH D 3 .   ? -24.009 -5.627  1.757   1.00 20.09 ? 504 HOH A O   1 
HETATM 1339 O O   . HOH D 3 .   ? 18.420  6.452   -4.339  1.00 21.84 ? 505 HOH A O   1 
HETATM 1340 O O   . HOH D 3 .   ? -11.330 -11.620 -5.753  1.00 26.26 ? 506 HOH A O   1 
HETATM 1341 O O   . HOH D 3 .   ? 10.764  0.992   9.035   1.00 26.88 ? 507 HOH A O   1 
HETATM 1342 O O   . HOH D 3 .   ? -15.778 -6.186  -3.069  1.00 26.09 ? 508 HOH A O   1 
HETATM 1343 O O   . HOH D 3 .   ? -12.492 11.622  3.878   1.00 24.98 ? 509 HOH A O   1 
HETATM 1344 O O   . HOH D 3 .   ? -3.719  13.848  -2.809  1.00 25.47 ? 510 HOH A O   1 
HETATM 1345 O O   . HOH D 3 .   ? -9.605  -9.893  -7.367  1.00 25.40 ? 511 HOH A O   1 
HETATM 1346 O O   . HOH D 3 .   ? -10.239 3.083   -12.571 1.00 26.85 ? 512 HOH A O   1 
HETATM 1347 O O   . HOH D 3 .   ? -22.963 4.223   2.857   1.00 20.60 ? 513 HOH A O   1 
HETATM 1348 O O   . HOH D 3 .   ? 2.355   -8.874  4.977   1.00 19.26 ? 514 HOH A O   1 
HETATM 1349 O O   . HOH D 3 .   ? 20.424  5.464   -0.177  1.00 24.90 ? 515 HOH A O   1 
HETATM 1350 O O   . HOH D 3 .   ? 6.424   15.784  11.733  1.00 26.05 ? 516 HOH A O   1 
HETATM 1351 O O   . HOH D 3 .   ? 19.403  8.813   -3.451  1.00 27.40 ? 517 HOH A O   1 
HETATM 1352 O O   . HOH D 3 .   ? 1.189   -6.135  9.920   1.00 22.85 ? 518 HOH A O   1 
HETATM 1353 O O   . HOH D 3 .   ? -10.985 -14.909 -3.336  1.00 25.77 ? 519 HOH A O   1 
HETATM 1354 O O   . HOH D 3 .   ? -4.617  -13.669 3.864   1.00 26.90 ? 520 HOH A O   1 
HETATM 1355 O O   . HOH D 3 .   ? 4.173   -1.245  -11.994 1.00 24.97 ? 521 HOH A O   1 
HETATM 1356 O O   . HOH D 3 .   ? 5.570   5.811   15.778  1.00 25.50 ? 522 HOH A O   1 
HETATM 1357 O O   . HOH D 3 .   ? -9.144  4.271   -15.162 1.00 23.77 ? 523 HOH A O   1 
HETATM 1358 O O   . HOH D 3 .   ? 29.048  9.628   -9.224  1.00 29.53 ? 524 HOH A O   1 
HETATM 1359 O O   . HOH D 3 .   ? -20.554 -5.509  11.899  1.00 24.88 ? 525 HOH A O   1 
HETATM 1360 O O   . HOH D 3 .   ? -6.814  11.198  7.940   1.00 25.60 ? 526 HOH A O   1 
HETATM 1361 O O   . HOH D 3 .   ? 27.581  0.365   -2.334  1.00 33.35 ? 527 HOH A O   1 
HETATM 1362 O O   . HOH D 3 .   ? 19.240  -5.282  0.262   1.00 29.34 ? 528 HOH A O   1 
HETATM 1363 O O   . HOH D 3 .   ? 24.158  -1.896  -5.000  1.00 28.10 ? 529 HOH A O   1 
HETATM 1364 O O   . HOH D 3 .   ? -10.017 -4.045  -14.357 1.00 30.22 ? 530 HOH A O   1 
HETATM 1365 O O   . HOH D 3 .   ? -3.370  -14.380 -2.476  1.00 39.42 ? 531 HOH A O   1 
HETATM 1366 O O   . HOH D 3 .   ? -5.995  -16.237 6.314   1.00 29.99 ? 532 HOH A O   1 
HETATM 1367 O O   . HOH D 3 .   ? 7.071   14.924  -2.189  1.00 28.47 ? 533 HOH A O   1 
HETATM 1368 O O   . HOH D 3 .   ? -6.742  -11.511 -7.206  1.00 31.56 ? 534 HOH A O   1 
HETATM 1369 O O   . HOH D 3 .   ? 19.873  5.996   -6.780  1.00 24.84 ? 535 HOH A O   1 
HETATM 1370 O O   . HOH D 3 .   ? -8.900  13.726  -2.992  1.00 30.15 ? 536 HOH A O   1 
HETATM 1371 O O   . HOH D 3 .   ? 12.822  10.077  -3.724  1.00 24.67 ? 537 HOH A O   1 
HETATM 1372 O O   . HOH D 3 .   ? -14.254 -12.370 -2.385  1.00 34.68 ? 538 HOH A O   1 
HETATM 1373 O O   . HOH D 3 .   ? -10.287 3.153   8.168   1.00 28.96 ? 539 HOH A O   1 
HETATM 1374 O O   . HOH D 3 .   ? 15.450  6.981   -0.682  1.00 30.10 ? 540 HOH A O   1 
HETATM 1375 O O   . HOH D 3 .   ? 2.968   -9.342  -1.736  1.00 26.61 ? 541 HOH A O   1 
HETATM 1376 O O   . HOH D 3 .   ? -12.085 -5.657  -14.167 1.00 43.91 ? 542 HOH A O   1 
HETATM 1377 O O   . HOH D 3 .   ? 22.000  4.082   -12.128 1.00 41.98 ? 543 HOH A O   1 
HETATM 1378 O O   . HOH D 3 .   ? -16.978 -15.000 2.555   1.00 33.22 ? 544 HOH A O   1 
HETATM 1379 O O   . HOH D 3 .   ? 4.308   -5.021  6.794   1.00 26.96 ? 545 HOH A O   1 
HETATM 1380 O O   . HOH D 3 .   ? -4.419  -13.266 -5.349  1.00 37.71 ? 546 HOH A O   1 
HETATM 1381 O O   . HOH D 3 .   ? 2.047   4.622   15.272  1.00 32.20 ? 547 HOH A O   1 
HETATM 1382 O O   . HOH D 3 .   ? -3.807  13.169  -5.380  1.00 37.63 ? 548 HOH A O   1 
HETATM 1383 O O   . HOH D 3 .   ? -19.423 -4.161  -0.276  1.00 28.52 ? 549 HOH A O   1 
HETATM 1384 O O   . HOH D 3 .   ? -10.108 -0.654  -17.943 1.00 26.71 ? 550 HOH A O   1 
HETATM 1385 O O   . HOH D 3 .   ? -21.570 3.558   7.886   1.00 31.41 ? 551 HOH A O   1 
HETATM 1386 O O   . HOH D 3 .   ? 19.248  1.912   2.145   1.00 31.94 ? 552 HOH A O   1 
HETATM 1387 O O   . HOH D 3 .   ? 7.488   -2.491  9.197   1.00 32.88 ? 553 HOH A O   1 
HETATM 1388 O O   . HOH D 3 .   ? -9.798  -18.122 0.370   1.00 36.46 ? 554 HOH A O   1 
HETATM 1389 O O   . HOH D 3 .   ? -0.942  19.923  6.699   1.00 44.78 ? 555 HOH A O   1 
HETATM 1390 O O   . HOH D 3 .   ? 9.954   -5.593  7.614   1.00 31.69 ? 556 HOH A O   1 
HETATM 1391 O O   . HOH D 3 .   ? -8.620  15.539  -0.510  1.00 33.52 ? 557 HOH A O   1 
HETATM 1392 O O   . HOH D 3 .   ? -16.622 1.799   9.969   1.00 31.54 ? 558 HOH A O   1 
HETATM 1393 O O   . HOH D 3 .   ? 34.330  6.284   -8.546  1.00 32.11 ? 559 HOH A O   1 
HETATM 1394 O O   . HOH D 3 .   ? 15.795  6.974   5.194   1.00 35.42 ? 560 HOH A O   1 
HETATM 1395 O O   . HOH D 3 .   ? -5.674  -16.409 9.199   1.00 39.70 ? 561 HOH A O   1 
HETATM 1396 O O   . HOH D 3 .   ? -1.208  15.475  -3.201  1.00 38.26 ? 562 HOH A O   1 
HETATM 1397 O O   . HOH D 3 .   ? -12.590 -16.217 8.680   1.00 41.87 ? 563 HOH A O   1 
HETATM 1398 O O   . HOH D 3 .   ? 22.879  -11.653 -8.499  1.00 35.98 ? 564 HOH A O   1 
HETATM 1399 O O   . HOH D 3 .   ? -10.756 6.854   -14.000 1.00 34.16 ? 565 HOH A O   1 
HETATM 1400 O O   . HOH D 3 .   ? -0.175  19.990  0.351   1.00 36.35 ? 566 HOH A O   1 
HETATM 1401 O O   . HOH D 3 .   ? -1.543  3.960   -12.491 1.00 32.84 ? 567 HOH A O   1 
HETATM 1402 O O   . HOH D 3 .   ? -11.642 6.429   8.798   1.00 42.87 ? 568 HOH A O   1 
HETATM 1403 O O   . HOH D 3 .   ? 19.213  7.889   -0.974  1.00 39.63 ? 569 HOH A O   1 
# 
loop_
_pdbx_poly_seq_scheme.asym_id 
_pdbx_poly_seq_scheme.entity_id 
_pdbx_poly_seq_scheme.seq_id 
_pdbx_poly_seq_scheme.mon_id 
_pdbx_poly_seq_scheme.ndb_seq_num 
_pdbx_poly_seq_scheme.pdb_seq_num 
_pdbx_poly_seq_scheme.auth_seq_num 
_pdbx_poly_seq_scheme.pdb_mon_id 
_pdbx_poly_seq_scheme.auth_mon_id 
_pdbx_poly_seq_scheme.pdb_strand_id 
_pdbx_poly_seq_scheme.pdb_ins_code 
_pdbx_poly_seq_scheme.hetero 
A 1 1   MET 1   1   1   MET MET A . n 
A 1 2   ALA 2   2   2   ALA ALA A . n 
A 1 3   ASP 3   3   3   ASP ASP A . n 
A 1 4   GLU 4   4   4   GLU GLU A . n 
A 1 5   GLU 5   5   5   GLU GLU A . n 
A 1 6   LYS 6   6   6   LYS LYS A . n 
A 1 7   LEU 7   7   7   LEU LEU A . n 
A 1 8   PRO 8   8   8   PRO PRO A . n 
A 1 9   PRO 9   9   9   PRO PRO A . n 
A 1 10  GLY 10  10  10  GLY GLY A . n 
A 1 11  TRP 11  11  11  TRP TRP A . n 
A 1 12  GLU 12  12  12  GLU GLU A . n 
A 1 13  LYS 13  13  13  LYS LYS A . n 
A 1 14  ARG 14  14  14  ARG ARG A . n 
A 1 15  MET 15  15  15  MET MET A . n 
A 1 16  SER 16  16  16  SER SER A . n 
A 1 17  ALA 17  17  17  ALA ALA A . n 
A 1 18  ASP 18  18  18  ASP ASP A . n 
A 1 19  GLY 19  20  20  GLY GLY A . n 
A 1 20  ARG 20  21  21  ARG ARG A . n 
A 1 21  VAL 21  22  22  VAL VAL A . n 
A 1 22  TYR 22  23  23  TYR TYR A . n 
A 1 23  TYR 23  24  24  TYR TYR A . n 
A 1 24  PHE 24  25  25  PHE PHE A . n 
A 1 25  ASN 25  26  26  ASN ASN A . n 
A 1 26  HIS 26  27  27  HIS HIS A . n 
A 1 27  ILE 27  28  28  ILE ILE A . n 
A 1 28  THR 28  29  29  THR THR A . n 
A 1 29  ASN 29  30  30  ASN ASN A . n 
A 1 30  ALA 30  31  31  ALA ALA A . n 
A 1 31  SER 31  32  32  SER SER A . n 
A 1 32  GLN 32  33  33  GLN GLN A . n 
A 1 33  TRP 33  34  34  TRP TRP A . n 
A 1 34  GLU 34  35  35  GLU GLU A . n 
A 1 35  ARG 35  36  36  ARG ARG A . n 
A 1 36  PRO 36  37  37  PRO PRO A . n 
A 1 37  SER 37  38  38  SER SER A . n 
A 1 38  GLY 38  39  39  GLY GLY A . n 
A 1 39  ASN 39  40  ?   ?   ?   A . n 
A 1 40  SER 40  41  ?   ?   ?   A . n 
A 1 41  SER 41  42  ?   ?   ?   A . n 
A 1 42  SER 42  43  ?   ?   ?   A . n 
A 1 43  GLY 43  44  ?   ?   ?   A . n 
A 1 44  GLY 44  45  ?   ?   ?   A . n 
A 1 45  LYS 45  46  ?   ?   ?   A . n 
A 1 46  ASN 46  47  ?   ?   ?   A . n 
A 1 47  GLY 47  48  ?   ?   ?   A . n 
A 1 48  GLN 48  49  49  GLN GLN A . n 
A 1 49  GLY 49  50  50  GLY GLY A . n 
A 1 50  GLU 50  51  51  GLU GLU A . n 
A 1 51  PRO 51  52  52  PRO PRO A . n 
A 1 52  ALA 52  53  53  ALA ALA A . n 
A 1 53  ARG 53  54  54  ARG ARG A . n 
A 1 54  VAL 54  55  55  VAL VAL A . n 
A 1 55  ARG 55  56  56  ARG ARG A . n 
A 1 56  CYS 56  57  57  CYS CYS A . n 
A 1 57  SER 57  58  58  SER SER A . n 
A 1 58  HIS 58  59  59  HIS HIS A . n 
A 1 59  LEU 59  60  60  LEU LEU A . n 
A 1 60  LEU 60  61  61  LEU LEU A . n 
A 1 61  VAL 61  62  62  VAL VAL A . n 
A 1 62  LYS 62  63  63  LYS LYS A . n 
A 1 63  HIS 63  64  64  HIS HIS A . n 
A 1 64  SER 64  65  65  SER SER A . n 
A 1 65  GLN 65  66  66  GLN GLN A . n 
A 1 66  SER 66  67  67  SER SER A . n 
A 1 67  ARG 67  68  68  ARG ARG A . n 
A 1 68  ARG 68  69  69  ARG ARG A . n 
A 1 69  PRO 69  70  70  PRO PRO A . n 
A 1 70  SER 70  71  71  SER SER A . n 
A 1 71  SER 71  72  72  SER SER A . n 
A 1 72  TRP 72  73  73  TRP TRP A . n 
A 1 73  ARG 73  74  74  ARG ARG A . n 
A 1 74  GLN 74  75  75  GLN GLN A . n 
A 1 75  GLU 75  76  76  GLU GLU A . n 
A 1 76  LYS 76  77  77  LYS LYS A . n 
A 1 77  ILE 77  78  78  ILE ILE A . n 
A 1 78  THR 78  79  79  THR THR A . n 
A 1 79  ARG 79  80  80  ARG ARG A . n 
A 1 80  THR 80  81  81  THR THR A . n 
A 1 81  LYS 81  82  82  LYS LYS A . n 
A 1 82  GLU 82  83  83  GLU GLU A . n 
A 1 83  GLU 83  84  84  GLU GLU A . n 
A 1 84  ALA 84  85  85  ALA ALA A . n 
A 1 85  LEU 85  86  86  LEU LEU A . n 
A 1 86  GLU 86  87  87  GLU GLU A . n 
A 1 87  LEU 87  88  88  LEU LEU A . n 
A 1 88  ILE 88  89  89  ILE ILE A . n 
A 1 89  ASN 89  90  90  ASN ASN A . n 
A 1 90  GLY 90  91  91  GLY GLY A . n 
A 1 91  TYR 91  92  92  TYR TYR A . n 
A 1 92  ILE 92  93  93  ILE ILE A . n 
A 1 93  GLN 93  94  94  GLN GLN A . n 
A 1 94  LYS 94  95  95  LYS LYS A . n 
A 1 95  ILE 95  96  96  ILE ILE A . n 
A 1 96  LYS 96  97  97  LYS LYS A . n 
A 1 97  SER 97  98  98  SER SER A . n 
A 1 98  GLY 98  99  99  GLY GLY A . n 
A 1 99  GLU 99  100 100 GLU GLU A . n 
A 1 100 GLU 100 101 101 GLU GLU A . n 
A 1 101 ASP 101 102 102 ASP ASP A . n 
A 1 102 PHE 102 103 103 PHE PHE A . n 
A 1 103 GLU 103 104 104 GLU GLU A . n 
A 1 104 SER 104 105 105 SER SER A . n 
A 1 105 LEU 105 106 106 LEU LEU A . n 
A 1 106 ALA 106 107 107 ALA ALA A . n 
A 1 107 SER 107 108 108 SER SER A . n 
A 1 108 GLN 108 109 109 GLN GLN A . n 
A 1 109 PHE 109 110 110 PHE PHE A . n 
A 1 110 SER 110 111 111 SER SER A . n 
A 1 111 ASP 111 112 112 ASP ASP A . n 
A 1 112 CYS 112 113 113 CYS CYS A . n 
A 1 113 SER 113 114 114 SER SER A . n 
A 1 114 SER 114 115 115 SER SER A . n 
A 1 115 ALA 115 116 116 ALA ALA A . n 
A 1 116 LYS 116 117 117 LYS LYS A . n 
A 1 117 ALA 117 118 118 ALA ALA A . n 
A 1 118 ARG 118 119 119 ARG ARG A . n 
A 1 119 GLY 119 120 120 GLY GLY A . n 
A 1 120 ASP 120 121 121 ASP ASP A . n 
A 1 121 LEU 121 122 122 LEU LEU A . n 
A 1 122 GLY 122 123 123 GLY GLY A . n 
A 1 123 ALA 123 124 124 ALA ALA A . n 
A 1 124 PHE 124 125 125 PHE PHE A . n 
A 1 125 SER 125 126 126 SER SER A . n 
A 1 126 ARG 126 127 127 ARG ARG A . n 
A 1 127 GLY 127 128 128 GLY GLY A . n 
A 1 128 GLN 128 129 129 GLN GLN A . n 
A 1 129 MET 129 130 130 MET MET A . n 
A 1 130 GLN 130 131 131 GLN GLN A . n 
A 1 131 LYS 131 132 132 LYS LYS A . n 
A 1 132 PRO 132 133 133 PRO PRO A . n 
A 1 133 PHE 133 134 134 PHE PHE A . n 
A 1 134 GLU 134 135 135 GLU GLU A . n 
A 1 135 ASP 135 136 136 ASP ASP A . n 
A 1 136 ALA 136 137 137 ALA ALA A . n 
A 1 137 SER 137 138 138 SER SER A . n 
A 1 138 PHE 138 139 139 PHE PHE A . n 
A 1 139 ALA 139 140 140 ALA ALA A . n 
A 1 140 LEU 140 141 141 LEU LEU A . n 
A 1 141 ARG 141 142 142 ARG ARG A . n 
A 1 142 THR 142 143 143 THR THR A . n 
A 1 143 GLY 143 144 144 GLY GLY A . n 
A 1 144 GLU 144 145 145 GLU GLU A . n 
A 1 145 MET 145 146 146 MET MET A . n 
A 1 146 SER 146 147 147 SER SER A . n 
A 1 147 GLY 147 148 148 GLY GLY A . n 
A 1 148 PRO 148 149 149 PRO PRO A . n 
A 1 149 VAL 149 150 150 VAL VAL A . n 
A 1 150 PHE 150 151 151 PHE PHE A . n 
A 1 151 THR 151 152 152 THR THR A . n 
A 1 152 ASP 152 153 153 ASP ASP A . n 
A 1 153 SER 153 154 154 SER SER A . n 
A 1 154 GLY 154 155 155 GLY GLY A . n 
A 1 155 ILE 155 156 156 ILE ILE A . n 
A 1 156 HIS 156 157 157 HIS HIS A . n 
A 1 157 ILE 157 158 158 ILE ILE A . n 
A 1 158 ILE 158 159 159 ILE ILE A . n 
A 1 159 LEU 159 160 160 LEU LEU A . n 
A 1 160 ARG 160 161 161 ARG ARG A . n 
A 1 161 THR 161 162 162 THR THR A . n 
A 1 162 GLU 162 163 163 GLU GLU A . n 
# 
loop_
_pdbx_nonpoly_scheme.asym_id 
_pdbx_nonpoly_scheme.entity_id 
_pdbx_nonpoly_scheme.mon_id 
_pdbx_nonpoly_scheme.ndb_seq_num 
_pdbx_nonpoly_scheme.pdb_seq_num 
_pdbx_nonpoly_scheme.auth_seq_num 
_pdbx_nonpoly_scheme.pdb_mon_id 
_pdbx_nonpoly_scheme.auth_mon_id 
_pdbx_nonpoly_scheme.pdb_strand_id 
_pdbx_nonpoly_scheme.pdb_ins_code 
B 2 1PE 1   300 300 1PE 1PE A . 
C 2 1PE 1   400 400 1PE 1PE A . 
D 3 HOH 1   401 1   HOH HOH A . 
D 3 HOH 2   402 2   HOH HOH A . 
D 3 HOH 3   403 3   HOH HOH A . 
D 3 HOH 4   404 4   HOH HOH A . 
D 3 HOH 5   405 5   HOH HOH A . 
D 3 HOH 6   406 6   HOH HOH A . 
D 3 HOH 7   407 7   HOH HOH A . 
D 3 HOH 8   408 8   HOH HOH A . 
D 3 HOH 9   409 9   HOH HOH A . 
D 3 HOH 10  410 11  HOH HOH A . 
D 3 HOH 11  411 12  HOH HOH A . 
D 3 HOH 12  412 13  HOH HOH A . 
D 3 HOH 13  413 14  HOH HOH A . 
D 3 HOH 14  414 15  HOH HOH A . 
D 3 HOH 15  415 16  HOH HOH A . 
D 3 HOH 16  416 17  HOH HOH A . 
D 3 HOH 17  417 18  HOH HOH A . 
D 3 HOH 18  418 19  HOH HOH A . 
D 3 HOH 19  419 20  HOH HOH A . 
D 3 HOH 20  420 21  HOH HOH A . 
D 3 HOH 21  421 22  HOH HOH A . 
D 3 HOH 22  422 23  HOH HOH A . 
D 3 HOH 23  423 24  HOH HOH A . 
D 3 HOH 24  424 25  HOH HOH A . 
D 3 HOH 25  425 26  HOH HOH A . 
D 3 HOH 26  426 27  HOH HOH A . 
D 3 HOH 27  427 28  HOH HOH A . 
D 3 HOH 28  428 29  HOH HOH A . 
D 3 HOH 29  429 30  HOH HOH A . 
D 3 HOH 30  430 31  HOH HOH A . 
D 3 HOH 31  431 32  HOH HOH A . 
D 3 HOH 32  432 33  HOH HOH A . 
D 3 HOH 33  433 34  HOH HOH A . 
D 3 HOH 34  434 35  HOH HOH A . 
D 3 HOH 35  435 36  HOH HOH A . 
D 3 HOH 36  436 37  HOH HOH A . 
D 3 HOH 37  437 38  HOH HOH A . 
D 3 HOH 38  438 39  HOH HOH A . 
D 3 HOH 39  439 40  HOH HOH A . 
D 3 HOH 40  440 41  HOH HOH A . 
D 3 HOH 41  441 42  HOH HOH A . 
D 3 HOH 42  442 43  HOH HOH A . 
D 3 HOH 43  443 44  HOH HOH A . 
D 3 HOH 44  444 45  HOH HOH A . 
D 3 HOH 45  445 46  HOH HOH A . 
D 3 HOH 46  446 47  HOH HOH A . 
D 3 HOH 47  447 48  HOH HOH A . 
D 3 HOH 48  448 49  HOH HOH A . 
D 3 HOH 49  449 51  HOH HOH A . 
D 3 HOH 50  450 52  HOH HOH A . 
D 3 HOH 51  451 53  HOH HOH A . 
D 3 HOH 52  452 55  HOH HOH A . 
D 3 HOH 53  453 56  HOH HOH A . 
D 3 HOH 54  454 57  HOH HOH A . 
D 3 HOH 55  455 58  HOH HOH A . 
D 3 HOH 56  456 59  HOH HOH A . 
D 3 HOH 57  457 60  HOH HOH A . 
D 3 HOH 58  458 61  HOH HOH A . 
D 3 HOH 59  459 62  HOH HOH A . 
D 3 HOH 60  460 64  HOH HOH A . 
D 3 HOH 61  461 65  HOH HOH A . 
D 3 HOH 62  462 66  HOH HOH A . 
D 3 HOH 63  463 68  HOH HOH A . 
D 3 HOH 64  464 69  HOH HOH A . 
D 3 HOH 65  465 70  HOH HOH A . 
D 3 HOH 66  466 71  HOH HOH A . 
D 3 HOH 67  467 74  HOH HOH A . 
D 3 HOH 68  468 76  HOH HOH A . 
D 3 HOH 69  469 77  HOH HOH A . 
D 3 HOH 70  470 78  HOH HOH A . 
D 3 HOH 71  471 80  HOH HOH A . 
D 3 HOH 72  472 81  HOH HOH A . 
D 3 HOH 73  473 82  HOH HOH A . 
D 3 HOH 74  474 83  HOH HOH A . 
D 3 HOH 75  475 86  HOH HOH A . 
D 3 HOH 76  476 88  HOH HOH A . 
D 3 HOH 77  477 89  HOH HOH A . 
D 3 HOH 78  478 90  HOH HOH A . 
D 3 HOH 79  479 91  HOH HOH A . 
D 3 HOH 80  480 92  HOH HOH A . 
D 3 HOH 81  481 93  HOH HOH A . 
D 3 HOH 82  482 94  HOH HOH A . 
D 3 HOH 83  483 95  HOH HOH A . 
D 3 HOH 84  484 96  HOH HOH A . 
D 3 HOH 85  485 97  HOH HOH A . 
D 3 HOH 86  486 98  HOH HOH A . 
D 3 HOH 87  487 99  HOH HOH A . 
D 3 HOH 88  488 101 HOH HOH A . 
D 3 HOH 89  489 102 HOH HOH A . 
D 3 HOH 90  490 104 HOH HOH A . 
D 3 HOH 91  491 106 HOH HOH A . 
D 3 HOH 92  492 108 HOH HOH A . 
D 3 HOH 93  493 111 HOH HOH A . 
D 3 HOH 94  494 112 HOH HOH A . 
D 3 HOH 95  495 113 HOH HOH A . 
D 3 HOH 96  496 114 HOH HOH A . 
D 3 HOH 97  497 116 HOH HOH A . 
D 3 HOH 98  498 117 HOH HOH A . 
D 3 HOH 99  499 120 HOH HOH A . 
D 3 HOH 100 500 121 HOH HOH A . 
D 3 HOH 101 501 122 HOH HOH A . 
D 3 HOH 102 502 123 HOH HOH A . 
D 3 HOH 103 503 124 HOH HOH A . 
D 3 HOH 104 504 125 HOH HOH A . 
D 3 HOH 105 505 126 HOH HOH A . 
D 3 HOH 106 506 129 HOH HOH A . 
D 3 HOH 107 507 130 HOH HOH A . 
D 3 HOH 108 508 133 HOH HOH A . 
D 3 HOH 109 509 134 HOH HOH A . 
D 3 HOH 110 510 135 HOH HOH A . 
D 3 HOH 111 511 136 HOH HOH A . 
D 3 HOH 112 512 137 HOH HOH A . 
D 3 HOH 113 513 139 HOH HOH A . 
D 3 HOH 114 514 141 HOH HOH A . 
D 3 HOH 115 515 142 HOH HOH A . 
D 3 HOH 116 516 143 HOH HOH A . 
D 3 HOH 117 517 144 HOH HOH A . 
D 3 HOH 118 518 145 HOH HOH A . 
D 3 HOH 119 519 146 HOH HOH A . 
D 3 HOH 120 520 147 HOH HOH A . 
D 3 HOH 121 521 149 HOH HOH A . 
D 3 HOH 122 522 150 HOH HOH A . 
D 3 HOH 123 523 151 HOH HOH A . 
D 3 HOH 124 524 152 HOH HOH A . 
D 3 HOH 125 525 153 HOH HOH A . 
D 3 HOH 126 526 154 HOH HOH A . 
D 3 HOH 127 527 155 HOH HOH A . 
D 3 HOH 128 528 157 HOH HOH A . 
D 3 HOH 129 529 159 HOH HOH A . 
D 3 HOH 130 530 160 HOH HOH A . 
D 3 HOH 131 531 161 HOH HOH A . 
D 3 HOH 132 532 162 HOH HOH A . 
D 3 HOH 133 533 164 HOH HOH A . 
D 3 HOH 134 534 165 HOH HOH A . 
D 3 HOH 135 535 167 HOH HOH A . 
D 3 HOH 136 536 168 HOH HOH A . 
D 3 HOH 137 537 169 HOH HOH A . 
D 3 HOH 138 538 170 HOH HOH A . 
D 3 HOH 139 539 171 HOH HOH A . 
D 3 HOH 140 540 172 HOH HOH A . 
D 3 HOH 141 541 173 HOH HOH A . 
D 3 HOH 142 542 174 HOH HOH A . 
D 3 HOH 143 543 175 HOH HOH A . 
D 3 HOH 144 544 176 HOH HOH A . 
D 3 HOH 145 545 178 HOH HOH A . 
D 3 HOH 146 546 179 HOH HOH A . 
D 3 HOH 147 547 182 HOH HOH A . 
D 3 HOH 148 548 183 HOH HOH A . 
D 3 HOH 149 549 185 HOH HOH A . 
D 3 HOH 150 550 189 HOH HOH A . 
D 3 HOH 151 551 190 HOH HOH A . 
D 3 HOH 152 552 191 HOH HOH A . 
D 3 HOH 153 553 192 HOH HOH A . 
D 3 HOH 154 554 193 HOH HOH A . 
D 3 HOH 155 555 194 HOH HOH A . 
D 3 HOH 156 556 195 HOH HOH A . 
D 3 HOH 157 557 196 HOH HOH A . 
D 3 HOH 158 558 197 HOH HOH A . 
D 3 HOH 159 559 198 HOH HOH A . 
D 3 HOH 160 560 201 HOH HOH A . 
D 3 HOH 161 561 202 HOH HOH A . 
D 3 HOH 162 562 203 HOH HOH A . 
D 3 HOH 163 563 204 HOH HOH A . 
D 3 HOH 164 564 206 HOH HOH A . 
D 3 HOH 165 565 207 HOH HOH A . 
D 3 HOH 166 566 208 HOH HOH A . 
D 3 HOH 167 567 209 HOH HOH A . 
D 3 HOH 168 568 210 HOH HOH A . 
D 3 HOH 169 569 211 HOH HOH A . 
# 
_pdbx_struct_assembly.id                   1 
_pdbx_struct_assembly.details              author_defined_assembly 
_pdbx_struct_assembly.method_details       ? 
_pdbx_struct_assembly.oligomeric_details   monomeric 
_pdbx_struct_assembly.oligomeric_count     1 
# 
_pdbx_struct_assembly_gen.assembly_id       1 
_pdbx_struct_assembly_gen.oper_expression   1 
_pdbx_struct_assembly_gen.asym_id_list      A,B,C,D 
# 
_pdbx_struct_oper_list.id                   1 
_pdbx_struct_oper_list.type                 'identity operation' 
_pdbx_struct_oper_list.name                 1_555 
_pdbx_struct_oper_list.symmetry_operation   x,y,z 
_pdbx_struct_oper_list.matrix[1][1]         1.0000000000 
_pdbx_struct_oper_list.matrix[1][2]         0.0000000000 
_pdbx_struct_oper_list.matrix[1][3]         0.0000000000 
_pdbx_struct_oper_list.vector[1]            0.0000000000 
_pdbx_struct_oper_list.matrix[2][1]         0.0000000000 
_pdbx_struct_oper_list.matrix[2][2]         1.0000000000 
_pdbx_struct_oper_list.matrix[2][3]         0.0000000000 
_pdbx_struct_oper_list.vector[2]            0.0000000000 
_pdbx_struct_oper_list.matrix[3][1]         0.0000000000 
_pdbx_struct_oper_list.matrix[3][2]         0.0000000000 
_pdbx_struct_oper_list.matrix[3][3]         1.0000000000 
_pdbx_struct_oper_list.vector[3]            0.0000000000 
# 
loop_
_pdbx_audit_revision_history.ordinal 
_pdbx_audit_revision_history.data_content_type 
_pdbx_audit_revision_history.major_revision 
_pdbx_audit_revision_history.minor_revision 
_pdbx_audit_revision_history.revision_date 
1 'Structure model' 1 0 2006-06-20 
2 'Structure model' 1 1 2008-05-01 
3 'Structure model' 1 2 2011-07-13 
4 'Structure model' 1 3 2021-10-20 
5 'Structure model' 1 4 2023-08-23 
# 
_pdbx_audit_revision_details.ordinal             1 
_pdbx_audit_revision_details.revision_ordinal    1 
_pdbx_audit_revision_details.data_content_type   'Structure model' 
_pdbx_audit_revision_details.provider            repository 
_pdbx_audit_revision_details.type                'Initial release' 
_pdbx_audit_revision_details.description         ? 
_pdbx_audit_revision_details.details             ? 
# 
loop_
_pdbx_audit_revision_group.ordinal 
_pdbx_audit_revision_group.revision_ordinal 
_pdbx_audit_revision_group.data_content_type 
_pdbx_audit_revision_group.group 
1 2 'Structure model' 'Version format compliance' 
2 3 'Structure model' 'Version format compliance' 
3 4 'Structure model' 'Database references'       
4 4 'Structure model' 'Derived calculations'      
5 5 'Structure model' 'Data collection'           
6 5 'Structure model' 'Refinement description'    
# 
loop_
_pdbx_audit_revision_category.ordinal 
_pdbx_audit_revision_category.revision_ordinal 
_pdbx_audit_revision_category.data_content_type 
_pdbx_audit_revision_category.category 
1 4 'Structure model' database_2                    
2 4 'Structure model' struct_ref_seq_dif            
3 4 'Structure model' struct_site                   
4 5 'Structure model' chem_comp_atom                
5 5 'Structure model' chem_comp_bond                
6 5 'Structure model' pdbx_initial_refinement_model 
# 
loop_
_pdbx_audit_revision_item.ordinal 
_pdbx_audit_revision_item.revision_ordinal 
_pdbx_audit_revision_item.data_content_type 
_pdbx_audit_revision_item.item 
1 4 'Structure model' '_database_2.pdbx_DOI'                
2 4 'Structure model' '_database_2.pdbx_database_accession' 
3 4 'Structure model' '_struct_ref_seq_dif.details'         
4 4 'Structure model' '_struct_site.pdbx_auth_asym_id'      
5 4 'Structure model' '_struct_site.pdbx_auth_comp_id'      
6 4 'Structure model' '_struct_site.pdbx_auth_seq_id'       
# 
loop_
_software.name 
_software.classification 
_software.version 
_software.citation_id 
_software.pdbx_ordinal 
HKL-2000  'data collection' .   ? 1 
SCALEPACK 'data scaling'    .   ? 2 
AMoRE     phasing           .   ? 3 
CNS       refinement        1.1 ? 4 
HKL-2000  'data reduction'  .   ? 5 
# 
_pdbx_validate_close_contact.id               1 
_pdbx_validate_close_contact.PDB_model_num    1 
_pdbx_validate_close_contact.auth_atom_id_1   C 
_pdbx_validate_close_contact.auth_asym_id_1   A 
_pdbx_validate_close_contact.auth_comp_id_1   GLY 
_pdbx_validate_close_contact.auth_seq_id_1    39 
_pdbx_validate_close_contact.PDB_ins_code_1   ? 
_pdbx_validate_close_contact.label_alt_id_1   ? 
_pdbx_validate_close_contact.auth_atom_id_2   O 
_pdbx_validate_close_contact.auth_asym_id_2   A 
_pdbx_validate_close_contact.auth_comp_id_2   HOH 
_pdbx_validate_close_contact.auth_seq_id_2    543 
_pdbx_validate_close_contact.PDB_ins_code_2   ? 
_pdbx_validate_close_contact.label_alt_id_2   ? 
_pdbx_validate_close_contact.dist             2.04 
# 
loop_
_pdbx_validate_torsion.id 
_pdbx_validate_torsion.PDB_model_num 
_pdbx_validate_torsion.auth_comp_id 
_pdbx_validate_torsion.auth_asym_id 
_pdbx_validate_torsion.auth_seq_id 
_pdbx_validate_torsion.PDB_ins_code 
_pdbx_validate_torsion.label_alt_id 
_pdbx_validate_torsion.phi 
_pdbx_validate_torsion.psi 
1 1 ASP A 3  ? ? 52.16   7.53   
2 1 GLN A 75 ? ? -171.37 104.32 
# 
loop_
_pdbx_unobs_or_zero_occ_atoms.id 
_pdbx_unobs_or_zero_occ_atoms.PDB_model_num 
_pdbx_unobs_or_zero_occ_atoms.polymer_flag 
_pdbx_unobs_or_zero_occ_atoms.occupancy_flag 
_pdbx_unobs_or_zero_occ_atoms.auth_asym_id 
_pdbx_unobs_or_zero_occ_atoms.auth_comp_id 
_pdbx_unobs_or_zero_occ_atoms.auth_seq_id 
_pdbx_unobs_or_zero_occ_atoms.PDB_ins_code 
_pdbx_unobs_or_zero_occ_atoms.auth_atom_id 
_pdbx_unobs_or_zero_occ_atoms.label_alt_id 
_pdbx_unobs_or_zero_occ_atoms.label_asym_id 
_pdbx_unobs_or_zero_occ_atoms.label_comp_id 
_pdbx_unobs_or_zero_occ_atoms.label_seq_id 
_pdbx_unobs_or_zero_occ_atoms.label_atom_id 
1  1 N 1 A 1PE 300 ? C15 ? B 1PE 1 C15 
2  1 N 1 A 1PE 300 ? OH6 ? B 1PE 1 OH6 
3  1 N 1 A 1PE 300 ? C16 ? B 1PE 1 C16 
4  1 N 1 A 1PE 300 ? C26 ? B 1PE 1 C26 
5  1 N 1 A 1PE 300 ? OH7 ? B 1PE 1 OH7 
6  1 N 1 A 1PE 400 ? C14 ? C 1PE 1 C14 
7  1 N 1 A 1PE 400 ? C24 ? C 1PE 1 C24 
8  1 N 1 A 1PE 400 ? OH5 ? C 1PE 1 OH5 
9  1 N 1 A 1PE 400 ? C15 ? C 1PE 1 C15 
10 1 N 1 A 1PE 400 ? C25 ? C 1PE 1 C25 
11 1 N 1 A 1PE 400 ? OH6 ? C 1PE 1 OH6 
12 1 N 1 A 1PE 400 ? C16 ? C 1PE 1 C16 
13 1 N 1 A 1PE 400 ? C26 ? C 1PE 1 C26 
14 1 N 1 A 1PE 400 ? OH7 ? C 1PE 1 OH7 
# 
loop_
_pdbx_unobs_or_zero_occ_residues.id 
_pdbx_unobs_or_zero_occ_residues.PDB_model_num 
_pdbx_unobs_or_zero_occ_residues.polymer_flag 
_pdbx_unobs_or_zero_occ_residues.occupancy_flag 
_pdbx_unobs_or_zero_occ_residues.auth_asym_id 
_pdbx_unobs_or_zero_occ_residues.auth_comp_id 
_pdbx_unobs_or_zero_occ_residues.auth_seq_id 
_pdbx_unobs_or_zero_occ_residues.PDB_ins_code 
_pdbx_unobs_or_zero_occ_residues.label_asym_id 
_pdbx_unobs_or_zero_occ_residues.label_comp_id 
_pdbx_unobs_or_zero_occ_residues.label_seq_id 
1 1 Y 1 A ASN 40 ? A ASN 39 
2 1 Y 1 A SER 41 ? A SER 40 
3 1 Y 1 A SER 42 ? A SER 41 
4 1 Y 1 A SER 43 ? A SER 42 
5 1 Y 1 A GLY 44 ? A GLY 43 
6 1 Y 1 A GLY 45 ? A GLY 44 
7 1 Y 1 A LYS 46 ? A LYS 45 
8 1 Y 1 A ASN 47 ? A ASN 46 
9 1 Y 1 A GLY 48 ? A GLY 47 
# 
loop_
_chem_comp_atom.comp_id 
_chem_comp_atom.atom_id 
_chem_comp_atom.type_symbol 
_chem_comp_atom.pdbx_aromatic_flag 
_chem_comp_atom.pdbx_stereo_config 
_chem_comp_atom.pdbx_ordinal 
1PE OH2  O N N 1   
1PE C12  C N N 2   
1PE C22  C N N 3   
1PE OH3  O N N 4   
1PE C13  C N N 5   
1PE C23  C N N 6   
1PE OH4  O N N 7   
1PE C14  C N N 8   
1PE C24  C N N 9   
1PE OH5  O N N 10  
1PE C15  C N N 11  
1PE C25  C N N 12  
1PE OH6  O N N 13  
1PE C16  C N N 14  
1PE C26  C N N 15  
1PE OH7  O N N 16  
1PE HO2  H N N 17  
1PE H121 H N N 18  
1PE H122 H N N 19  
1PE H221 H N N 20  
1PE H222 H N N 21  
1PE H131 H N N 22  
1PE H132 H N N 23  
1PE H231 H N N 24  
1PE H232 H N N 25  
1PE H141 H N N 26  
1PE H142 H N N 27  
1PE H241 H N N 28  
1PE H242 H N N 29  
1PE H151 H N N 30  
1PE H152 H N N 31  
1PE H251 H N N 32  
1PE H252 H N N 33  
1PE H161 H N N 34  
1PE H162 H N N 35  
1PE H261 H N N 36  
1PE H262 H N N 37  
1PE HO7  H N N 38  
ALA N    N N N 39  
ALA CA   C N S 40  
ALA C    C N N 41  
ALA O    O N N 42  
ALA CB   C N N 43  
ALA OXT  O N N 44  
ALA H    H N N 45  
ALA H2   H N N 46  
ALA HA   H N N 47  
ALA HB1  H N N 48  
ALA HB2  H N N 49  
ALA HB3  H N N 50  
ALA HXT  H N N 51  
ARG N    N N N 52  
ARG CA   C N S 53  
ARG C    C N N 54  
ARG O    O N N 55  
ARG CB   C N N 56  
ARG CG   C N N 57  
ARG CD   C N N 58  
ARG NE   N N N 59  
ARG CZ   C N N 60  
ARG NH1  N N N 61  
ARG NH2  N N N 62  
ARG OXT  O N N 63  
ARG H    H N N 64  
ARG H2   H N N 65  
ARG HA   H N N 66  
ARG HB2  H N N 67  
ARG HB3  H N N 68  
ARG HG2  H N N 69  
ARG HG3  H N N 70  
ARG HD2  H N N 71  
ARG HD3  H N N 72  
ARG HE   H N N 73  
ARG HH11 H N N 74  
ARG HH12 H N N 75  
ARG HH21 H N N 76  
ARG HH22 H N N 77  
ARG HXT  H N N 78  
ASN N    N N N 79  
ASN CA   C N S 80  
ASN C    C N N 81  
ASN O    O N N 82  
ASN CB   C N N 83  
ASN CG   C N N 84  
ASN OD1  O N N 85  
ASN ND2  N N N 86  
ASN OXT  O N N 87  
ASN H    H N N 88  
ASN H2   H N N 89  
ASN HA   H N N 90  
ASN HB2  H N N 91  
ASN HB3  H N N 92  
ASN HD21 H N N 93  
ASN HD22 H N N 94  
ASN HXT  H N N 95  
ASP N    N N N 96  
ASP CA   C N S 97  
ASP C    C N N 98  
ASP O    O N N 99  
ASP CB   C N N 100 
ASP CG   C N N 101 
ASP OD1  O N N 102 
ASP OD2  O N N 103 
ASP OXT  O N N 104 
ASP H    H N N 105 
ASP H2   H N N 106 
ASP HA   H N N 107 
ASP HB2  H N N 108 
ASP HB3  H N N 109 
ASP HD2  H N N 110 
ASP HXT  H N N 111 
CYS N    N N N 112 
CYS CA   C N R 113 
CYS C    C N N 114 
CYS O    O N N 115 
CYS CB   C N N 116 
CYS SG   S N N 117 
CYS OXT  O N N 118 
CYS H    H N N 119 
CYS H2   H N N 120 
CYS HA   H N N 121 
CYS HB2  H N N 122 
CYS HB3  H N N 123 
CYS HG   H N N 124 
CYS HXT  H N N 125 
GLN N    N N N 126 
GLN CA   C N S 127 
GLN C    C N N 128 
GLN O    O N N 129 
GLN CB   C N N 130 
GLN CG   C N N 131 
GLN CD   C N N 132 
GLN OE1  O N N 133 
GLN NE2  N N N 134 
GLN OXT  O N N 135 
GLN H    H N N 136 
GLN H2   H N N 137 
GLN HA   H N N 138 
GLN HB2  H N N 139 
GLN HB3  H N N 140 
GLN HG2  H N N 141 
GLN HG3  H N N 142 
GLN HE21 H N N 143 
GLN HE22 H N N 144 
GLN HXT  H N N 145 
GLU N    N N N 146 
GLU CA   C N S 147 
GLU C    C N N 148 
GLU O    O N N 149 
GLU CB   C N N 150 
GLU CG   C N N 151 
GLU CD   C N N 152 
GLU OE1  O N N 153 
GLU OE2  O N N 154 
GLU OXT  O N N 155 
GLU H    H N N 156 
GLU H2   H N N 157 
GLU HA   H N N 158 
GLU HB2  H N N 159 
GLU HB3  H N N 160 
GLU HG2  H N N 161 
GLU HG3  H N N 162 
GLU HE2  H N N 163 
GLU HXT  H N N 164 
GLY N    N N N 165 
GLY CA   C N N 166 
GLY C    C N N 167 
GLY O    O N N 168 
GLY OXT  O N N 169 
GLY H    H N N 170 
GLY H2   H N N 171 
GLY HA2  H N N 172 
GLY HA3  H N N 173 
GLY HXT  H N N 174 
HIS N    N N N 175 
HIS CA   C N S 176 
HIS C    C N N 177 
HIS O    O N N 178 
HIS CB   C N N 179 
HIS CG   C Y N 180 
HIS ND1  N Y N 181 
HIS CD2  C Y N 182 
HIS CE1  C Y N 183 
HIS NE2  N Y N 184 
HIS OXT  O N N 185 
HIS H    H N N 186 
HIS H2   H N N 187 
HIS HA   H N N 188 
HIS HB2  H N N 189 
HIS HB3  H N N 190 
HIS HD1  H N N 191 
HIS HD2  H N N 192 
HIS HE1  H N N 193 
HIS HE2  H N N 194 
HIS HXT  H N N 195 
HOH O    O N N 196 
HOH H1   H N N 197 
HOH H2   H N N 198 
ILE N    N N N 199 
ILE CA   C N S 200 
ILE C    C N N 201 
ILE O    O N N 202 
ILE CB   C N S 203 
ILE CG1  C N N 204 
ILE CG2  C N N 205 
ILE CD1  C N N 206 
ILE OXT  O N N 207 
ILE H    H N N 208 
ILE H2   H N N 209 
ILE HA   H N N 210 
ILE HB   H N N 211 
ILE HG12 H N N 212 
ILE HG13 H N N 213 
ILE HG21 H N N 214 
ILE HG22 H N N 215 
ILE HG23 H N N 216 
ILE HD11 H N N 217 
ILE HD12 H N N 218 
ILE HD13 H N N 219 
ILE HXT  H N N 220 
LEU N    N N N 221 
LEU CA   C N S 222 
LEU C    C N N 223 
LEU O    O N N 224 
LEU CB   C N N 225 
LEU CG   C N N 226 
LEU CD1  C N N 227 
LEU CD2  C N N 228 
LEU OXT  O N N 229 
LEU H    H N N 230 
LEU H2   H N N 231 
LEU HA   H N N 232 
LEU HB2  H N N 233 
LEU HB3  H N N 234 
LEU HG   H N N 235 
LEU HD11 H N N 236 
LEU HD12 H N N 237 
LEU HD13 H N N 238 
LEU HD21 H N N 239 
LEU HD22 H N N 240 
LEU HD23 H N N 241 
LEU HXT  H N N 242 
LYS N    N N N 243 
LYS CA   C N S 244 
LYS C    C N N 245 
LYS O    O N N 246 
LYS CB   C N N 247 
LYS CG   C N N 248 
LYS CD   C N N 249 
LYS CE   C N N 250 
LYS NZ   N N N 251 
LYS OXT  O N N 252 
LYS H    H N N 253 
LYS H2   H N N 254 
LYS HA   H N N 255 
LYS HB2  H N N 256 
LYS HB3  H N N 257 
LYS HG2  H N N 258 
LYS HG3  H N N 259 
LYS HD2  H N N 260 
LYS HD3  H N N 261 
LYS HE2  H N N 262 
LYS HE3  H N N 263 
LYS HZ1  H N N 264 
LYS HZ2  H N N 265 
LYS HZ3  H N N 266 
LYS HXT  H N N 267 
MET N    N N N 268 
MET CA   C N S 269 
MET C    C N N 270 
MET O    O N N 271 
MET CB   C N N 272 
MET CG   C N N 273 
MET SD   S N N 274 
MET CE   C N N 275 
MET OXT  O N N 276 
MET H    H N N 277 
MET H2   H N N 278 
MET HA   H N N 279 
MET HB2  H N N 280 
MET HB3  H N N 281 
MET HG2  H N N 282 
MET HG3  H N N 283 
MET HE1  H N N 284 
MET HE2  H N N 285 
MET HE3  H N N 286 
MET HXT  H N N 287 
PHE N    N N N 288 
PHE CA   C N S 289 
PHE C    C N N 290 
PHE O    O N N 291 
PHE CB   C N N 292 
PHE CG   C Y N 293 
PHE CD1  C Y N 294 
PHE CD2  C Y N 295 
PHE CE1  C Y N 296 
PHE CE2  C Y N 297 
PHE CZ   C Y N 298 
PHE OXT  O N N 299 
PHE H    H N N 300 
PHE H2   H N N 301 
PHE HA   H N N 302 
PHE HB2  H N N 303 
PHE HB3  H N N 304 
PHE HD1  H N N 305 
PHE HD2  H N N 306 
PHE HE1  H N N 307 
PHE HE2  H N N 308 
PHE HZ   H N N 309 
PHE HXT  H N N 310 
PRO N    N N N 311 
PRO CA   C N S 312 
PRO C    C N N 313 
PRO O    O N N 314 
PRO CB   C N N 315 
PRO CG   C N N 316 
PRO CD   C N N 317 
PRO OXT  O N N 318 
PRO H    H N N 319 
PRO HA   H N N 320 
PRO HB2  H N N 321 
PRO HB3  H N N 322 
PRO HG2  H N N 323 
PRO HG3  H N N 324 
PRO HD2  H N N 325 
PRO HD3  H N N 326 
PRO HXT  H N N 327 
SER N    N N N 328 
SER CA   C N S 329 
SER C    C N N 330 
SER O    O N N 331 
SER CB   C N N 332 
SER OG   O N N 333 
SER OXT  O N N 334 
SER H    H N N 335 
SER H2   H N N 336 
SER HA   H N N 337 
SER HB2  H N N 338 
SER HB3  H N N 339 
SER HG   H N N 340 
SER HXT  H N N 341 
THR N    N N N 342 
THR CA   C N S 343 
THR C    C N N 344 
THR O    O N N 345 
THR CB   C N R 346 
THR OG1  O N N 347 
THR CG2  C N N 348 
THR OXT  O N N 349 
THR H    H N N 350 
THR H2   H N N 351 
THR HA   H N N 352 
THR HB   H N N 353 
THR HG1  H N N 354 
THR HG21 H N N 355 
THR HG22 H N N 356 
THR HG23 H N N 357 
THR HXT  H N N 358 
TRP N    N N N 359 
TRP CA   C N S 360 
TRP C    C N N 361 
TRP O    O N N 362 
TRP CB   C N N 363 
TRP CG   C Y N 364 
TRP CD1  C Y N 365 
TRP CD2  C Y N 366 
TRP NE1  N Y N 367 
TRP CE2  C Y N 368 
TRP CE3  C Y N 369 
TRP CZ2  C Y N 370 
TRP CZ3  C Y N 371 
TRP CH2  C Y N 372 
TRP OXT  O N N 373 
TRP H    H N N 374 
TRP H2   H N N 375 
TRP HA   H N N 376 
TRP HB2  H N N 377 
TRP HB3  H N N 378 
TRP HD1  H N N 379 
TRP HE1  H N N 380 
TRP HE3  H N N 381 
TRP HZ2  H N N 382 
TRP HZ3  H N N 383 
TRP HH2  H N N 384 
TRP HXT  H N N 385 
TYR N    N N N 386 
TYR CA   C N S 387 
TYR C    C N N 388 
TYR O    O N N 389 
TYR CB   C N N 390 
TYR CG   C Y N 391 
TYR CD1  C Y N 392 
TYR CD2  C Y N 393 
TYR CE1  C Y N 394 
TYR CE2  C Y N 395 
TYR CZ   C Y N 396 
TYR OH   O N N 397 
TYR OXT  O N N 398 
TYR H    H N N 399 
TYR H2   H N N 400 
TYR HA   H N N 401 
TYR HB2  H N N 402 
TYR HB3  H N N 403 
TYR HD1  H N N 404 
TYR HD2  H N N 405 
TYR HE1  H N N 406 
TYR HE2  H N N 407 
TYR HH   H N N 408 
TYR HXT  H N N 409 
VAL N    N N N 410 
VAL CA   C N S 411 
VAL C    C N N 412 
VAL O    O N N 413 
VAL CB   C N N 414 
VAL CG1  C N N 415 
VAL CG2  C N N 416 
VAL OXT  O N N 417 
VAL H    H N N 418 
VAL H2   H N N 419 
VAL HA   H N N 420 
VAL HB   H N N 421 
VAL HG11 H N N 422 
VAL HG12 H N N 423 
VAL HG13 H N N 424 
VAL HG21 H N N 425 
VAL HG22 H N N 426 
VAL HG23 H N N 427 
VAL HXT  H N N 428 
# 
loop_
_chem_comp_bond.comp_id 
_chem_comp_bond.atom_id_1 
_chem_comp_bond.atom_id_2 
_chem_comp_bond.value_order 
_chem_comp_bond.pdbx_aromatic_flag 
_chem_comp_bond.pdbx_stereo_config 
_chem_comp_bond.pdbx_ordinal 
1PE OH2 C12  sing N N 1   
1PE OH2 HO2  sing N N 2   
1PE C12 C22  sing N N 3   
1PE C12 H121 sing N N 4   
1PE C12 H122 sing N N 5   
1PE C22 OH3  sing N N 6   
1PE C22 H221 sing N N 7   
1PE C22 H222 sing N N 8   
1PE OH3 C23  sing N N 9   
1PE C13 C23  sing N N 10  
1PE C13 OH4  sing N N 11  
1PE C13 H131 sing N N 12  
1PE C13 H132 sing N N 13  
1PE C23 H231 sing N N 14  
1PE C23 H232 sing N N 15  
1PE OH4 C24  sing N N 16  
1PE C14 C24  sing N N 17  
1PE C14 OH5  sing N N 18  
1PE C14 H141 sing N N 19  
1PE C14 H142 sing N N 20  
1PE C24 H241 sing N N 21  
1PE C24 H242 sing N N 22  
1PE OH5 C25  sing N N 23  
1PE C15 C25  sing N N 24  
1PE C15 OH6  sing N N 25  
1PE C15 H151 sing N N 26  
1PE C15 H152 sing N N 27  
1PE C25 H251 sing N N 28  
1PE C25 H252 sing N N 29  
1PE OH6 C26  sing N N 30  
1PE C16 C26  sing N N 31  
1PE C16 OH7  sing N N 32  
1PE C16 H161 sing N N 33  
1PE C16 H162 sing N N 34  
1PE C26 H261 sing N N 35  
1PE C26 H262 sing N N 36  
1PE OH7 HO7  sing N N 37  
ALA N   CA   sing N N 38  
ALA N   H    sing N N 39  
ALA N   H2   sing N N 40  
ALA CA  C    sing N N 41  
ALA CA  CB   sing N N 42  
ALA CA  HA   sing N N 43  
ALA C   O    doub N N 44  
ALA C   OXT  sing N N 45  
ALA CB  HB1  sing N N 46  
ALA CB  HB2  sing N N 47  
ALA CB  HB3  sing N N 48  
ALA OXT HXT  sing N N 49  
ARG N   CA   sing N N 50  
ARG N   H    sing N N 51  
ARG N   H2   sing N N 52  
ARG CA  C    sing N N 53  
ARG CA  CB   sing N N 54  
ARG CA  HA   sing N N 55  
ARG C   O    doub N N 56  
ARG C   OXT  sing N N 57  
ARG CB  CG   sing N N 58  
ARG CB  HB2  sing N N 59  
ARG CB  HB3  sing N N 60  
ARG CG  CD   sing N N 61  
ARG CG  HG2  sing N N 62  
ARG CG  HG3  sing N N 63  
ARG CD  NE   sing N N 64  
ARG CD  HD2  sing N N 65  
ARG CD  HD3  sing N N 66  
ARG NE  CZ   sing N N 67  
ARG NE  HE   sing N N 68  
ARG CZ  NH1  sing N N 69  
ARG CZ  NH2  doub N N 70  
ARG NH1 HH11 sing N N 71  
ARG NH1 HH12 sing N N 72  
ARG NH2 HH21 sing N N 73  
ARG NH2 HH22 sing N N 74  
ARG OXT HXT  sing N N 75  
ASN N   CA   sing N N 76  
ASN N   H    sing N N 77  
ASN N   H2   sing N N 78  
ASN CA  C    sing N N 79  
ASN CA  CB   sing N N 80  
ASN CA  HA   sing N N 81  
ASN C   O    doub N N 82  
ASN C   OXT  sing N N 83  
ASN CB  CG   sing N N 84  
ASN CB  HB2  sing N N 85  
ASN CB  HB3  sing N N 86  
ASN CG  OD1  doub N N 87  
ASN CG  ND2  sing N N 88  
ASN ND2 HD21 sing N N 89  
ASN ND2 HD22 sing N N 90  
ASN OXT HXT  sing N N 91  
ASP N   CA   sing N N 92  
ASP N   H    sing N N 93  
ASP N   H2   sing N N 94  
ASP CA  C    sing N N 95  
ASP CA  CB   sing N N 96  
ASP CA  HA   sing N N 97  
ASP C   O    doub N N 98  
ASP C   OXT  sing N N 99  
ASP CB  CG   sing N N 100 
ASP CB  HB2  sing N N 101 
ASP CB  HB3  sing N N 102 
ASP CG  OD1  doub N N 103 
ASP CG  OD2  sing N N 104 
ASP OD2 HD2  sing N N 105 
ASP OXT HXT  sing N N 106 
CYS N   CA   sing N N 107 
CYS N   H    sing N N 108 
CYS N   H2   sing N N 109 
CYS CA  C    sing N N 110 
CYS CA  CB   sing N N 111 
CYS CA  HA   sing N N 112 
CYS C   O    doub N N 113 
CYS C   OXT  sing N N 114 
CYS CB  SG   sing N N 115 
CYS CB  HB2  sing N N 116 
CYS CB  HB3  sing N N 117 
CYS SG  HG   sing N N 118 
CYS OXT HXT  sing N N 119 
GLN N   CA   sing N N 120 
GLN N   H    sing N N 121 
GLN N   H2   sing N N 122 
GLN CA  C    sing N N 123 
GLN CA  CB   sing N N 124 
GLN CA  HA   sing N N 125 
GLN C   O    doub N N 126 
GLN C   OXT  sing N N 127 
GLN CB  CG   sing N N 128 
GLN CB  HB2  sing N N 129 
GLN CB  HB3  sing N N 130 
GLN CG  CD   sing N N 131 
GLN CG  HG2  sing N N 132 
GLN CG  HG3  sing N N 133 
GLN CD  OE1  doub N N 134 
GLN CD  NE2  sing N N 135 
GLN NE2 HE21 sing N N 136 
GLN NE2 HE22 sing N N 137 
GLN OXT HXT  sing N N 138 
GLU N   CA   sing N N 139 
GLU N   H    sing N N 140 
GLU N   H2   sing N N 141 
GLU CA  C    sing N N 142 
GLU CA  CB   sing N N 143 
GLU CA  HA   sing N N 144 
GLU C   O    doub N N 145 
GLU C   OXT  sing N N 146 
GLU CB  CG   sing N N 147 
GLU CB  HB2  sing N N 148 
GLU CB  HB3  sing N N 149 
GLU CG  CD   sing N N 150 
GLU CG  HG2  sing N N 151 
GLU CG  HG3  sing N N 152 
GLU CD  OE1  doub N N 153 
GLU CD  OE2  sing N N 154 
GLU OE2 HE2  sing N N 155 
GLU OXT HXT  sing N N 156 
GLY N   CA   sing N N 157 
GLY N   H    sing N N 158 
GLY N   H2   sing N N 159 
GLY CA  C    sing N N 160 
GLY CA  HA2  sing N N 161 
GLY CA  HA3  sing N N 162 
GLY C   O    doub N N 163 
GLY C   OXT  sing N N 164 
GLY OXT HXT  sing N N 165 
HIS N   CA   sing N N 166 
HIS N   H    sing N N 167 
HIS N   H2   sing N N 168 
HIS CA  C    sing N N 169 
HIS CA  CB   sing N N 170 
HIS CA  HA   sing N N 171 
HIS C   O    doub N N 172 
HIS C   OXT  sing N N 173 
HIS CB  CG   sing N N 174 
HIS CB  HB2  sing N N 175 
HIS CB  HB3  sing N N 176 
HIS CG  ND1  sing Y N 177 
HIS CG  CD2  doub Y N 178 
HIS ND1 CE1  doub Y N 179 
HIS ND1 HD1  sing N N 180 
HIS CD2 NE2  sing Y N 181 
HIS CD2 HD2  sing N N 182 
HIS CE1 NE2  sing Y N 183 
HIS CE1 HE1  sing N N 184 
HIS NE2 HE2  sing N N 185 
HIS OXT HXT  sing N N 186 
HOH O   H1   sing N N 187 
HOH O   H2   sing N N 188 
ILE N   CA   sing N N 189 
ILE N   H    sing N N 190 
ILE N   H2   sing N N 191 
ILE CA  C    sing N N 192 
ILE CA  CB   sing N N 193 
ILE CA  HA   sing N N 194 
ILE C   O    doub N N 195 
ILE C   OXT  sing N N 196 
ILE CB  CG1  sing N N 197 
ILE CB  CG2  sing N N 198 
ILE CB  HB   sing N N 199 
ILE CG1 CD1  sing N N 200 
ILE CG1 HG12 sing N N 201 
ILE CG1 HG13 sing N N 202 
ILE CG2 HG21 sing N N 203 
ILE CG2 HG22 sing N N 204 
ILE CG2 HG23 sing N N 205 
ILE CD1 HD11 sing N N 206 
ILE CD1 HD12 sing N N 207 
ILE CD1 HD13 sing N N 208 
ILE OXT HXT  sing N N 209 
LEU N   CA   sing N N 210 
LEU N   H    sing N N 211 
LEU N   H2   sing N N 212 
LEU CA  C    sing N N 213 
LEU CA  CB   sing N N 214 
LEU CA  HA   sing N N 215 
LEU C   O    doub N N 216 
LEU C   OXT  sing N N 217 
LEU CB  CG   sing N N 218 
LEU CB  HB2  sing N N 219 
LEU CB  HB3  sing N N 220 
LEU CG  CD1  sing N N 221 
LEU CG  CD2  sing N N 222 
LEU CG  HG   sing N N 223 
LEU CD1 HD11 sing N N 224 
LEU CD1 HD12 sing N N 225 
LEU CD1 HD13 sing N N 226 
LEU CD2 HD21 sing N N 227 
LEU CD2 HD22 sing N N 228 
LEU CD2 HD23 sing N N 229 
LEU OXT HXT  sing N N 230 
LYS N   CA   sing N N 231 
LYS N   H    sing N N 232 
LYS N   H2   sing N N 233 
LYS CA  C    sing N N 234 
LYS CA  CB   sing N N 235 
LYS CA  HA   sing N N 236 
LYS C   O    doub N N 237 
LYS C   OXT  sing N N 238 
LYS CB  CG   sing N N 239 
LYS CB  HB2  sing N N 240 
LYS CB  HB3  sing N N 241 
LYS CG  CD   sing N N 242 
LYS CG  HG2  sing N N 243 
LYS CG  HG3  sing N N 244 
LYS CD  CE   sing N N 245 
LYS CD  HD2  sing N N 246 
LYS CD  HD3  sing N N 247 
LYS CE  NZ   sing N N 248 
LYS CE  HE2  sing N N 249 
LYS CE  HE3  sing N N 250 
LYS NZ  HZ1  sing N N 251 
LYS NZ  HZ2  sing N N 252 
LYS NZ  HZ3  sing N N 253 
LYS OXT HXT  sing N N 254 
MET N   CA   sing N N 255 
MET N   H    sing N N 256 
MET N   H2   sing N N 257 
MET CA  C    sing N N 258 
MET CA  CB   sing N N 259 
MET CA  HA   sing N N 260 
MET C   O    doub N N 261 
MET C   OXT  sing N N 262 
MET CB  CG   sing N N 263 
MET CB  HB2  sing N N 264 
MET CB  HB3  sing N N 265 
MET CG  SD   sing N N 266 
MET CG  HG2  sing N N 267 
MET CG  HG3  sing N N 268 
MET SD  CE   sing N N 269 
MET CE  HE1  sing N N 270 
MET CE  HE2  sing N N 271 
MET CE  HE3  sing N N 272 
MET OXT HXT  sing N N 273 
PHE N   CA   sing N N 274 
PHE N   H    sing N N 275 
PHE N   H2   sing N N 276 
PHE CA  C    sing N N 277 
PHE CA  CB   sing N N 278 
PHE CA  HA   sing N N 279 
PHE C   O    doub N N 280 
PHE C   OXT  sing N N 281 
PHE CB  CG   sing N N 282 
PHE CB  HB2  sing N N 283 
PHE CB  HB3  sing N N 284 
PHE CG  CD1  doub Y N 285 
PHE CG  CD2  sing Y N 286 
PHE CD1 CE1  sing Y N 287 
PHE CD1 HD1  sing N N 288 
PHE CD2 CE2  doub Y N 289 
PHE CD2 HD2  sing N N 290 
PHE CE1 CZ   doub Y N 291 
PHE CE1 HE1  sing N N 292 
PHE CE2 CZ   sing Y N 293 
PHE CE2 HE2  sing N N 294 
PHE CZ  HZ   sing N N 295 
PHE OXT HXT  sing N N 296 
PRO N   CA   sing N N 297 
PRO N   CD   sing N N 298 
PRO N   H    sing N N 299 
PRO CA  C    sing N N 300 
PRO CA  CB   sing N N 301 
PRO CA  HA   sing N N 302 
PRO C   O    doub N N 303 
PRO C   OXT  sing N N 304 
PRO CB  CG   sing N N 305 
PRO CB  HB2  sing N N 306 
PRO CB  HB3  sing N N 307 
PRO CG  CD   sing N N 308 
PRO CG  HG2  sing N N 309 
PRO CG  HG3  sing N N 310 
PRO CD  HD2  sing N N 311 
PRO CD  HD3  sing N N 312 
PRO OXT HXT  sing N N 313 
SER N   CA   sing N N 314 
SER N   H    sing N N 315 
SER N   H2   sing N N 316 
SER CA  C    sing N N 317 
SER CA  CB   sing N N 318 
SER CA  HA   sing N N 319 
SER C   O    doub N N 320 
SER C   OXT  sing N N 321 
SER CB  OG   sing N N 322 
SER CB  HB2  sing N N 323 
SER CB  HB3  sing N N 324 
SER OG  HG   sing N N 325 
SER OXT HXT  sing N N 326 
THR N   CA   sing N N 327 
THR N   H    sing N N 328 
THR N   H2   sing N N 329 
THR CA  C    sing N N 330 
THR CA  CB   sing N N 331 
THR CA  HA   sing N N 332 
THR C   O    doub N N 333 
THR C   OXT  sing N N 334 
THR CB  OG1  sing N N 335 
THR CB  CG2  sing N N 336 
THR CB  HB   sing N N 337 
THR OG1 HG1  sing N N 338 
THR CG2 HG21 sing N N 339 
THR CG2 HG22 sing N N 340 
THR CG2 HG23 sing N N 341 
THR OXT HXT  sing N N 342 
TRP N   CA   sing N N 343 
TRP N   H    sing N N 344 
TRP N   H2   sing N N 345 
TRP CA  C    sing N N 346 
TRP CA  CB   sing N N 347 
TRP CA  HA   sing N N 348 
TRP C   O    doub N N 349 
TRP C   OXT  sing N N 350 
TRP CB  CG   sing N N 351 
TRP CB  HB2  sing N N 352 
TRP CB  HB3  sing N N 353 
TRP CG  CD1  doub Y N 354 
TRP CG  CD2  sing Y N 355 
TRP CD1 NE1  sing Y N 356 
TRP CD1 HD1  sing N N 357 
TRP CD2 CE2  doub Y N 358 
TRP CD2 CE3  sing Y N 359 
TRP NE1 CE2  sing Y N 360 
TRP NE1 HE1  sing N N 361 
TRP CE2 CZ2  sing Y N 362 
TRP CE3 CZ3  doub Y N 363 
TRP CE3 HE3  sing N N 364 
TRP CZ2 CH2  doub Y N 365 
TRP CZ2 HZ2  sing N N 366 
TRP CZ3 CH2  sing Y N 367 
TRP CZ3 HZ3  sing N N 368 
TRP CH2 HH2  sing N N 369 
TRP OXT HXT  sing N N 370 
TYR N   CA   sing N N 371 
TYR N   H    sing N N 372 
TYR N   H2   sing N N 373 
TYR CA  C    sing N N 374 
TYR CA  CB   sing N N 375 
TYR CA  HA   sing N N 376 
TYR C   O    doub N N 377 
TYR C   OXT  sing N N 378 
TYR CB  CG   sing N N 379 
TYR CB  HB2  sing N N 380 
TYR CB  HB3  sing N N 381 
TYR CG  CD1  doub Y N 382 
TYR CG  CD2  sing Y N 383 
TYR CD1 CE1  sing Y N 384 
TYR CD1 HD1  sing N N 385 
TYR CD2 CE2  doub Y N 386 
TYR CD2 HD2  sing N N 387 
TYR CE1 CZ   doub Y N 388 
TYR CE1 HE1  sing N N 389 
TYR CE2 CZ   sing Y N 390 
TYR CE2 HE2  sing N N 391 
TYR CZ  OH   sing N N 392 
TYR OH  HH   sing N N 393 
TYR OXT HXT  sing N N 394 
VAL N   CA   sing N N 395 
VAL N   H    sing N N 396 
VAL N   H2   sing N N 397 
VAL CA  C    sing N N 398 
VAL CA  CB   sing N N 399 
VAL CA  HA   sing N N 400 
VAL C   O    doub N N 401 
VAL C   OXT  sing N N 402 
VAL CB  CG1  sing N N 403 
VAL CB  CG2  sing N N 404 
VAL CB  HB   sing N N 405 
VAL CG1 HG11 sing N N 406 
VAL CG1 HG12 sing N N 407 
VAL CG1 HG13 sing N N 408 
VAL CG2 HG21 sing N N 409 
VAL CG2 HG22 sing N N 410 
VAL CG2 HG23 sing N N 411 
VAL OXT HXT  sing N N 412 
# 
loop_
_pdbx_entity_nonpoly.entity_id 
_pdbx_entity_nonpoly.name 
_pdbx_entity_nonpoly.comp_id 
2 'PENTAETHYLENE GLYCOL' 1PE 
3 water                  HOH 
# 
_pdbx_initial_refinement_model.id               1 
_pdbx_initial_refinement_model.entity_id_list   ? 
_pdbx_initial_refinement_model.type             'experimental model' 
_pdbx_initial_refinement_model.source_name      PDB 
_pdbx_initial_refinement_model.accession_code   1PIN 
_pdbx_initial_refinement_model.details          ? 
# 
